data_9QLM
#
_entry.id   9QLM
#
loop_
_entity.id
_entity.type
_entity.pdbx_description
1 polymer 'Transcription initiation factor TFIID subunit 3'
2 polymer 'Histone H3.1'
3 non-polymer 'ZINC ION'
4 non-polymer SEROTONIN
#
loop_
_entity_poly.entity_id
_entity_poly.type
_entity_poly.pdbx_seq_one_letter_code
_entity_poly.pdbx_strand_id
1 'polypeptide(L)' GSHMAMAYVIRDEWGNQIWICPGCNKPDDGSPMIGCDDCDDWYHWPCVGIMAAPPEEMQWFCPKCANKIKKDKKH A
2 'polypeptide(L)' ART(M3L)ETARKSTG B
#
# COMPACT_ATOMS: atom_id res chain seq x y z
N GLY A 1 22.26 4.85 -5.07
CA GLY A 1 21.42 5.96 -5.49
C GLY A 1 20.48 6.40 -4.39
N SER A 2 19.85 7.55 -4.58
CA SER A 2 18.91 8.10 -3.62
C SER A 2 17.57 7.37 -3.67
N HIS A 3 17.53 6.28 -4.43
CA HIS A 3 16.33 5.48 -4.57
C HIS A 3 16.68 4.01 -4.51
N MET A 4 16.08 3.31 -3.55
CA MET A 4 16.30 1.87 -3.40
C MET A 4 15.75 1.13 -4.61
N ALA A 5 14.69 1.71 -5.16
CA ALA A 5 14.03 1.19 -6.34
C ALA A 5 13.51 2.36 -7.15
N MET A 6 13.37 2.18 -8.46
CA MET A 6 12.85 3.26 -9.30
C MET A 6 11.35 3.41 -9.07
N ALA A 7 10.73 2.29 -8.73
CA ALA A 7 9.30 2.24 -8.46
C ALA A 7 9.01 0.95 -7.71
N TYR A 8 8.06 0.99 -6.79
CA TYR A 8 7.71 -0.20 -6.02
C TYR A 8 6.70 -1.06 -6.79
N VAL A 9 6.88 -1.12 -8.10
CA VAL A 9 6.02 -1.90 -8.98
C VAL A 9 6.88 -2.60 -10.02
N ILE A 10 7.05 -3.90 -9.86
CA ILE A 10 7.86 -4.67 -10.81
C ILE A 10 6.96 -5.42 -11.78
N ARG A 11 7.56 -6.24 -12.60
CA ARG A 11 6.83 -7.04 -13.56
C ARG A 11 7.23 -8.49 -13.45
N ASP A 12 6.26 -9.37 -13.49
CA ASP A 12 6.50 -10.79 -13.38
C ASP A 12 6.64 -11.42 -14.76
N GLU A 13 6.70 -12.75 -14.81
CA GLU A 13 6.84 -13.45 -16.09
C GLU A 13 5.58 -13.25 -16.93
N TRP A 14 4.47 -12.99 -16.25
CA TRP A 14 3.19 -12.77 -16.90
C TRP A 14 3.09 -11.34 -17.39
N GLY A 15 4.11 -10.54 -17.09
CA GLY A 15 4.13 -9.15 -17.50
C GLY A 15 3.31 -8.27 -16.56
N ASN A 16 2.52 -8.92 -15.71
CA ASN A 16 1.65 -8.23 -14.76
C ASN A 16 2.47 -7.40 -13.79
N GLN A 17 1.91 -6.27 -13.38
CA GLN A 17 2.57 -5.38 -12.43
C GLN A 17 2.45 -5.91 -11.01
N ILE A 18 3.57 -6.35 -10.47
CA ILE A 18 3.60 -6.87 -9.12
C ILE A 18 4.01 -5.76 -8.16
N TRP A 19 3.08 -5.39 -7.30
CA TRP A 19 3.32 -4.32 -6.34
C TRP A 19 4.27 -4.74 -5.23
N ILE A 20 5.10 -3.80 -4.81
CA ILE A 20 6.05 -4.02 -3.75
C ILE A 20 5.76 -3.06 -2.62
N CYS A 21 5.35 -3.58 -1.47
CA CYS A 21 5.04 -2.74 -0.33
C CYS A 21 6.29 -2.00 0.15
N PRO A 22 6.25 -0.65 0.14
CA PRO A 22 7.37 0.18 0.60
C PRO A 22 7.57 0.11 2.12
N GLY A 23 6.91 -0.86 2.76
CA GLY A 23 7.06 -1.03 4.19
C GLY A 23 7.99 -2.17 4.55
N CYS A 24 7.56 -3.39 4.26
CA CYS A 24 8.34 -4.58 4.54
C CYS A 24 9.21 -4.96 3.35
N ASN A 25 8.99 -4.29 2.22
CA ASN A 25 9.73 -4.50 0.99
C ASN A 25 9.37 -5.86 0.38
N LYS A 26 8.10 -6.22 0.49
CA LYS A 26 7.61 -7.48 -0.05
C LYS A 26 6.54 -7.23 -1.11
N PRO A 27 6.44 -8.12 -2.10
CA PRO A 27 5.46 -8.00 -3.18
C PRO A 27 4.06 -8.47 -2.79
N ASP A 28 3.08 -8.12 -3.62
CA ASP A 28 1.70 -8.54 -3.37
C ASP A 28 1.51 -9.97 -3.85
N ASP A 29 1.12 -10.83 -2.92
CA ASP A 29 0.90 -12.24 -3.20
C ASP A 29 -0.59 -12.53 -3.34
N GLY A 30 -1.35 -11.49 -3.62
CA GLY A 30 -2.78 -11.64 -3.77
C GLY A 30 -3.49 -11.40 -2.46
N SER A 31 -3.03 -10.39 -1.75
CA SER A 31 -3.59 -10.03 -0.46
C SER A 31 -4.24 -8.65 -0.55
N PRO A 32 -4.96 -8.24 0.51
CA PRO A 32 -5.59 -6.93 0.52
C PRO A 32 -4.58 -5.83 0.76
N MET A 33 -4.42 -4.98 -0.24
CA MET A 33 -3.49 -3.88 -0.16
C MET A 33 -4.25 -2.58 0.03
N ILE A 34 -3.64 -1.65 0.75
CA ILE A 34 -4.26 -0.37 0.99
C ILE A 34 -3.47 0.74 0.32
N GLY A 35 -4.16 1.55 -0.44
CA GLY A 35 -3.53 2.65 -1.13
C GLY A 35 -3.62 3.93 -0.36
N CYS A 36 -2.46 4.52 -0.07
CA CYS A 36 -2.40 5.77 0.66
C CYS A 36 -3.00 6.88 -0.18
N ASP A 37 -3.59 7.89 0.45
CA ASP A 37 -4.18 8.99 -0.29
C ASP A 37 -3.11 10.00 -0.67
N ASP A 38 -1.91 9.81 -0.14
CA ASP A 38 -0.77 10.68 -0.41
C ASP A 38 0.20 9.99 -1.37
N CYS A 39 0.73 8.84 -0.95
CA CYS A 39 1.65 8.07 -1.79
C CYS A 39 0.93 7.44 -2.97
N ASP A 40 -0.33 7.08 -2.75
CA ASP A 40 -1.20 6.44 -3.75
C ASP A 40 -0.81 4.97 -3.98
N ASP A 41 0.41 4.62 -3.61
CA ASP A 41 0.92 3.25 -3.79
C ASP A 41 0.16 2.28 -2.89
N TRP A 42 0.36 0.99 -3.13
CA TRP A 42 -0.32 -0.05 -2.38
C TRP A 42 0.57 -0.66 -1.31
N TYR A 43 0.17 -0.48 -0.05
CA TYR A 43 0.90 -1.01 1.09
C TYR A 43 0.13 -2.19 1.67
N HIS A 44 0.83 -3.09 2.37
CA HIS A 44 0.19 -4.24 2.98
C HIS A 44 -0.62 -3.80 4.19
N TRP A 45 -1.71 -4.48 4.45
CA TRP A 45 -2.57 -4.16 5.58
C TRP A 45 -1.89 -4.39 6.94
N PRO A 46 -1.32 -5.60 7.20
CA PRO A 46 -0.68 -5.88 8.48
C PRO A 46 0.47 -4.94 8.82
N CYS A 47 1.25 -4.55 7.81
CA CYS A 47 2.39 -3.66 8.01
C CYS A 47 1.93 -2.25 8.40
N VAL A 48 0.76 -1.82 7.93
CA VAL A 48 0.26 -0.48 8.23
C VAL A 48 -0.71 -0.48 9.42
N GLY A 49 -1.13 -1.65 9.87
CA GLY A 49 -2.04 -1.73 11.00
C GLY A 49 -3.50 -1.82 10.59
N ILE A 50 -3.76 -2.43 9.44
CA ILE A 50 -5.11 -2.58 8.94
C ILE A 50 -5.49 -4.06 8.93
N MET A 51 -6.70 -4.37 9.40
CA MET A 51 -7.15 -5.76 9.46
C MET A 51 -8.39 -6.01 8.61
N ALA A 52 -8.84 -5.00 7.87
CA ALA A 52 -10.02 -5.11 7.01
C ALA A 52 -10.18 -3.85 6.17
N ALA A 53 -11.14 -3.87 5.26
CA ALA A 53 -11.37 -2.73 4.37
C ALA A 53 -12.22 -1.65 5.03
N PRO A 54 -11.62 -0.47 5.27
CA PRO A 54 -12.33 0.66 5.86
C PRO A 54 -13.04 1.48 4.79
N PRO A 55 -13.93 2.39 5.18
CA PRO A 55 -14.66 3.24 4.23
C PRO A 55 -13.71 4.01 3.32
N GLU A 56 -13.78 3.73 2.02
CA GLU A 56 -12.93 4.39 1.03
C GLU A 56 -13.13 5.89 1.04
N GLU A 57 -14.35 6.30 1.38
CA GLU A 57 -14.72 7.71 1.45
C GLU A 57 -13.85 8.46 2.45
N MET A 58 -13.43 7.75 3.50
CA MET A 58 -12.61 8.33 4.53
C MET A 58 -11.15 8.37 4.10
N GLN A 59 -10.50 9.52 4.28
CA GLN A 59 -9.11 9.67 3.91
C GLN A 59 -8.21 8.95 4.92
N TRP A 60 -7.15 8.35 4.42
CA TRP A 60 -6.21 7.62 5.24
C TRP A 60 -4.82 7.80 4.69
N PHE A 61 -3.84 7.86 5.58
CA PHE A 61 -2.46 8.04 5.19
C PHE A 61 -1.59 6.98 5.83
N CYS A 62 -0.55 6.55 5.11
CA CYS A 62 0.37 5.52 5.60
C CYS A 62 1.14 6.06 6.82
N PRO A 63 1.84 5.17 7.56
CA PRO A 63 2.62 5.58 8.74
C PRO A 63 3.70 6.64 8.43
N LYS A 64 3.95 6.91 7.16
CA LYS A 64 4.94 7.92 6.79
C LYS A 64 4.26 9.26 6.59
N CYS A 65 3.22 9.24 5.78
CA CYS A 65 2.47 10.45 5.47
C CYS A 65 1.60 10.89 6.63
N ALA A 66 1.05 9.92 7.37
CA ALA A 66 0.24 10.24 8.54
C ALA A 66 1.13 10.84 9.62
N ASN A 67 2.42 10.54 9.53
CA ASN A 67 3.41 11.02 10.47
C ASN A 67 3.91 12.39 10.04
N LYS A 68 4.06 12.58 8.72
CA LYS A 68 4.53 13.85 8.19
C LYS A 68 3.51 14.97 8.43
N ILE A 69 2.30 14.57 8.80
CA ILE A 69 1.23 15.52 9.10
C ILE A 69 1.23 15.87 10.58
N LYS A 70 1.34 14.84 11.43
CA LYS A 70 1.34 15.04 12.88
C LYS A 70 2.64 15.69 13.33
N LYS A 71 3.75 15.17 12.80
CA LYS A 71 5.10 15.68 13.06
C LYS A 71 5.64 15.27 14.42
N ASP A 72 6.93 14.96 14.41
CA ASP A 72 7.66 14.57 15.61
C ASP A 72 8.54 15.75 16.02
N LYS A 73 9.12 15.73 17.21
CA LYS A 73 9.97 16.83 17.65
C LYS A 73 11.13 17.01 16.67
N LYS A 74 11.81 15.88 16.40
CA LYS A 74 12.96 15.80 15.47
C LYS A 74 13.87 14.63 15.83
N HIS A 75 13.25 13.48 16.05
CA HIS A 75 13.96 12.26 16.39
C HIS A 75 13.66 11.18 15.36
N ALA B 1 -8.84 6.75 1.14
CA ALA B 1 -8.31 5.38 1.34
C ALA B 1 -8.80 4.45 0.25
N ARG B 2 -7.87 3.82 -0.46
CA ARG B 2 -8.24 2.88 -1.51
C ARG B 2 -7.86 1.47 -1.07
N THR B 3 -8.81 0.56 -1.08
CA THR B 3 -8.52 -0.81 -0.66
C THR B 3 -8.95 -1.83 -1.69
N GLU B 5 -8.68 -6.33 -2.39
CA GLU B 5 -8.25 -7.65 -1.95
C GLU B 5 -8.17 -8.58 -3.15
N THR B 6 -6.96 -8.89 -3.55
CA THR B 6 -6.74 -9.76 -4.70
C THR B 6 -6.71 -11.24 -4.32
N ALA B 7 -7.35 -11.57 -3.20
CA ALA B 7 -7.40 -12.95 -2.72
C ALA B 7 -8.47 -13.73 -3.46
N ARG B 8 -8.38 -13.77 -4.79
CA ARG B 8 -9.35 -14.47 -5.62
C ARG B 8 -9.05 -15.97 -5.67
N LYS B 9 -8.09 -16.39 -4.87
CA LYS B 9 -7.71 -17.80 -4.80
C LYS B 9 -8.03 -18.35 -3.42
N SER B 10 -8.83 -17.60 -2.69
CA SER B 10 -9.23 -17.99 -1.34
C SER B 10 -10.75 -18.03 -1.25
N THR B 11 -11.26 -18.86 -0.34
CA THR B 11 -12.70 -18.99 -0.14
C THR B 11 -13.22 -17.91 0.81
N GLY B 12 -12.31 -17.07 1.27
CA GLY B 12 -12.69 -15.99 2.18
C GLY B 12 -11.59 -14.97 2.33
N GLY A 1 21.56 5.03 -5.20
CA GLY A 1 20.72 6.13 -5.62
C GLY A 1 19.75 6.56 -4.53
N SER A 2 19.11 7.70 -4.72
CA SER A 2 18.16 8.23 -3.76
C SER A 2 16.82 7.48 -3.84
N HIS A 3 16.83 6.35 -4.52
CA HIS A 3 15.65 5.53 -4.68
C HIS A 3 16.04 4.06 -4.63
N MET A 4 15.44 3.32 -3.71
CA MET A 4 15.70 1.90 -3.56
C MET A 4 15.19 1.15 -4.78
N ALA A 5 14.16 1.72 -5.39
CA ALA A 5 13.55 1.18 -6.58
C ALA A 5 13.00 2.33 -7.42
N MET A 6 12.86 2.13 -8.72
CA MET A 6 12.32 3.17 -9.57
C MET A 6 10.82 3.28 -9.36
N ALA A 7 10.23 2.14 -9.02
CA ALA A 7 8.81 2.04 -8.74
C ALA A 7 8.56 0.73 -8.02
N TYR A 8 7.65 0.74 -7.03
CA TYR A 8 7.34 -0.47 -6.28
C TYR A 8 6.33 -1.34 -7.03
N VAL A 9 6.49 -1.40 -8.34
CA VAL A 9 5.63 -2.19 -9.20
C VAL A 9 6.48 -2.91 -10.24
N ILE A 10 6.74 -4.18 -10.03
CA ILE A 10 7.55 -4.95 -10.96
C ILE A 10 6.68 -5.73 -11.93
N ARG A 11 7.32 -6.52 -12.78
CA ARG A 11 6.60 -7.33 -13.75
C ARG A 11 7.04 -8.78 -13.64
N ASP A 12 6.07 -9.67 -13.71
CA ASP A 12 6.33 -11.10 -13.61
C ASP A 12 6.51 -11.71 -15.00
N GLU A 13 6.61 -13.04 -15.06
CA GLU A 13 6.77 -13.72 -16.35
C GLU A 13 5.49 -13.60 -17.17
N TRP A 14 4.39 -13.42 -16.46
CA TRP A 14 3.09 -13.24 -17.10
C TRP A 14 2.92 -11.80 -17.54
N GLY A 15 3.92 -10.98 -17.26
CA GLY A 15 3.88 -9.57 -17.62
C GLY A 15 3.04 -8.77 -16.66
N ASN A 16 2.39 -9.47 -15.73
CA ASN A 16 1.52 -8.85 -14.73
C ASN A 16 2.31 -7.93 -13.81
N GLN A 17 1.65 -6.87 -13.36
CA GLN A 17 2.25 -5.91 -12.47
C GLN A 17 2.18 -6.39 -11.03
N ILE A 18 3.32 -6.80 -10.49
CA ILE A 18 3.39 -7.26 -9.13
C ILE A 18 3.77 -6.11 -8.22
N TRP A 19 2.87 -5.75 -7.31
CA TRP A 19 3.10 -4.65 -6.40
C TRP A 19 4.04 -5.04 -5.27
N ILE A 20 4.85 -4.07 -4.84
CA ILE A 20 5.80 -4.28 -3.77
C ILE A 20 5.52 -3.28 -2.67
N CYS A 21 5.35 -3.76 -1.45
CA CYS A 21 5.07 -2.88 -0.32
C CYS A 21 6.31 -2.08 0.07
N PRO A 22 6.20 -0.74 0.14
CA PRO A 22 7.31 0.12 0.54
C PRO A 22 7.59 0.01 2.04
N GLY A 23 6.90 -0.90 2.70
CA GLY A 23 7.10 -1.10 4.13
C GLY A 23 8.04 -2.25 4.43
N CYS A 24 7.57 -3.47 4.23
CA CYS A 24 8.38 -4.66 4.49
C CYS A 24 9.18 -5.08 3.27
N ASN A 25 8.92 -4.43 2.14
CA ASN A 25 9.63 -4.69 0.89
C ASN A 25 9.29 -6.07 0.32
N LYS A 26 8.02 -6.46 0.44
CA LYS A 26 7.59 -7.76 -0.06
C LYS A 26 6.58 -7.60 -1.20
N PRO A 27 6.53 -8.58 -2.12
CA PRO A 27 5.61 -8.56 -3.26
C PRO A 27 4.20 -9.03 -2.90
N ASP A 28 3.28 -8.88 -3.83
CA ASP A 28 1.89 -9.27 -3.60
C ASP A 28 1.37 -10.24 -4.68
N ASP A 29 0.42 -11.11 -4.27
CA ASP A 29 -0.19 -12.10 -5.18
C ASP A 29 -1.71 -12.11 -4.97
N GLY A 30 -2.21 -11.20 -4.16
CA GLY A 30 -3.63 -11.15 -3.89
C GLY A 30 -3.95 -10.79 -2.46
N SER A 31 -2.99 -10.19 -1.78
CA SER A 31 -3.20 -9.77 -0.41
C SER A 31 -3.84 -8.41 -0.44
N PRO A 32 -4.65 -8.07 0.55
CA PRO A 32 -5.31 -6.79 0.59
C PRO A 32 -4.32 -5.65 0.78
N MET A 33 -4.16 -4.86 -0.26
CA MET A 33 -3.27 -3.72 -0.25
C MET A 33 -4.08 -2.46 -0.04
N ILE A 34 -3.50 -1.50 0.66
CA ILE A 34 -4.17 -0.25 0.92
C ILE A 34 -3.42 0.90 0.27
N GLY A 35 -4.13 1.69 -0.52
CA GLY A 35 -3.53 2.81 -1.18
C GLY A 35 -3.56 4.06 -0.32
N CYS A 36 -2.38 4.63 -0.09
CA CYS A 36 -2.25 5.83 0.72
C CYS A 36 -2.85 7.00 -0.04
N ASP A 37 -3.51 7.91 0.67
CA ASP A 37 -4.14 9.07 0.04
C ASP A 37 -3.12 10.20 -0.15
N ASP A 38 -1.85 9.90 0.11
CA ASP A 38 -0.78 10.86 -0.03
C ASP A 38 0.37 10.24 -0.81
N CYS A 39 0.87 9.09 -0.32
CA CYS A 39 1.96 8.39 -0.98
C CYS A 39 1.52 7.86 -2.33
N ASP A 40 0.25 7.48 -2.41
CA ASP A 40 -0.37 6.96 -3.63
C ASP A 40 0.03 5.50 -3.89
N ASP A 41 1.10 5.07 -3.25
CA ASP A 41 1.56 3.69 -3.43
C ASP A 41 0.69 2.74 -2.61
N TRP A 42 0.86 1.44 -2.84
CA TRP A 42 0.07 0.44 -2.15
C TRP A 42 0.89 -0.27 -1.08
N TYR A 43 0.42 -0.20 0.16
CA TYR A 43 1.09 -0.82 1.29
C TYR A 43 0.28 -2.00 1.79
N HIS A 44 0.94 -2.94 2.48
CA HIS A 44 0.24 -4.09 3.04
C HIS A 44 -0.55 -3.69 4.28
N TRP A 45 -1.68 -4.34 4.50
CA TRP A 45 -2.54 -4.05 5.63
C TRP A 45 -1.87 -4.31 6.99
N PRO A 46 -1.33 -5.52 7.25
CA PRO A 46 -0.71 -5.83 8.54
C PRO A 46 0.46 -4.93 8.91
N CYS A 47 1.26 -4.54 7.92
CA CYS A 47 2.41 -3.67 8.17
C CYS A 47 1.99 -2.27 8.60
N VAL A 48 0.91 -1.76 8.03
CA VAL A 48 0.45 -0.40 8.36
C VAL A 48 -0.52 -0.40 9.55
N GLY A 49 -1.11 -1.55 9.86
CA GLY A 49 -2.04 -1.62 10.97
C GLY A 49 -3.49 -1.72 10.56
N ILE A 50 -3.74 -2.46 9.48
CA ILE A 50 -5.10 -2.64 8.97
C ILE A 50 -5.47 -4.11 9.02
N MET A 51 -6.70 -4.42 9.41
CA MET A 51 -7.15 -5.81 9.52
C MET A 51 -8.30 -6.13 8.56
N ALA A 52 -8.79 -5.13 7.83
CA ALA A 52 -9.89 -5.31 6.90
C ALA A 52 -10.11 -4.03 6.09
N ALA A 53 -11.03 -4.08 5.15
CA ALA A 53 -11.32 -2.93 4.28
C ALA A 53 -12.05 -1.82 5.02
N PRO A 54 -11.38 -0.66 5.16
CA PRO A 54 -11.97 0.51 5.81
C PRO A 54 -12.71 1.38 4.79
N PRO A 55 -13.52 2.34 5.25
CA PRO A 55 -14.26 3.24 4.36
C PRO A 55 -13.32 3.98 3.41
N GLU A 56 -13.36 3.61 2.13
CA GLU A 56 -12.51 4.22 1.12
C GLU A 56 -12.76 5.72 1.01
N GLU A 57 -14.00 6.12 1.29
CA GLU A 57 -14.41 7.51 1.26
C GLU A 57 -13.56 8.35 2.23
N MET A 58 -13.18 7.71 3.32
CA MET A 58 -12.38 8.36 4.35
C MET A 58 -10.91 8.35 3.94
N GLN A 59 -10.29 9.52 3.98
CA GLN A 59 -8.89 9.63 3.63
C GLN A 59 -8.03 9.01 4.71
N TRP A 60 -7.11 8.15 4.31
CA TRP A 60 -6.22 7.48 5.24
C TRP A 60 -4.79 7.73 4.83
N PHE A 61 -3.93 7.86 5.80
CA PHE A 61 -2.53 8.12 5.53
C PHE A 61 -1.67 7.10 6.27
N CYS A 62 -0.60 6.67 5.62
CA CYS A 62 0.31 5.70 6.23
C CYS A 62 1.05 6.37 7.40
N PRO A 63 1.73 5.59 8.25
CA PRO A 63 2.46 6.13 9.42
C PRO A 63 3.50 7.20 9.09
N LYS A 64 3.76 7.42 7.80
CA LYS A 64 4.72 8.44 7.41
C LYS A 64 4.00 9.75 7.13
N CYS A 65 3.02 9.69 6.25
CA CYS A 65 2.26 10.88 5.88
C CYS A 65 1.30 11.29 6.97
N ALA A 66 0.75 10.31 7.68
CA ALA A 66 -0.15 10.60 8.77
C ALA A 66 0.60 11.32 9.88
N ASN A 67 1.92 11.14 9.87
CA ASN A 67 2.80 11.76 10.85
C ASN A 67 3.25 13.13 10.34
N LYS A 68 3.48 13.22 9.03
CA LYS A 68 3.92 14.48 8.43
C LYS A 68 2.84 15.55 8.55
N ILE A 69 1.62 15.11 8.84
CA ILE A 69 0.50 16.01 9.01
C ILE A 69 0.39 16.47 10.47
N LYS A 70 0.45 15.51 11.39
CA LYS A 70 0.35 15.81 12.82
C LYS A 70 1.57 16.58 13.31
N LYS A 71 2.75 16.09 12.90
CA LYS A 71 4.04 16.71 13.24
C LYS A 71 4.49 16.42 14.66
N ASP A 72 5.79 16.21 14.78
CA ASP A 72 6.45 15.95 16.04
C ASP A 72 7.23 17.20 16.43
N LYS A 73 7.76 17.27 17.65
CA LYS A 73 8.52 18.44 18.07
C LYS A 73 9.73 18.62 17.17
N LYS A 74 10.46 17.51 16.96
CA LYS A 74 11.67 17.43 16.10
C LYS A 74 12.61 16.32 16.60
N HIS A 75 12.04 15.18 16.92
CA HIS A 75 12.80 14.03 17.39
C HIS A 75 12.68 12.87 16.42
N ALA B 1 -8.63 6.34 0.95
CA ALA B 1 -8.01 5.00 1.20
C ALA B 1 -8.66 3.94 0.33
N ARG B 2 -8.12 3.71 -0.85
CA ARG B 2 -8.68 2.70 -1.72
C ARG B 2 -8.00 1.37 -1.45
N THR B 3 -8.80 0.33 -1.27
CA THR B 3 -8.27 -0.98 -0.96
C THR B 3 -8.62 -2.00 -2.05
N GLU B 5 -8.09 -6.61 -2.70
CA GLU B 5 -7.56 -7.87 -2.18
C GLU B 5 -7.33 -8.85 -3.31
N THR B 6 -8.36 -9.60 -3.69
CA THR B 6 -8.25 -10.60 -4.74
C THR B 6 -7.29 -11.71 -4.31
N ALA B 7 -7.56 -12.29 -3.15
CA ALA B 7 -6.73 -13.34 -2.57
C ALA B 7 -6.48 -14.48 -3.55
N ARG B 8 -5.31 -14.45 -4.17
CA ARG B 8 -4.89 -15.45 -5.14
C ARG B 8 -5.78 -15.44 -6.36
N LYS B 9 -6.00 -14.25 -6.90
CA LYS B 9 -6.82 -14.05 -8.11
C LYS B 9 -8.28 -14.42 -7.87
N SER B 10 -8.67 -14.47 -6.60
CA SER B 10 -10.05 -14.79 -6.23
C SER B 10 -10.33 -14.33 -4.79
N THR B 11 -10.48 -15.28 -3.89
CA THR B 11 -10.75 -14.97 -2.49
C THR B 11 -10.21 -16.09 -1.60
N GLY B 12 -9.23 -16.81 -2.12
CA GLY B 12 -8.63 -17.91 -1.38
C GLY B 12 -7.54 -18.62 -2.16
N GLY A 1 25.33 4.67 -8.43
CA GLY A 1 24.80 3.99 -7.26
C GLY A 1 23.44 3.38 -7.53
N SER A 2 23.28 2.12 -7.18
CA SER A 2 22.03 1.40 -7.38
C SER A 2 20.98 1.79 -6.35
N HIS A 3 20.91 3.09 -6.05
CA HIS A 3 19.96 3.60 -5.09
C HIS A 3 18.66 3.98 -5.80
N MET A 4 18.75 4.08 -7.13
CA MET A 4 17.61 4.44 -7.94
C MET A 4 17.15 3.24 -8.76
N ALA A 5 16.15 2.55 -8.25
CA ALA A 5 15.59 1.39 -8.92
C ALA A 5 14.13 1.63 -9.27
N MET A 6 13.37 0.57 -9.44
CA MET A 6 11.95 0.70 -9.75
C MET A 6 11.21 1.17 -8.52
N ALA A 7 10.16 1.97 -8.71
CA ALA A 7 9.38 2.52 -7.61
C ALA A 7 8.45 1.48 -6.99
N TYR A 8 9.03 0.38 -6.53
CA TYR A 8 8.29 -0.72 -5.90
C TYR A 8 7.43 -1.46 -6.91
N VAL A 9 6.47 -0.75 -7.50
CA VAL A 9 5.59 -1.34 -8.49
C VAL A 9 6.40 -1.80 -9.70
N ILE A 10 6.40 -3.10 -9.92
CA ILE A 10 7.13 -3.69 -11.02
C ILE A 10 6.20 -4.57 -11.85
N ARG A 11 6.76 -5.32 -12.78
CA ARG A 11 5.96 -6.20 -13.61
C ARG A 11 6.56 -7.58 -13.64
N ASP A 12 5.73 -8.57 -13.91
CA ASP A 12 6.18 -9.96 -13.97
C ASP A 12 6.42 -10.38 -15.42
N GLU A 13 6.37 -11.67 -15.67
CA GLU A 13 6.59 -12.21 -17.00
C GLU A 13 5.28 -12.30 -17.79
N TRP A 14 4.16 -12.00 -17.13
CA TRP A 14 2.87 -12.08 -17.78
C TRP A 14 2.38 -10.69 -18.18
N GLY A 15 2.79 -9.69 -17.40
CA GLY A 15 2.39 -8.33 -17.68
C GLY A 15 1.58 -7.72 -16.56
N ASN A 16 1.69 -8.30 -15.38
CA ASN A 16 0.95 -7.80 -14.22
C ASN A 16 1.82 -6.88 -13.40
N GLN A 17 1.19 -5.94 -12.71
CA GLN A 17 1.90 -5.01 -11.86
C GLN A 17 2.05 -5.60 -10.47
N ILE A 18 3.26 -6.01 -10.14
CA ILE A 18 3.54 -6.59 -8.84
C ILE A 18 3.77 -5.46 -7.84
N TRP A 19 2.94 -5.43 -6.80
CA TRP A 19 3.03 -4.38 -5.80
C TRP A 19 3.95 -4.77 -4.65
N ILE A 20 5.14 -4.18 -4.65
CA ILE A 20 6.10 -4.41 -3.59
C ILE A 20 5.83 -3.41 -2.48
N CYS A 21 5.38 -3.89 -1.34
CA CYS A 21 5.05 -3.03 -0.21
C CYS A 21 6.27 -2.24 0.26
N PRO A 22 6.15 -0.91 0.30
CA PRO A 22 7.22 -0.03 0.78
C PRO A 22 7.37 -0.07 2.30
N GLY A 23 6.78 -1.08 2.93
CA GLY A 23 6.88 -1.22 4.37
C GLY A 23 7.74 -2.41 4.78
N CYS A 24 7.40 -3.59 4.29
CA CYS A 24 8.15 -4.79 4.63
C CYS A 24 8.91 -5.33 3.43
N ASN A 25 8.79 -4.63 2.30
CA ASN A 25 9.46 -5.01 1.06
C ASN A 25 9.05 -6.40 0.60
N LYS A 26 7.77 -6.57 0.30
CA LYS A 26 7.27 -7.86 -0.16
C LYS A 26 6.20 -7.68 -1.23
N PRO A 27 6.11 -8.63 -2.17
CA PRO A 27 5.13 -8.59 -3.25
C PRO A 27 3.73 -9.00 -2.77
N ASP A 28 2.72 -8.68 -3.58
CA ASP A 28 1.35 -9.02 -3.26
C ASP A 28 0.92 -10.27 -4.02
N ASP A 29 -0.04 -11.00 -3.46
CA ASP A 29 -0.55 -12.23 -4.09
C ASP A 29 -1.72 -12.83 -3.29
N GLY A 30 -1.74 -12.57 -1.98
CA GLY A 30 -2.82 -13.11 -1.16
C GLY A 30 -3.33 -12.14 -0.10
N SER A 31 -2.45 -11.37 0.49
CA SER A 31 -2.83 -10.43 1.52
C SER A 31 -3.29 -9.12 0.90
N PRO A 32 -4.45 -8.62 1.32
CA PRO A 32 -5.02 -7.39 0.81
C PRO A 32 -4.08 -6.19 0.99
N MET A 33 -4.26 -5.19 0.13
CA MET A 33 -3.44 -3.99 0.18
C MET A 33 -4.31 -2.75 0.25
N ILE A 34 -3.74 -1.69 0.79
CA ILE A 34 -4.42 -0.42 0.91
C ILE A 34 -3.59 0.66 0.23
N GLY A 35 -4.25 1.51 -0.55
CA GLY A 35 -3.53 2.55 -1.26
C GLY A 35 -3.45 3.83 -0.45
N CYS A 36 -2.25 4.40 -0.35
CA CYS A 36 -2.07 5.63 0.38
C CYS A 36 -2.52 6.78 -0.51
N ASP A 37 -3.21 7.73 0.09
CA ASP A 37 -3.71 8.88 -0.64
C ASP A 37 -2.77 10.07 -0.48
N ASP A 38 -1.46 9.82 -0.36
CA ASP A 38 -0.51 10.91 -0.18
C ASP A 38 0.86 10.61 -0.81
N CYS A 39 1.48 9.48 -0.48
CA CYS A 39 2.82 9.18 -1.02
C CYS A 39 2.82 8.73 -2.48
N ASP A 40 2.82 7.42 -2.72
CA ASP A 40 2.86 6.93 -4.10
C ASP A 40 1.94 5.72 -4.38
N ASP A 41 2.32 4.55 -3.89
CA ASP A 41 1.55 3.33 -4.19
C ASP A 41 0.82 2.75 -2.98
N TRP A 42 0.67 1.42 -2.99
CA TRP A 42 -0.05 0.70 -1.96
C TRP A 42 0.89 0.06 -0.93
N TYR A 43 0.33 -0.25 0.24
CA TYR A 43 1.06 -0.88 1.34
C TYR A 43 0.26 -2.08 1.83
N HIS A 44 0.91 -3.03 2.51
CA HIS A 44 0.18 -4.18 3.04
C HIS A 44 -0.57 -3.76 4.30
N TRP A 45 -1.60 -4.53 4.66
CA TRP A 45 -2.41 -4.21 5.83
C TRP A 45 -1.70 -4.50 7.16
N PRO A 46 -1.22 -5.74 7.41
CA PRO A 46 -0.56 -6.09 8.67
C PRO A 46 0.63 -5.20 9.01
N CYS A 47 1.45 -4.89 8.00
CA CYS A 47 2.63 -4.06 8.18
C CYS A 47 2.28 -2.64 8.66
N VAL A 48 1.12 -2.14 8.26
CA VAL A 48 0.72 -0.79 8.66
C VAL A 48 -0.26 -0.81 9.83
N GLY A 49 -0.55 -2.00 10.36
CA GLY A 49 -1.44 -2.11 11.51
C GLY A 49 -2.91 -2.12 11.14
N ILE A 50 -3.21 -2.47 9.90
CA ILE A 50 -4.59 -2.52 9.43
C ILE A 50 -5.05 -3.98 9.38
N MET A 51 -6.29 -4.23 9.79
CA MET A 51 -6.82 -5.59 9.80
C MET A 51 -8.14 -5.72 9.05
N ALA A 52 -8.43 -4.77 8.16
CA ALA A 52 -9.68 -4.80 7.38
C ALA A 52 -9.68 -3.68 6.34
N ALA A 53 -10.80 -3.55 5.63
CA ALA A 53 -10.93 -2.54 4.58
C ALA A 53 -11.92 -1.45 4.96
N PRO A 54 -11.45 -0.20 5.09
CA PRO A 54 -12.30 0.94 5.41
C PRO A 54 -12.92 1.54 4.14
N PRO A 55 -13.94 2.40 4.29
CA PRO A 55 -14.59 3.04 3.14
C PRO A 55 -13.58 3.80 2.28
N GLU A 56 -13.56 3.50 0.98
CA GLU A 56 -12.62 4.13 0.07
C GLU A 56 -12.91 5.62 -0.11
N GLU A 57 -14.12 6.04 0.26
CA GLU A 57 -14.51 7.44 0.17
C GLU A 57 -13.65 8.29 1.10
N MET A 58 -13.11 7.66 2.13
CA MET A 58 -12.26 8.33 3.09
C MET A 58 -10.80 8.18 2.68
N GLN A 59 -10.01 9.22 2.90
CA GLN A 59 -8.61 9.19 2.55
C GLN A 59 -7.78 8.60 3.71
N TRP A 60 -6.84 7.74 3.36
CA TRP A 60 -5.98 7.10 4.34
C TRP A 60 -4.53 7.38 4.00
N PHE A 61 -3.71 7.56 5.02
CA PHE A 61 -2.30 7.83 4.82
C PHE A 61 -1.47 6.82 5.59
N CYS A 62 -0.37 6.37 4.99
CA CYS A 62 0.52 5.41 5.60
C CYS A 62 1.19 6.04 6.83
N PRO A 63 1.85 5.24 7.69
CA PRO A 63 2.53 5.73 8.90
C PRO A 63 3.50 6.89 8.64
N LYS A 64 3.96 7.03 7.39
CA LYS A 64 4.90 8.11 7.06
C LYS A 64 4.12 9.41 6.85
N CYS A 65 3.17 9.36 5.93
CA CYS A 65 2.37 10.52 5.59
C CYS A 65 1.40 10.87 6.68
N ALA A 66 0.81 9.86 7.32
CA ALA A 66 -0.14 10.10 8.41
C ALA A 66 0.53 10.86 9.54
N ASN A 67 1.82 10.63 9.70
CA ASN A 67 2.59 11.31 10.74
C ASN A 67 2.94 12.72 10.30
N LYS A 68 3.42 12.83 9.05
CA LYS A 68 3.83 14.12 8.48
C LYS A 68 2.68 15.14 8.43
N ILE A 69 1.45 14.66 8.38
CA ILE A 69 0.29 15.56 8.33
C ILE A 69 -0.14 15.98 9.72
N LYS A 70 0.27 15.22 10.73
CA LYS A 70 -0.13 15.53 12.10
C LYS A 70 1.07 15.75 13.02
N LYS A 71 2.13 16.37 12.51
CA LYS A 71 3.30 16.60 13.34
C LYS A 71 3.63 18.08 13.49
N ASP A 72 3.58 18.55 14.72
CA ASP A 72 3.94 19.93 15.02
C ASP A 72 5.38 19.91 15.50
N LYS A 73 5.55 19.41 16.71
CA LYS A 73 6.86 19.24 17.35
C LYS A 73 7.70 20.51 17.44
N LYS A 74 7.28 21.44 18.29
CA LYS A 74 8.03 22.66 18.53
C LYS A 74 7.62 23.27 19.87
N HIS A 75 6.44 23.89 19.93
CA HIS A 75 5.91 24.50 21.16
C HIS A 75 4.70 25.37 20.81
N ALA B 1 -8.75 6.14 -0.07
CA ALA B 1 -8.16 4.85 0.38
C ALA B 1 -8.87 3.67 -0.26
N ARG B 2 -8.52 3.37 -1.51
CA ARG B 2 -9.12 2.24 -2.18
C ARG B 2 -8.48 0.95 -1.70
N THR B 3 -9.28 0.00 -1.29
CA THR B 3 -8.78 -1.27 -0.78
C THR B 3 -9.28 -2.46 -1.60
N GLU B 5 -8.79 -6.94 -1.69
CA GLU B 5 -8.24 -8.14 -1.10
C GLU B 5 -8.09 -9.23 -2.15
N THR B 6 -6.85 -9.46 -2.55
CA THR B 6 -6.54 -10.47 -3.54
C THR B 6 -6.26 -11.80 -2.86
N ALA B 7 -7.18 -12.22 -1.99
CA ALA B 7 -7.03 -13.47 -1.26
C ALA B 7 -7.19 -14.66 -2.21
N ARG B 8 -6.08 -15.30 -2.52
CA ARG B 8 -6.05 -16.46 -3.42
C ARG B 8 -7.07 -17.52 -2.96
N LYS B 9 -7.21 -17.66 -1.64
CA LYS B 9 -8.17 -18.60 -1.08
C LYS B 9 -9.44 -17.85 -0.70
N SER B 10 -10.35 -17.75 -1.67
CA SER B 10 -11.63 -17.07 -1.46
C SER B 10 -12.40 -17.68 -0.30
N THR B 11 -12.45 -16.95 0.81
CA THR B 11 -13.17 -17.40 2.00
C THR B 11 -13.83 -16.21 2.70
N GLY B 12 -14.18 -15.20 1.93
CA GLY B 12 -14.80 -14.02 2.47
C GLY B 12 -15.44 -13.16 1.40
N GLY A 1 25.80 3.75 -8.33
CA GLY A 1 25.25 3.11 -7.15
C GLY A 1 23.87 2.57 -7.40
N SER A 2 23.65 1.29 -7.09
CA SER A 2 22.37 0.64 -7.29
C SER A 2 21.33 1.10 -6.27
N HIS A 3 21.30 2.41 -6.02
CA HIS A 3 20.35 2.99 -5.09
C HIS A 3 19.10 3.43 -5.85
N MET A 4 19.21 3.43 -7.17
CA MET A 4 18.10 3.84 -8.02
C MET A 4 17.58 2.67 -8.83
N ALA A 5 16.58 2.00 -8.31
CA ALA A 5 15.98 0.87 -9.00
C ALA A 5 14.51 1.18 -9.31
N MET A 6 13.70 0.14 -9.48
CA MET A 6 12.29 0.35 -9.77
C MET A 6 11.56 0.88 -8.54
N ALA A 7 10.49 1.64 -8.76
CA ALA A 7 9.72 2.24 -7.68
C ALA A 7 8.77 1.24 -7.05
N TYR A 8 9.31 0.10 -6.60
CA TYR A 8 8.54 -0.98 -5.98
C TYR A 8 7.67 -1.69 -7.01
N VAL A 9 6.73 -0.94 -7.56
CA VAL A 9 5.82 -1.45 -8.58
C VAL A 9 6.61 -1.95 -9.78
N ILE A 10 6.57 -3.26 -9.98
CA ILE A 10 7.29 -3.89 -11.07
C ILE A 10 6.33 -4.72 -11.93
N ARG A 11 6.88 -5.49 -12.85
CA ARG A 11 6.06 -6.34 -13.71
C ARG A 11 6.61 -7.75 -13.72
N ASP A 12 5.73 -8.72 -13.96
CA ASP A 12 6.12 -10.11 -13.99
C ASP A 12 6.38 -10.57 -15.43
N GLU A 13 6.29 -11.87 -15.65
CA GLU A 13 6.51 -12.46 -16.97
C GLU A 13 5.26 -12.41 -17.83
N TRP A 14 4.13 -12.09 -17.23
CA TRP A 14 2.87 -12.05 -17.96
C TRP A 14 2.52 -10.62 -18.35
N GLY A 15 2.91 -9.66 -17.52
CA GLY A 15 2.64 -8.28 -17.81
C GLY A 15 1.83 -7.61 -16.72
N ASN A 16 1.77 -8.24 -15.56
CA ASN A 16 1.01 -7.69 -14.45
C ASN A 16 1.91 -6.84 -13.57
N GLN A 17 1.33 -5.88 -12.88
CA GLN A 17 2.07 -5.02 -11.99
C GLN A 17 2.16 -5.66 -10.61
N ILE A 18 3.36 -6.10 -10.25
CA ILE A 18 3.56 -6.71 -8.95
C ILE A 18 3.78 -5.62 -7.92
N TRP A 19 2.89 -5.57 -6.94
CA TRP A 19 2.97 -4.55 -5.91
C TRP A 19 3.90 -4.95 -4.77
N ILE A 20 5.02 -4.26 -4.68
CA ILE A 20 5.99 -4.50 -3.61
C ILE A 20 5.76 -3.47 -2.51
N CYS A 21 5.31 -3.94 -1.37
CA CYS A 21 5.02 -3.06 -0.24
C CYS A 21 6.27 -2.31 0.24
N PRO A 22 6.20 -0.98 0.32
CA PRO A 22 7.29 -0.15 0.81
C PRO A 22 7.42 -0.22 2.33
N GLY A 23 6.77 -1.19 2.94
CA GLY A 23 6.83 -1.36 4.37
C GLY A 23 7.68 -2.55 4.79
N CYS A 24 7.29 -3.74 4.35
CA CYS A 24 8.01 -4.95 4.69
C CYS A 24 8.73 -5.54 3.49
N ASN A 25 8.68 -4.82 2.37
CA ASN A 25 9.33 -5.23 1.12
C ASN A 25 8.85 -6.60 0.67
N LYS A 26 7.58 -6.70 0.28
CA LYS A 26 7.02 -7.95 -0.19
C LYS A 26 5.96 -7.73 -1.26
N PRO A 27 5.83 -8.67 -2.20
CA PRO A 27 4.83 -8.61 -3.27
C PRO A 27 3.45 -8.98 -2.77
N ASP A 28 2.43 -8.59 -3.50
CA ASP A 28 1.07 -8.91 -3.12
C ASP A 28 0.59 -10.15 -3.85
N ASP A 29 0.13 -11.12 -3.09
CA ASP A 29 -0.38 -12.37 -3.64
C ASP A 29 -1.28 -13.05 -2.62
N GLY A 30 -2.42 -12.43 -2.37
CA GLY A 30 -3.36 -12.99 -1.42
C GLY A 30 -3.65 -12.03 -0.30
N SER A 31 -2.60 -11.41 0.20
CA SER A 31 -2.74 -10.44 1.28
C SER A 31 -3.19 -9.11 0.70
N PRO A 32 -4.34 -8.63 1.17
CA PRO A 32 -4.90 -7.37 0.69
C PRO A 32 -3.99 -6.17 0.91
N MET A 33 -4.16 -5.17 0.07
CA MET A 33 -3.35 -3.96 0.14
C MET A 33 -4.24 -2.74 0.23
N ILE A 34 -3.67 -1.66 0.77
CA ILE A 34 -4.38 -0.40 0.89
C ILE A 34 -3.56 0.69 0.22
N GLY A 35 -4.21 1.51 -0.58
CA GLY A 35 -3.52 2.57 -1.28
C GLY A 35 -3.48 3.85 -0.48
N CYS A 36 -2.28 4.42 -0.33
CA CYS A 36 -2.12 5.67 0.38
C CYS A 36 -2.58 6.80 -0.52
N ASP A 37 -3.24 7.78 0.06
CA ASP A 37 -3.73 8.92 -0.69
C ASP A 37 -2.78 10.10 -0.54
N ASP A 38 -1.47 9.83 -0.47
CA ASP A 38 -0.51 10.91 -0.30
C ASP A 38 0.89 10.61 -0.87
N CYS A 39 1.50 9.48 -0.50
CA CYS A 39 2.85 9.17 -0.96
C CYS A 39 2.93 8.75 -2.43
N ASP A 40 2.92 7.45 -2.70
CA ASP A 40 3.03 6.98 -4.08
C ASP A 40 2.14 5.79 -4.42
N ASP A 41 2.51 4.59 -3.99
CA ASP A 41 1.76 3.38 -4.30
C ASP A 41 0.98 2.83 -3.11
N TRP A 42 0.83 1.50 -3.07
CA TRP A 42 0.08 0.83 -2.03
C TRP A 42 0.98 0.19 -0.98
N TYR A 43 0.38 -0.18 0.15
CA TYR A 43 1.08 -0.83 1.25
C TYR A 43 0.25 -2.02 1.72
N HIS A 44 0.87 -2.97 2.40
CA HIS A 44 0.11 -4.12 2.91
C HIS A 44 -0.72 -3.69 4.12
N TRP A 45 -1.61 -4.54 4.57
CA TRP A 45 -2.48 -4.21 5.71
C TRP A 45 -1.80 -4.42 7.07
N PRO A 46 -1.37 -5.66 7.42
CA PRO A 46 -0.75 -5.94 8.72
C PRO A 46 0.47 -5.07 9.02
N CYS A 47 1.30 -4.84 8.02
CA CYS A 47 2.51 -4.04 8.18
C CYS A 47 2.21 -2.60 8.61
N VAL A 48 1.07 -2.06 8.19
CA VAL A 48 0.72 -0.69 8.54
C VAL A 48 -0.29 -0.63 9.70
N GLY A 49 -0.70 -1.80 10.20
CA GLY A 49 -1.62 -1.83 11.32
C GLY A 49 -3.09 -1.91 10.91
N ILE A 50 -3.34 -2.34 9.68
CA ILE A 50 -4.71 -2.47 9.19
C ILE A 50 -5.13 -3.94 9.23
N MET A 51 -6.37 -4.20 9.61
CA MET A 51 -6.86 -5.58 9.69
C MET A 51 -8.13 -5.81 8.87
N ALA A 52 -8.49 -4.86 8.02
CA ALA A 52 -9.69 -4.99 7.18
C ALA A 52 -9.79 -3.84 6.20
N ALA A 53 -10.86 -3.81 5.42
CA ALA A 53 -11.06 -2.77 4.42
C ALA A 53 -11.95 -1.65 4.94
N PRO A 54 -11.40 -0.45 5.12
CA PRO A 54 -12.14 0.70 5.58
C PRO A 54 -12.85 1.41 4.42
N PRO A 55 -13.86 2.26 4.72
CA PRO A 55 -14.60 3.00 3.69
C PRO A 55 -13.65 3.80 2.80
N GLU A 56 -13.70 3.53 1.50
CA GLU A 56 -12.82 4.21 0.54
C GLU A 56 -13.17 5.69 0.41
N GLU A 57 -14.37 6.06 0.88
CA GLU A 57 -14.81 7.44 0.85
C GLU A 57 -13.89 8.32 1.70
N MET A 58 -13.27 7.69 2.69
CA MET A 58 -12.37 8.40 3.59
C MET A 58 -10.93 8.20 3.11
N GLN A 59 -10.13 9.26 3.20
CA GLN A 59 -8.74 9.18 2.77
C GLN A 59 -7.89 8.57 3.88
N TRP A 60 -6.93 7.75 3.49
CA TRP A 60 -6.05 7.10 4.44
C TRP A 60 -4.61 7.39 4.09
N PHE A 61 -3.77 7.55 5.10
CA PHE A 61 -2.36 7.84 4.90
C PHE A 61 -1.52 6.83 5.66
N CYS A 62 -0.41 6.42 5.06
CA CYS A 62 0.51 5.49 5.67
C CYS A 62 1.19 6.13 6.87
N PRO A 63 1.86 5.35 7.74
CA PRO A 63 2.54 5.87 8.93
C PRO A 63 3.48 7.05 8.66
N LYS A 64 3.95 7.19 7.42
CA LYS A 64 4.85 8.27 7.07
C LYS A 64 4.07 9.56 6.85
N CYS A 65 3.13 9.49 5.92
CA CYS A 65 2.31 10.63 5.58
C CYS A 65 1.33 10.97 6.69
N ALA A 66 0.80 9.95 7.36
CA ALA A 66 -0.14 10.16 8.45
C ALA A 66 0.52 10.98 9.56
N ASN A 67 1.82 10.80 9.71
CA ASN A 67 2.57 11.54 10.71
C ASN A 67 2.89 12.93 10.21
N LYS A 68 3.35 13.02 8.96
CA LYS A 68 3.74 14.28 8.34
C LYS A 68 2.58 15.28 8.27
N ILE A 69 1.35 14.80 8.27
CA ILE A 69 0.18 15.68 8.19
C ILE A 69 -0.27 16.11 9.59
N LYS A 70 0.20 15.41 10.61
CA LYS A 70 -0.19 15.74 11.98
C LYS A 70 1.03 15.95 12.86
N LYS A 71 2.03 16.68 12.36
CA LYS A 71 3.22 16.92 13.15
C LYS A 71 3.55 18.41 13.27
N ASP A 72 3.50 18.91 14.49
CA ASP A 72 3.87 20.29 14.76
C ASP A 72 5.31 20.29 15.22
N LYS A 73 5.50 19.86 16.46
CA LYS A 73 6.82 19.71 17.08
C LYS A 73 7.64 21.00 17.13
N LYS A 74 7.19 21.96 17.93
CA LYS A 74 7.91 23.21 18.12
C LYS A 74 7.51 23.82 19.45
N HIS A 75 6.34 24.47 19.50
CA HIS A 75 5.80 25.08 20.70
C HIS A 75 4.57 25.91 20.34
N ALA B 1 -8.79 6.23 0.27
CA ALA B 1 -8.25 4.92 0.69
C ALA B 1 -8.82 3.80 -0.14
N ARG B 2 -8.12 3.41 -1.19
CA ARG B 2 -8.60 2.32 -2.04
C ARG B 2 -8.04 1.00 -1.51
N THR B 3 -8.92 0.05 -1.27
CA THR B 3 -8.50 -1.25 -0.75
C THR B 3 -8.93 -2.40 -1.66
N GLU B 5 -8.41 -6.99 -1.96
CA GLU B 5 -7.87 -8.24 -1.41
C GLU B 5 -7.66 -9.24 -2.54
N THR B 6 -6.40 -9.66 -2.73
CA THR B 6 -6.05 -10.60 -3.79
C THR B 6 -6.21 -12.05 -3.33
N ALA B 7 -6.98 -12.26 -2.28
CA ALA B 7 -7.21 -13.59 -1.75
C ALA B 7 -8.20 -14.35 -2.61
N ARG B 8 -7.71 -15.36 -3.30
CA ARG B 8 -8.55 -16.18 -4.18
C ARG B 8 -9.34 -17.22 -3.38
N LYS B 9 -9.51 -16.96 -2.10
CA LYS B 9 -10.25 -17.84 -1.20
C LYS B 9 -10.67 -17.07 0.04
N SER B 10 -11.35 -15.95 -0.20
CA SER B 10 -11.83 -15.08 0.87
C SER B 10 -12.87 -15.77 1.76
N THR B 11 -13.33 -15.05 2.77
CA THR B 11 -14.32 -15.57 3.70
C THR B 11 -15.65 -15.80 3.01
N GLY B 12 -16.06 -17.06 2.93
CA GLY B 12 -17.32 -17.40 2.29
C GLY B 12 -17.16 -18.55 1.31
N GLY A 1 12.70 12.69 -17.98
CA GLY A 1 12.81 11.27 -17.74
C GLY A 1 11.45 10.58 -17.79
N SER A 2 10.68 10.84 -18.83
CA SER A 2 9.35 10.27 -18.99
C SER A 2 9.42 8.78 -19.31
N HIS A 3 9.09 7.95 -18.32
CA HIS A 3 9.08 6.50 -18.47
C HIS A 3 8.55 5.87 -17.19
N MET A 4 8.45 4.55 -17.18
CA MET A 4 7.97 3.82 -16.01
C MET A 4 9.01 3.87 -14.89
N ALA A 5 8.55 4.14 -13.68
CA ALA A 5 9.42 4.20 -12.52
C ALA A 5 9.23 2.95 -11.67
N MET A 6 10.33 2.24 -11.44
CA MET A 6 10.30 1.01 -10.65
C MET A 6 9.69 1.25 -9.26
N ALA A 7 10.36 2.07 -8.45
CA ALA A 7 9.90 2.38 -7.10
C ALA A 7 9.50 1.12 -6.32
N TYR A 8 8.20 0.94 -6.12
CA TYR A 8 7.69 -0.21 -5.41
C TYR A 8 6.68 -0.97 -6.26
N VAL A 9 6.75 -0.75 -7.57
CA VAL A 9 5.84 -1.41 -8.50
C VAL A 9 6.63 -2.21 -9.53
N ILE A 10 6.56 -3.52 -9.44
CA ILE A 10 7.26 -4.38 -10.38
C ILE A 10 6.27 -4.95 -11.39
N ARG A 11 6.76 -5.27 -12.58
CA ARG A 11 5.90 -5.80 -13.62
C ARG A 11 5.88 -7.32 -13.59
N ASP A 12 4.69 -7.88 -13.76
CA ASP A 12 4.49 -9.31 -13.79
C ASP A 12 4.71 -9.83 -15.22
N GLU A 13 4.77 -11.15 -15.40
CA GLU A 13 5.01 -11.73 -16.72
C GLU A 13 3.87 -11.44 -17.69
N TRP A 14 2.65 -11.34 -17.17
CA TRP A 14 1.49 -11.07 -18.00
C TRP A 14 1.27 -9.56 -18.11
N GLY A 15 2.08 -8.80 -17.40
CA GLY A 15 1.96 -7.36 -17.43
C GLY A 15 1.21 -6.79 -16.25
N ASN A 16 0.89 -7.65 -15.28
CA ASN A 16 0.16 -7.22 -14.09
C ASN A 16 1.05 -6.35 -13.21
N GLN A 17 0.42 -5.44 -12.47
CA GLN A 17 1.15 -4.54 -11.59
C GLN A 17 1.27 -5.16 -10.19
N ILE A 18 2.40 -5.80 -9.92
CA ILE A 18 2.64 -6.38 -8.62
C ILE A 18 3.20 -5.31 -7.71
N TRP A 19 2.75 -5.28 -6.47
CA TRP A 19 3.19 -4.24 -5.56
C TRP A 19 4.19 -4.71 -4.52
N ILE A 20 5.01 -3.78 -4.09
CA ILE A 20 6.02 -4.02 -3.07
C ILE A 20 5.74 -3.08 -1.91
N CYS A 21 5.39 -3.62 -0.75
CA CYS A 21 5.08 -2.77 0.40
C CYS A 21 6.34 -2.07 0.91
N PRO A 22 6.30 -0.73 1.00
CA PRO A 22 7.42 0.06 1.52
C PRO A 22 7.62 -0.13 3.04
N GLY A 23 6.96 -1.13 3.59
CA GLY A 23 7.08 -1.41 5.00
C GLY A 23 8.11 -2.49 5.27
N CYS A 24 7.74 -3.74 5.01
CA CYS A 24 8.62 -4.87 5.22
C CYS A 24 9.47 -5.13 3.98
N ASN A 25 9.09 -4.47 2.89
CA ASN A 25 9.78 -4.61 1.60
C ASN A 25 9.48 -5.98 1.00
N LYS A 26 8.19 -6.26 0.87
CA LYS A 26 7.75 -7.53 0.31
C LYS A 26 6.69 -7.30 -0.76
N PRO A 27 6.61 -8.19 -1.75
CA PRO A 27 5.62 -8.07 -2.83
C PRO A 27 4.26 -8.64 -2.44
N ASP A 28 3.25 -8.29 -3.22
CA ASP A 28 1.90 -8.78 -2.99
C ASP A 28 1.81 -10.23 -3.45
N ASP A 29 0.90 -10.98 -2.85
CA ASP A 29 0.72 -12.39 -3.18
C ASP A 29 -0.65 -12.87 -2.73
N GLY A 30 -1.68 -12.31 -3.36
CA GLY A 30 -3.05 -12.69 -3.02
C GLY A 30 -3.44 -12.27 -1.62
N SER A 31 -2.85 -11.18 -1.15
CA SER A 31 -3.16 -10.67 0.16
C SER A 31 -3.73 -9.26 0.03
N PRO A 32 -4.35 -8.73 1.09
CA PRO A 32 -4.94 -7.41 1.05
C PRO A 32 -3.95 -6.29 1.31
N MET A 33 -3.85 -5.39 0.35
CA MET A 33 -2.99 -4.23 0.46
C MET A 33 -3.83 -2.97 0.49
N ILE A 34 -3.30 -1.90 1.07
CA ILE A 34 -4.01 -0.65 1.16
C ILE A 34 -3.17 0.49 0.58
N GLY A 35 -3.79 1.28 -0.28
CA GLY A 35 -3.09 2.39 -0.89
C GLY A 35 -3.34 3.70 -0.16
N CYS A 36 -2.29 4.47 0.04
CA CYS A 36 -2.38 5.75 0.71
C CYS A 36 -3.05 6.76 -0.22
N ASP A 37 -3.66 7.78 0.36
CA ASP A 37 -4.33 8.82 -0.42
C ASP A 37 -3.38 9.96 -0.72
N ASP A 38 -2.15 9.86 -0.21
CA ASP A 38 -1.14 10.89 -0.42
C ASP A 38 -0.07 10.44 -1.40
N CYS A 39 0.68 9.40 -1.05
CA CYS A 39 1.74 8.90 -1.91
C CYS A 39 1.17 7.99 -3.00
N ASP A 40 0.01 7.41 -2.70
CA ASP A 40 -0.70 6.50 -3.60
C ASP A 40 -0.02 5.13 -3.65
N ASP A 41 0.95 4.91 -2.77
CA ASP A 41 1.64 3.63 -2.74
C ASP A 41 0.82 2.64 -1.94
N TRP A 42 1.09 1.36 -2.07
CA TRP A 42 0.31 0.36 -1.37
C TRP A 42 1.13 -0.39 -0.32
N TYR A 43 0.60 -0.42 0.89
CA TYR A 43 1.24 -1.09 2.01
C TYR A 43 0.43 -2.31 2.43
N HIS A 44 1.03 -3.23 3.16
CA HIS A 44 0.32 -4.41 3.64
C HIS A 44 -0.52 -4.02 4.85
N TRP A 45 -1.68 -4.66 5.00
CA TRP A 45 -2.58 -4.37 6.10
C TRP A 45 -1.96 -4.63 7.48
N PRO A 46 -1.40 -5.84 7.75
CA PRO A 46 -0.81 -6.16 9.05
C PRO A 46 0.31 -5.22 9.49
N CYS A 47 1.15 -4.81 8.54
CA CYS A 47 2.26 -3.92 8.83
C CYS A 47 1.79 -2.52 9.24
N VAL A 48 0.67 -2.06 8.68
CA VAL A 48 0.16 -0.72 8.99
C VAL A 48 -0.94 -0.73 10.07
N GLY A 49 -1.45 -1.91 10.38
CA GLY A 49 -2.48 -2.01 11.41
C GLY A 49 -3.90 -2.02 10.85
N ILE A 50 -4.06 -2.56 9.66
CA ILE A 50 -5.37 -2.63 9.02
C ILE A 50 -5.86 -4.08 9.06
N MET A 51 -7.17 -4.27 9.29
CA MET A 51 -7.73 -5.61 9.38
C MET A 51 -8.89 -5.82 8.41
N ALA A 52 -9.13 -4.85 7.53
CA ALA A 52 -10.22 -4.95 6.56
C ALA A 52 -10.15 -3.81 5.56
N ALA A 53 -10.97 -3.89 4.52
CA ALA A 53 -10.98 -2.88 3.46
C ALA A 53 -12.01 -1.78 3.71
N PRO A 54 -11.54 -0.54 3.90
CA PRO A 54 -12.41 0.60 4.10
C PRO A 54 -12.76 1.24 2.76
N PRO A 55 -13.83 2.06 2.70
CA PRO A 55 -14.25 2.73 1.47
C PRO A 55 -13.13 3.59 0.88
N GLU A 56 -13.01 3.58 -0.44
CA GLU A 56 -11.98 4.35 -1.13
C GLU A 56 -12.09 5.84 -0.86
N GLU A 57 -13.30 6.30 -0.56
CA GLU A 57 -13.53 7.72 -0.27
C GLU A 57 -12.86 8.10 1.05
N MET A 58 -12.77 7.14 1.97
CA MET A 58 -12.15 7.38 3.26
C MET A 58 -10.67 7.66 3.10
N GLN A 59 -10.26 8.83 3.55
CA GLN A 59 -8.87 9.23 3.46
C GLN A 59 -8.02 8.56 4.53
N TRP A 60 -7.05 7.78 4.08
CA TRP A 60 -6.14 7.07 4.97
C TRP A 60 -4.71 7.34 4.52
N PHE A 61 -3.79 7.46 5.47
CA PHE A 61 -2.40 7.74 5.16
C PHE A 61 -1.49 6.72 5.81
N CYS A 62 -0.41 6.38 5.12
CA CYS A 62 0.56 5.42 5.63
C CYS A 62 1.32 6.03 6.80
N PRO A 63 2.05 5.21 7.59
CA PRO A 63 2.85 5.70 8.72
C PRO A 63 3.95 6.69 8.31
N LYS A 64 4.15 6.86 7.01
CA LYS A 64 5.18 7.77 6.51
C LYS A 64 4.54 9.13 6.21
N CYS A 65 3.55 9.12 5.33
CA CYS A 65 2.86 10.34 4.94
C CYS A 65 2.04 10.89 6.10
N ALA A 66 1.47 10.00 6.92
CA ALA A 66 0.68 10.44 8.07
C ALA A 66 1.57 11.23 9.03
N ASN A 67 2.84 10.90 9.04
CA ASN A 67 3.81 11.57 9.90
C ASN A 67 4.17 12.92 9.28
N LYS A 68 4.24 12.93 7.94
CA LYS A 68 4.58 14.14 7.22
C LYS A 68 3.41 15.12 7.26
N ILE A 69 2.21 14.58 7.44
CA ILE A 69 0.99 15.37 7.51
C ILE A 69 0.79 15.87 8.93
N LYS A 70 1.31 15.09 9.88
CA LYS A 70 1.21 15.42 11.29
C LYS A 70 1.96 16.72 11.58
N LYS A 71 2.83 17.14 10.66
CA LYS A 71 3.56 18.38 10.83
C LYS A 71 2.63 19.52 10.45
N ASP A 72 2.32 20.35 11.43
CA ASP A 72 1.42 21.49 11.24
C ASP A 72 0.01 20.97 10.94
N LYS A 73 -0.82 21.79 10.27
CA LYS A 73 -2.20 21.38 9.97
C LYS A 73 -2.92 21.08 11.29
N LYS A 74 -2.55 21.85 12.30
CA LYS A 74 -3.07 21.71 13.66
C LYS A 74 -4.60 21.85 13.72
N HIS A 75 -5.22 21.10 14.63
CA HIS A 75 -6.67 21.15 14.81
C HIS A 75 -7.01 21.67 16.20
N ALA B 1 -8.62 5.93 0.27
CA ALA B 1 -7.72 4.76 0.27
C ALA B 1 -8.34 3.57 -0.45
N ARG B 2 -7.71 3.14 -1.54
CA ARG B 2 -8.21 1.99 -2.28
C ARG B 2 -7.54 0.73 -1.76
N THR B 3 -8.28 -0.36 -1.73
CA THR B 3 -7.75 -1.61 -1.22
C THR B 3 -7.83 -2.73 -2.27
N GLU B 5 -6.95 -7.44 -2.55
CA GLU B 5 -6.72 -8.68 -1.82
C GLU B 5 -6.52 -9.85 -2.80
N THR B 6 -7.58 -10.18 -3.53
CA THR B 6 -7.54 -11.26 -4.52
C THR B 6 -7.32 -12.64 -3.86
N ALA B 7 -7.71 -12.76 -2.60
CA ALA B 7 -7.55 -14.00 -1.87
C ALA B 7 -8.66 -14.98 -2.23
N ARG B 8 -8.39 -15.83 -3.19
CA ARG B 8 -9.34 -16.84 -3.66
C ARG B 8 -8.65 -17.77 -4.63
N LYS B 9 -8.23 -17.22 -5.76
CA LYS B 9 -7.53 -18.00 -6.77
C LYS B 9 -6.03 -18.00 -6.46
N SER B 10 -5.59 -16.89 -5.86
CA SER B 10 -4.20 -16.69 -5.46
C SER B 10 -3.25 -16.69 -6.66
N THR B 11 -2.02 -16.27 -6.42
CA THR B 11 -1.01 -16.23 -7.46
C THR B 11 -0.48 -17.64 -7.73
N GLY B 12 0.29 -18.15 -6.79
CA GLY B 12 0.85 -19.49 -6.93
C GLY B 12 0.17 -20.49 -6.02
N GLY A 1 15.48 1.86 -22.04
CA GLY A 1 15.83 2.94 -21.16
C GLY A 1 15.62 2.59 -19.70
N SER A 2 16.28 3.35 -18.82
CA SER A 2 16.19 3.11 -17.38
C SER A 2 14.89 3.68 -16.79
N HIS A 3 13.91 3.93 -17.65
CA HIS A 3 12.62 4.47 -17.22
C HIS A 3 11.63 3.33 -17.00
N MET A 4 12.08 2.32 -16.28
CA MET A 4 11.24 1.17 -15.98
C MET A 4 10.25 1.49 -14.87
N ALA A 5 10.67 1.31 -13.63
CA ALA A 5 9.83 1.59 -12.48
C ALA A 5 10.69 1.73 -11.23
N MET A 6 11.13 2.94 -10.95
CA MET A 6 11.96 3.20 -9.78
C MET A 6 11.06 3.37 -8.56
N ALA A 7 10.54 2.25 -8.07
CA ALA A 7 9.66 2.22 -6.92
C ALA A 7 9.40 0.77 -6.49
N TYR A 8 8.37 0.57 -5.68
CA TYR A 8 8.03 -0.77 -5.21
C TYR A 8 6.96 -1.40 -6.09
N VAL A 9 7.18 -1.36 -7.40
CA VAL A 9 6.25 -1.93 -8.36
C VAL A 9 7.02 -2.61 -9.49
N ILE A 10 6.88 -3.92 -9.60
CA ILE A 10 7.56 -4.67 -10.65
C ILE A 10 6.54 -5.26 -11.61
N ARG A 11 6.99 -6.15 -12.48
CA ARG A 11 6.11 -6.79 -13.44
C ARG A 11 6.45 -8.27 -13.53
N ASP A 12 5.48 -9.07 -13.92
CA ASP A 12 5.67 -10.51 -14.05
C ASP A 12 6.03 -10.87 -15.49
N GLU A 13 6.00 -12.17 -15.79
CA GLU A 13 6.34 -12.66 -17.12
C GLU A 13 5.32 -12.20 -18.17
N TRP A 14 4.04 -12.15 -17.79
CA TRP A 14 3.01 -11.72 -18.70
C TRP A 14 3.04 -10.21 -18.91
N GLY A 15 3.29 -9.47 -17.84
CA GLY A 15 3.38 -8.02 -17.94
C GLY A 15 2.49 -7.30 -16.94
N ASN A 16 2.01 -8.03 -15.95
CA ASN A 16 1.15 -7.47 -14.92
C ASN A 16 2.01 -6.77 -13.88
N GLN A 17 1.48 -5.70 -13.31
CA GLN A 17 2.20 -4.95 -12.29
C GLN A 17 2.08 -5.65 -10.94
N ILE A 18 3.20 -6.17 -10.46
CA ILE A 18 3.23 -6.85 -9.17
C ILE A 18 3.72 -5.85 -8.13
N TRP A 19 2.86 -5.57 -7.18
CA TRP A 19 3.17 -4.61 -6.12
C TRP A 19 4.10 -5.18 -5.07
N ILE A 20 4.90 -4.30 -4.49
CA ILE A 20 5.83 -4.66 -3.43
C ILE A 20 5.59 -3.72 -2.26
N CYS A 21 5.43 -4.25 -1.06
CA CYS A 21 5.19 -3.40 0.10
C CYS A 21 6.49 -2.81 0.61
N PRO A 22 6.54 -1.48 0.79
CA PRO A 22 7.72 -0.81 1.31
C PRO A 22 7.95 -1.13 2.78
N GLY A 23 7.03 -1.87 3.38
CA GLY A 23 7.14 -2.25 4.77
C GLY A 23 8.06 -3.44 4.99
N CYS A 24 7.56 -4.62 4.69
CA CYS A 24 8.31 -5.85 4.87
C CYS A 24 9.13 -6.18 3.63
N ASN A 25 8.91 -5.38 2.58
CA ASN A 25 9.62 -5.55 1.31
C ASN A 25 9.16 -6.84 0.65
N LYS A 26 7.87 -7.12 0.80
CA LYS A 26 7.28 -8.32 0.22
C LYS A 26 6.34 -7.96 -0.92
N PRO A 27 6.23 -8.82 -1.93
CA PRO A 27 5.36 -8.60 -3.08
C PRO A 27 3.90 -8.94 -2.78
N ASP A 28 3.03 -8.70 -3.75
CA ASP A 28 1.62 -9.04 -3.59
C ASP A 28 1.42 -10.51 -3.85
N ASP A 29 1.45 -11.27 -2.77
CA ASP A 29 1.26 -12.72 -2.84
C ASP A 29 -0.23 -13.06 -2.86
N GLY A 30 -1.05 -12.06 -3.14
CA GLY A 30 -2.48 -12.26 -3.18
C GLY A 30 -3.13 -11.86 -1.88
N SER A 31 -2.66 -10.75 -1.34
CA SER A 31 -3.17 -10.25 -0.07
C SER A 31 -3.76 -8.86 -0.26
N PRO A 32 -4.54 -8.38 0.71
CA PRO A 32 -5.16 -7.08 0.64
C PRO A 32 -4.18 -5.97 0.96
N MET A 33 -3.97 -5.09 -0.01
CA MET A 33 -3.08 -3.96 0.16
C MET A 33 -3.89 -2.69 0.28
N ILE A 34 -3.33 -1.71 0.97
CA ILE A 34 -4.01 -0.44 1.18
C ILE A 34 -3.21 0.70 0.55
N GLY A 35 -3.90 1.52 -0.22
CA GLY A 35 -3.28 2.66 -0.85
C GLY A 35 -3.53 3.92 -0.06
N CYS A 36 -2.50 4.75 0.04
CA CYS A 36 -2.60 6.00 0.78
C CYS A 36 -3.47 7.00 0.03
N ASP A 37 -3.75 8.12 0.65
CA ASP A 37 -4.57 9.16 0.04
C ASP A 37 -3.70 10.35 -0.33
N ASP A 38 -2.40 10.21 -0.15
CA ASP A 38 -1.47 11.28 -0.48
C ASP A 38 -0.48 10.85 -1.55
N CYS A 39 0.43 9.93 -1.22
CA CYS A 39 1.43 9.46 -2.17
C CYS A 39 0.90 8.32 -3.03
N ASP A 40 -0.23 7.74 -2.61
CA ASP A 40 -0.87 6.62 -3.31
C ASP A 40 0.00 5.37 -3.21
N ASP A 41 0.77 5.28 -2.13
CA ASP A 41 1.64 4.13 -1.89
C ASP A 41 0.80 2.93 -1.48
N TRP A 42 1.31 1.72 -1.71
CA TRP A 42 0.57 0.52 -1.38
C TRP A 42 1.30 -0.33 -0.34
N TYR A 43 0.70 -0.45 0.83
CA TYR A 43 1.27 -1.23 1.92
C TYR A 43 0.37 -2.40 2.27
N HIS A 44 0.90 -3.39 2.95
CA HIS A 44 0.11 -4.53 3.37
C HIS A 44 -0.65 -4.14 4.63
N TRP A 45 -1.87 -4.65 4.76
CA TRP A 45 -2.72 -4.34 5.90
C TRP A 45 -2.06 -4.62 7.26
N PRO A 46 -1.60 -5.85 7.53
CA PRO A 46 -1.00 -6.20 8.83
C PRO A 46 0.24 -5.36 9.19
N CYS A 47 0.98 -4.94 8.17
CA CYS A 47 2.19 -4.15 8.39
C CYS A 47 1.87 -2.72 8.83
N VAL A 48 0.77 -2.16 8.34
CA VAL A 48 0.41 -0.79 8.70
C VAL A 48 -0.61 -0.72 9.84
N GLY A 49 -1.22 -1.85 10.17
CA GLY A 49 -2.18 -1.87 11.26
C GLY A 49 -3.63 -1.92 10.78
N ILE A 50 -3.84 -2.49 9.61
CA ILE A 50 -5.17 -2.60 9.05
C ILE A 50 -5.59 -4.07 9.07
N MET A 51 -6.87 -4.34 9.31
CA MET A 51 -7.35 -5.72 9.37
C MET A 51 -8.62 -5.93 8.55
N ALA A 52 -8.93 -4.98 7.67
CA ALA A 52 -10.12 -5.07 6.83
C ALA A 52 -10.14 -3.92 5.83
N ALA A 53 -11.15 -3.91 4.95
CA ALA A 53 -11.26 -2.87 3.93
C ALA A 53 -12.15 -1.73 4.37
N PRO A 54 -11.58 -0.52 4.53
CA PRO A 54 -12.33 0.67 4.91
C PRO A 54 -12.98 1.31 3.69
N PRO A 55 -14.04 2.12 3.90
CA PRO A 55 -14.74 2.80 2.80
C PRO A 55 -13.84 3.80 2.10
N GLU A 56 -14.01 3.93 0.78
CA GLU A 56 -13.22 4.85 -0.02
C GLU A 56 -13.45 6.29 0.40
N GLU A 57 -14.65 6.56 0.92
CA GLU A 57 -15.01 7.91 1.37
C GLU A 57 -14.13 8.35 2.53
N MET A 58 -13.50 7.38 3.18
CA MET A 58 -12.62 7.68 4.31
C MET A 58 -11.17 7.72 3.82
N GLN A 59 -10.47 8.79 4.17
CA GLN A 59 -9.08 8.94 3.76
C GLN A 59 -8.14 8.38 4.83
N TRP A 60 -7.06 7.75 4.36
CA TRP A 60 -6.06 7.17 5.24
C TRP A 60 -4.68 7.57 4.74
N PHE A 61 -3.74 7.74 5.66
CA PHE A 61 -2.38 8.13 5.29
C PHE A 61 -1.37 7.19 5.93
N CYS A 62 -0.35 6.84 5.16
CA CYS A 62 0.71 5.96 5.65
C CYS A 62 1.60 6.73 6.63
N PRO A 63 2.39 6.04 7.47
CA PRO A 63 3.29 6.70 8.43
C PRO A 63 4.22 7.73 7.79
N LYS A 64 4.32 7.71 6.46
CA LYS A 64 5.15 8.68 5.75
C LYS A 64 4.43 10.03 5.68
N CYS A 65 3.28 10.03 5.02
CA CYS A 65 2.50 11.24 4.87
C CYS A 65 1.75 11.60 6.15
N ALA A 66 1.40 10.60 6.95
CA ALA A 66 0.71 10.83 8.21
C ALA A 66 1.62 11.61 9.16
N ASN A 67 2.92 11.50 8.91
CA ASN A 67 3.92 12.19 9.70
C ASN A 67 4.08 13.63 9.22
N LYS A 68 4.02 13.82 7.90
CA LYS A 68 4.17 15.17 7.33
C LYS A 68 2.94 16.02 7.64
N ILE A 69 1.80 15.36 7.81
CA ILE A 69 0.57 16.06 8.16
C ILE A 69 0.60 16.38 9.65
N LYS A 70 1.31 15.52 10.38
CA LYS A 70 1.51 15.64 11.82
C LYS A 70 0.25 15.42 12.64
N LYS A 71 -0.86 16.01 12.22
CA LYS A 71 -2.13 15.92 12.93
C LYS A 71 -1.96 16.66 14.25
N ASP A 72 -2.03 17.98 14.16
CA ASP A 72 -1.83 18.88 15.30
C ASP A 72 -2.97 18.80 16.30
N LYS A 73 -2.72 19.36 17.48
CA LYS A 73 -3.70 19.40 18.54
C LYS A 73 -4.79 20.41 18.18
N LYS A 74 -4.40 21.45 17.45
CA LYS A 74 -5.33 22.48 17.03
C LYS A 74 -6.23 21.95 15.93
N HIS A 75 -7.54 22.06 16.14
CA HIS A 75 -8.51 21.57 15.18
C HIS A 75 -9.80 22.38 15.24
N ALA B 1 -9.02 6.30 0.88
CA ALA B 1 -8.27 5.06 1.15
C ALA B 1 -8.69 3.98 0.17
N ARG B 2 -7.81 3.65 -0.74
CA ARG B 2 -8.11 2.64 -1.74
C ARG B 2 -7.59 1.28 -1.28
N THR B 3 -8.51 0.35 -1.08
CA THR B 3 -8.14 -0.98 -0.62
C THR B 3 -8.61 -2.07 -1.58
N GLU B 5 -8.27 -6.56 -2.29
CA GLU B 5 -7.84 -7.88 -1.85
C GLU B 5 -7.75 -8.82 -3.04
N THR B 6 -6.54 -9.26 -3.35
CA THR B 6 -6.34 -10.15 -4.49
C THR B 6 -6.56 -11.62 -4.12
N ALA B 7 -7.07 -11.86 -2.93
CA ALA B 7 -7.34 -13.22 -2.46
C ALA B 7 -8.64 -13.73 -3.09
N ARG B 8 -8.51 -14.68 -4.00
CA ARG B 8 -9.67 -15.25 -4.69
C ARG B 8 -10.45 -16.18 -3.77
N LYS B 9 -9.84 -16.60 -2.67
CA LYS B 9 -10.51 -17.48 -1.72
C LYS B 9 -10.94 -16.69 -0.50
N SER B 10 -11.65 -15.60 -0.75
CA SER B 10 -12.13 -14.71 0.30
C SER B 10 -13.28 -15.35 1.09
N THR B 11 -13.90 -14.55 1.94
CA THR B 11 -15.02 -15.01 2.76
C THR B 11 -16.23 -15.35 1.89
N GLY B 12 -16.46 -16.64 1.68
CA GLY B 12 -17.57 -17.08 0.88
C GLY B 12 -17.26 -18.35 0.13
N GLY A 1 4.50 3.44 -20.77
CA GLY A 1 3.50 4.36 -20.29
C GLY A 1 4.06 5.74 -20.03
N SER A 2 3.19 6.71 -19.77
CA SER A 2 3.61 8.08 -19.51
C SER A 2 3.87 8.30 -18.03
N HIS A 3 3.83 7.21 -17.26
CA HIS A 3 4.06 7.29 -15.82
C HIS A 3 4.81 6.05 -15.34
N MET A 4 5.86 5.68 -16.06
CA MET A 4 6.67 4.52 -15.70
C MET A 4 7.43 4.79 -14.40
N ALA A 5 8.36 5.74 -14.46
CA ALA A 5 9.17 6.13 -13.31
C ALA A 5 9.89 4.94 -12.69
N MET A 6 10.11 4.99 -11.39
CA MET A 6 10.79 3.92 -10.67
C MET A 6 10.20 3.82 -9.25
N ALA A 7 9.05 3.19 -9.14
CA ALA A 7 8.39 3.03 -7.85
C ALA A 7 8.44 1.58 -7.41
N TYR A 8 7.63 1.22 -6.42
CA TYR A 8 7.59 -0.15 -5.92
C TYR A 8 6.77 -1.03 -6.85
N VAL A 9 6.11 -0.41 -7.82
CA VAL A 9 5.33 -1.16 -8.79
C VAL A 9 6.21 -1.55 -9.97
N ILE A 10 6.73 -2.77 -9.91
CA ILE A 10 7.60 -3.29 -10.96
C ILE A 10 6.80 -4.18 -11.90
N ARG A 11 7.47 -4.75 -12.87
CA ARG A 11 6.80 -5.64 -13.81
C ARG A 11 7.35 -7.05 -13.66
N ASP A 12 6.44 -8.01 -13.61
CA ASP A 12 6.78 -9.42 -13.47
C ASP A 12 7.23 -9.98 -14.83
N GLU A 13 7.75 -11.22 -14.84
CA GLU A 13 8.24 -11.82 -16.08
C GLU A 13 7.14 -12.01 -17.11
N TRP A 14 5.91 -12.23 -16.65
CA TRP A 14 4.78 -12.41 -17.57
C TRP A 14 4.19 -11.07 -17.98
N GLY A 15 4.74 -9.99 -17.43
CA GLY A 15 4.28 -8.66 -17.78
C GLY A 15 3.27 -8.10 -16.81
N ASN A 16 3.00 -8.81 -15.73
CA ASN A 16 2.05 -8.34 -14.73
C ASN A 16 2.66 -7.23 -13.89
N GLN A 17 1.83 -6.29 -13.45
CA GLN A 17 2.32 -5.21 -12.60
C GLN A 17 2.31 -5.67 -11.15
N ILE A 18 3.49 -5.88 -10.60
CA ILE A 18 3.62 -6.36 -9.24
C ILE A 18 3.80 -5.20 -8.28
N TRP A 19 3.04 -5.21 -7.21
CA TRP A 19 3.12 -4.17 -6.20
C TRP A 19 3.91 -4.63 -5.00
N ILE A 20 5.11 -4.07 -4.86
CA ILE A 20 5.97 -4.41 -3.74
C ILE A 20 5.69 -3.48 -2.57
N CYS A 21 5.12 -4.01 -1.50
CA CYS A 21 4.80 -3.20 -0.34
C CYS A 21 6.07 -2.58 0.25
N PRO A 22 6.09 -1.26 0.42
CA PRO A 22 7.24 -0.55 1.00
C PRO A 22 7.43 -0.87 2.48
N GLY A 23 6.61 -1.77 3.01
CA GLY A 23 6.72 -2.16 4.41
C GLY A 23 7.67 -3.33 4.61
N CYS A 24 7.23 -4.51 4.20
CA CYS A 24 8.03 -5.71 4.34
C CYS A 24 8.79 -6.05 3.07
N ASN A 25 8.53 -5.26 2.01
CA ASN A 25 9.16 -5.45 0.71
C ASN A 25 8.61 -6.75 0.10
N LYS A 26 7.32 -6.95 0.32
CA LYS A 26 6.63 -8.14 -0.16
C LYS A 26 5.60 -7.78 -1.24
N PRO A 27 5.56 -8.58 -2.32
CA PRO A 27 4.61 -8.36 -3.43
C PRO A 27 3.15 -8.64 -3.05
N ASP A 28 2.25 -8.22 -3.92
CA ASP A 28 0.81 -8.38 -3.73
C ASP A 28 0.34 -9.76 -4.21
N ASP A 29 0.74 -10.78 -3.46
CA ASP A 29 0.41 -12.17 -3.76
C ASP A 29 -1.10 -12.43 -3.65
N GLY A 30 -1.75 -11.74 -2.74
CA GLY A 30 -3.16 -11.91 -2.52
C GLY A 30 -3.61 -11.23 -1.26
N SER A 31 -2.66 -11.03 -0.35
CA SER A 31 -2.93 -10.38 0.91
C SER A 31 -3.41 -8.97 0.61
N PRO A 32 -4.55 -8.60 1.18
CA PRO A 32 -5.15 -7.29 0.94
C PRO A 32 -4.24 -6.13 1.31
N MET A 33 -4.27 -5.10 0.49
CA MET A 33 -3.46 -3.93 0.70
C MET A 33 -4.34 -2.68 0.72
N ILE A 34 -3.80 -1.62 1.28
CA ILE A 34 -4.51 -0.35 1.35
C ILE A 34 -3.74 0.70 0.57
N GLY A 35 -4.44 1.44 -0.26
CA GLY A 35 -3.82 2.46 -1.06
C GLY A 35 -3.74 3.78 -0.32
N CYS A 36 -2.54 4.33 -0.23
CA CYS A 36 -2.33 5.59 0.45
C CYS A 36 -2.96 6.71 -0.36
N ASP A 37 -3.53 7.69 0.33
CA ASP A 37 -4.17 8.83 -0.34
C ASP A 37 -3.12 9.85 -0.80
N ASP A 38 -1.87 9.64 -0.38
CA ASP A 38 -0.79 10.54 -0.77
C ASP A 38 0.17 9.82 -1.72
N CYS A 39 0.72 8.70 -1.25
CA CYS A 39 1.65 7.92 -2.05
C CYS A 39 0.96 7.23 -3.22
N ASP A 40 -0.30 6.83 -3.00
CA ASP A 40 -1.13 6.15 -4.00
C ASP A 40 -0.68 4.69 -4.17
N ASP A 41 0.46 4.35 -3.58
CA ASP A 41 0.98 3.00 -3.67
C ASP A 41 0.21 2.08 -2.74
N TRP A 42 0.47 0.79 -2.83
CA TRP A 42 -0.24 -0.19 -2.02
C TRP A 42 0.61 -0.70 -0.86
N TYR A 43 0.07 -0.58 0.34
CA TYR A 43 0.74 -1.05 1.55
C TYR A 43 -0.09 -2.17 2.17
N HIS A 44 0.57 -3.20 2.68
CA HIS A 44 -0.14 -4.31 3.30
C HIS A 44 -0.85 -3.86 4.58
N TRP A 45 -1.99 -4.46 4.85
CA TRP A 45 -2.77 -4.10 6.03
C TRP A 45 -2.04 -4.37 7.35
N PRO A 46 -1.57 -5.62 7.60
CA PRO A 46 -0.90 -5.96 8.86
C PRO A 46 0.31 -5.08 9.17
N CYS A 47 1.08 -4.75 8.14
CA CYS A 47 2.27 -3.91 8.30
C CYS A 47 1.92 -2.48 8.71
N VAL A 48 0.78 -1.96 8.26
CA VAL A 48 0.40 -0.59 8.59
C VAL A 48 -0.56 -0.52 9.79
N GLY A 49 -0.93 -1.68 10.33
CA GLY A 49 -1.81 -1.71 11.49
C GLY A 49 -3.29 -1.80 11.14
N ILE A 50 -3.59 -2.26 9.92
CA ILE A 50 -4.96 -2.39 9.48
C ILE A 50 -5.34 -3.87 9.48
N MET A 51 -6.61 -4.17 9.78
CA MET A 51 -7.05 -5.57 9.83
C MET A 51 -8.33 -5.79 9.02
N ALA A 52 -8.67 -4.87 8.14
CA ALA A 52 -9.88 -4.98 7.32
C ALA A 52 -9.96 -3.82 6.33
N ALA A 53 -11.07 -3.72 5.62
CA ALA A 53 -11.27 -2.67 4.63
C ALA A 53 -12.18 -1.57 5.14
N PRO A 54 -11.66 -0.35 5.25
CA PRO A 54 -12.43 0.81 5.70
C PRO A 54 -13.11 1.53 4.54
N PRO A 55 -14.01 2.49 4.81
CA PRO A 55 -14.70 3.25 3.77
C PRO A 55 -13.73 3.96 2.83
N GLU A 56 -13.90 3.71 1.53
CA GLU A 56 -13.04 4.31 0.50
C GLU A 56 -13.07 5.83 0.56
N GLU A 57 -14.22 6.37 0.97
CA GLU A 57 -14.41 7.81 1.07
C GLU A 57 -13.47 8.44 2.08
N MET A 58 -13.09 7.67 3.09
CA MET A 58 -12.19 8.15 4.12
C MET A 58 -10.76 8.18 3.61
N GLN A 59 -10.10 9.32 3.76
CA GLN A 59 -8.73 9.46 3.31
C GLN A 59 -7.77 8.90 4.36
N TRP A 60 -6.87 8.03 3.93
CA TRP A 60 -5.91 7.42 4.82
C TRP A 60 -4.51 7.63 4.29
N PHE A 61 -3.58 7.93 5.18
CA PHE A 61 -2.20 8.15 4.80
C PHE A 61 -1.31 7.13 5.48
N CYS A 62 -0.30 6.67 4.76
CA CYS A 62 0.63 5.68 5.29
C CYS A 62 1.41 6.28 6.47
N PRO A 63 2.11 5.44 7.28
CA PRO A 63 2.88 5.91 8.45
C PRO A 63 3.88 7.01 8.11
N LYS A 64 4.26 7.13 6.84
CA LYS A 64 5.22 8.17 6.46
C LYS A 64 4.51 9.50 6.26
N CYS A 65 3.44 9.46 5.49
CA CYS A 65 2.67 10.64 5.17
C CYS A 65 1.79 11.10 6.32
N ALA A 66 1.23 10.16 7.08
CA ALA A 66 0.38 10.50 8.21
C ALA A 66 1.19 11.24 9.28
N ASN A 67 2.48 10.89 9.36
CA ASN A 67 3.37 11.50 10.33
C ASN A 67 4.03 12.76 9.77
N LYS A 68 4.07 12.87 8.44
CA LYS A 68 4.68 14.03 7.80
C LYS A 68 3.77 15.25 7.91
N ILE A 69 2.51 15.01 8.28
CA ILE A 69 1.54 16.09 8.41
C ILE A 69 1.43 16.55 9.87
N LYS A 70 1.25 15.60 10.77
CA LYS A 70 1.11 15.88 12.20
C LYS A 70 2.44 16.31 12.82
N LYS A 71 2.82 17.56 12.61
CA LYS A 71 4.08 18.07 13.15
C LYS A 71 3.96 19.49 13.69
N ASP A 72 2.75 19.92 14.01
CA ASP A 72 2.53 21.27 14.53
C ASP A 72 3.22 21.46 15.86
N LYS A 73 4.30 22.25 15.85
CA LYS A 73 5.07 22.56 17.04
C LYS A 73 5.53 21.28 17.73
N LYS A 74 5.74 20.24 16.93
CA LYS A 74 6.19 18.94 17.45
C LYS A 74 7.24 18.34 16.52
N HIS A 75 7.66 17.12 16.81
CA HIS A 75 8.67 16.45 16.02
C HIS A 75 8.35 14.95 15.91
N ALA B 1 -8.91 6.31 0.81
CA ALA B 1 -8.27 5.02 1.12
C ALA B 1 -8.89 3.91 0.30
N ARG B 2 -8.15 3.44 -0.69
CA ARG B 2 -8.64 2.37 -1.54
C ARG B 2 -8.18 1.03 -0.99
N THR B 3 -9.05 0.03 -1.02
CA THR B 3 -8.71 -1.27 -0.49
C THR B 3 -9.14 -2.41 -1.43
N GLU B 5 -8.68 -7.01 -1.85
CA GLU B 5 -8.18 -8.28 -1.36
C GLU B 5 -8.22 -9.31 -2.49
N THR B 6 -7.06 -9.75 -2.92
CA THR B 6 -6.97 -10.73 -4.00
C THR B 6 -6.91 -12.16 -3.45
N ALA B 7 -7.17 -12.30 -2.16
CA ALA B 7 -7.14 -13.60 -1.50
C ALA B 7 -8.45 -14.34 -1.75
N ARG B 8 -8.53 -15.02 -2.89
CA ARG B 8 -9.71 -15.78 -3.25
C ARG B 8 -9.69 -17.16 -2.60
N LYS B 9 -8.99 -17.26 -1.48
CA LYS B 9 -8.89 -18.52 -0.76
C LYS B 9 -9.53 -18.38 0.61
N SER B 10 -10.13 -17.23 0.86
CA SER B 10 -10.78 -16.96 2.12
C SER B 10 -12.18 -17.57 2.15
N THR B 11 -12.99 -17.18 3.11
CA THR B 11 -14.34 -17.68 3.24
C THR B 11 -15.30 -16.95 2.30
N GLY B 12 -14.96 -16.95 1.02
CA GLY B 12 -15.78 -16.28 0.03
C GLY B 12 -14.96 -15.82 -1.16
N GLY A 1 0.34 10.67 -14.15
CA GLY A 1 0.91 9.42 -13.69
C GLY A 1 1.66 8.70 -14.78
N SER A 2 2.84 8.18 -14.45
CA SER A 2 3.65 7.46 -15.42
C SER A 2 4.47 6.40 -14.69
N HIS A 3 5.11 5.51 -15.44
CA HIS A 3 5.91 4.46 -14.83
C HIS A 3 6.89 3.84 -15.82
N MET A 4 8.12 4.32 -15.79
CA MET A 4 9.16 3.80 -16.67
C MET A 4 10.49 3.72 -15.91
N ALA A 5 10.39 3.70 -14.60
CA ALA A 5 11.56 3.62 -13.73
C ALA A 5 11.44 2.44 -12.79
N MET A 6 12.57 1.89 -12.39
CA MET A 6 12.61 0.75 -11.50
C MET A 6 12.25 1.17 -10.07
N ALA A 7 11.03 0.88 -9.68
CA ALA A 7 10.53 1.21 -8.35
C ALA A 7 9.84 0.00 -7.73
N TYR A 8 9.06 0.23 -6.67
CA TYR A 8 8.34 -0.86 -5.99
C TYR A 8 7.34 -1.52 -6.92
N VAL A 9 6.94 -0.82 -7.96
CA VAL A 9 5.98 -1.35 -8.93
C VAL A 9 6.73 -2.04 -10.07
N ILE A 10 6.69 -3.36 -10.09
CA ILE A 10 7.35 -4.11 -11.14
C ILE A 10 6.35 -4.98 -11.92
N ARG A 11 6.89 -5.87 -12.74
CA ARG A 11 6.06 -6.77 -13.53
C ARG A 11 6.48 -8.21 -13.27
N ASP A 12 5.53 -9.13 -13.30
CA ASP A 12 5.82 -10.54 -13.06
C ASP A 12 6.16 -11.23 -14.38
N GLU A 13 6.23 -12.56 -14.35
CA GLU A 13 6.55 -13.35 -15.54
C GLU A 13 5.47 -13.19 -16.61
N TRP A 14 4.23 -13.04 -16.20
CA TRP A 14 3.12 -12.87 -17.13
C TRP A 14 3.06 -11.43 -17.62
N GLY A 15 3.33 -10.48 -16.73
CA GLY A 15 3.33 -9.09 -17.12
C GLY A 15 2.36 -8.24 -16.32
N ASN A 16 1.92 -8.74 -15.18
CA ASN A 16 0.99 -8.02 -14.33
C ASN A 16 1.74 -7.01 -13.46
N GLN A 17 1.00 -6.08 -12.88
CA GLN A 17 1.60 -5.07 -12.02
C GLN A 17 1.77 -5.62 -10.60
N ILE A 18 2.99 -5.99 -10.27
CA ILE A 18 3.28 -6.50 -8.93
C ILE A 18 3.73 -5.36 -8.04
N TRP A 19 3.02 -5.19 -6.94
CA TRP A 19 3.31 -4.13 -5.99
C TRP A 19 4.14 -4.66 -4.83
N ILE A 20 5.24 -3.99 -4.57
CA ILE A 20 6.10 -4.35 -3.45
C ILE A 20 5.87 -3.36 -2.34
N CYS A 21 5.27 -3.83 -1.25
CA CYS A 21 4.96 -2.97 -0.11
C CYS A 21 6.23 -2.34 0.44
N PRO A 22 6.29 -1.00 0.47
CA PRO A 22 7.43 -0.25 1.00
C PRO A 22 7.63 -0.49 2.50
N GLY A 23 6.72 -1.25 3.11
CA GLY A 23 6.82 -1.54 4.53
C GLY A 23 7.79 -2.67 4.80
N CYS A 24 7.33 -3.89 4.56
CA CYS A 24 8.15 -5.06 4.78
C CYS A 24 9.01 -5.38 3.56
N ASN A 25 8.78 -4.63 2.49
CA ASN A 25 9.52 -4.77 1.25
C ASN A 25 9.28 -6.12 0.60
N LYS A 26 8.00 -6.51 0.52
CA LYS A 26 7.63 -7.77 -0.09
C LYS A 26 6.65 -7.57 -1.24
N PRO A 27 6.69 -8.46 -2.25
CA PRO A 27 5.79 -8.38 -3.39
C PRO A 27 4.39 -8.91 -3.07
N ASP A 28 3.39 -8.41 -3.76
CA ASP A 28 2.02 -8.85 -3.54
C ASP A 28 1.66 -10.05 -4.40
N ASP A 29 0.70 -10.83 -3.91
CA ASP A 29 0.22 -12.03 -4.59
C ASP A 29 -1.29 -12.16 -4.31
N GLY A 30 -1.99 -11.06 -4.49
CA GLY A 30 -3.43 -11.07 -4.24
C GLY A 30 -3.75 -10.92 -2.79
N SER A 31 -3.03 -10.06 -2.11
CA SER A 31 -3.27 -9.81 -0.70
C SER A 31 -3.93 -8.44 -0.56
N PRO A 32 -4.59 -8.20 0.56
CA PRO A 32 -5.25 -6.93 0.79
C PRO A 32 -4.26 -5.80 1.03
N MET A 33 -4.20 -4.90 0.07
CA MET A 33 -3.31 -3.77 0.17
C MET A 33 -4.13 -2.49 0.29
N ILE A 34 -3.57 -1.51 0.96
CA ILE A 34 -4.25 -0.24 1.15
C ILE A 34 -3.49 0.85 0.42
N GLY A 35 -4.20 1.56 -0.45
CA GLY A 35 -3.58 2.63 -1.20
C GLY A 35 -3.52 3.93 -0.43
N CYS A 36 -2.33 4.47 -0.29
CA CYS A 36 -2.13 5.72 0.41
C CYS A 36 -2.72 6.85 -0.42
N ASP A 37 -3.49 7.72 0.22
CA ASP A 37 -4.11 8.84 -0.48
C ASP A 37 -3.11 9.97 -0.76
N ASP A 38 -1.86 9.75 -0.38
CA ASP A 38 -0.80 10.74 -0.58
C ASP A 38 0.32 10.15 -1.44
N CYS A 39 0.92 9.06 -0.97
CA CYS A 39 2.00 8.39 -1.69
C CYS A 39 1.49 7.68 -2.93
N ASP A 40 0.20 7.37 -2.95
CA ASP A 40 -0.45 6.68 -4.07
C ASP A 40 0.11 5.27 -4.23
N ASP A 41 0.79 4.80 -3.20
CA ASP A 41 1.37 3.46 -3.21
C ASP A 41 0.48 2.49 -2.46
N TRP A 42 0.73 1.21 -2.62
CA TRP A 42 -0.07 0.18 -1.97
C TRP A 42 0.74 -0.54 -0.88
N TYR A 43 0.28 -0.44 0.35
CA TYR A 43 0.96 -1.09 1.48
C TYR A 43 0.14 -2.27 1.99
N HIS A 44 0.81 -3.24 2.60
CA HIS A 44 0.10 -4.41 3.13
C HIS A 44 -0.60 -4.04 4.44
N TRP A 45 -1.78 -4.58 4.65
CA TRP A 45 -2.56 -4.30 5.85
C TRP A 45 -1.84 -4.72 7.14
N PRO A 46 -1.39 -5.99 7.25
CA PRO A 46 -0.71 -6.47 8.47
C PRO A 46 0.51 -5.65 8.85
N CYS A 47 1.23 -5.16 7.85
CA CYS A 47 2.43 -4.37 8.09
C CYS A 47 2.10 -2.98 8.63
N VAL A 48 0.99 -2.39 8.18
CA VAL A 48 0.62 -1.05 8.63
C VAL A 48 -0.34 -1.08 9.83
N GLY A 49 -0.88 -2.25 10.14
CA GLY A 49 -1.78 -2.36 11.28
C GLY A 49 -3.25 -2.37 10.89
N ILE A 50 -3.54 -2.80 9.68
CA ILE A 50 -4.92 -2.86 9.20
C ILE A 50 -5.37 -4.32 9.14
N MET A 51 -6.64 -4.57 9.42
CA MET A 51 -7.15 -5.95 9.42
C MET A 51 -8.38 -6.12 8.52
N ALA A 52 -8.71 -5.10 7.75
CA ALA A 52 -9.88 -5.16 6.87
C ALA A 52 -9.93 -3.91 5.98
N ALA A 53 -10.96 -3.83 5.13
CA ALA A 53 -11.08 -2.71 4.20
C ALA A 53 -12.02 -1.63 4.72
N PRO A 54 -11.52 -0.39 4.84
CA PRO A 54 -12.31 0.75 5.28
C PRO A 54 -13.00 1.44 4.10
N PRO A 55 -14.00 2.30 4.37
CA PRO A 55 -14.70 3.03 3.32
C PRO A 55 -13.77 3.92 2.51
N GLU A 56 -14.11 4.13 1.23
CA GLU A 56 -13.28 4.95 0.35
C GLU A 56 -13.41 6.41 0.74
N GLU A 57 -14.55 6.74 1.35
CA GLU A 57 -14.82 8.10 1.79
C GLU A 57 -13.81 8.50 2.85
N MET A 58 -13.28 7.49 3.54
CA MET A 58 -12.29 7.70 4.57
C MET A 58 -10.90 7.84 3.97
N GLN A 59 -10.25 8.94 4.24
CA GLN A 59 -8.90 9.17 3.74
C GLN A 59 -7.89 8.54 4.69
N TRP A 60 -6.94 7.82 4.14
CA TRP A 60 -5.92 7.17 4.94
C TRP A 60 -4.55 7.46 4.37
N PHE A 61 -3.61 7.70 5.25
CA PHE A 61 -2.25 8.00 4.87
C PHE A 61 -1.32 7.06 5.60
N CYS A 62 -0.25 6.65 4.95
CA CYS A 62 0.73 5.75 5.55
C CYS A 62 1.40 6.43 6.74
N PRO A 63 2.10 5.65 7.61
CA PRO A 63 2.79 6.20 8.78
C PRO A 63 3.74 7.37 8.47
N LYS A 64 4.11 7.53 7.20
CA LYS A 64 5.00 8.63 6.82
C LYS A 64 4.20 9.91 6.65
N CYS A 65 3.20 9.82 5.78
CA CYS A 65 2.35 10.95 5.47
C CYS A 65 1.39 11.29 6.61
N ALA A 66 0.92 10.27 7.33
CA ALA A 66 0.02 10.49 8.45
C ALA A 66 0.74 11.26 9.57
N ASN A 67 2.07 11.17 9.56
CA ASN A 67 2.88 11.85 10.55
C ASN A 67 3.37 13.20 10.02
N LYS A 68 3.51 13.30 8.70
CA LYS A 68 3.99 14.55 8.09
C LYS A 68 2.93 15.65 8.20
N ILE A 69 1.69 15.25 8.44
CA ILE A 69 0.59 16.20 8.57
C ILE A 69 0.68 16.90 9.93
N LYS A 70 0.88 16.08 10.97
CA LYS A 70 1.02 16.55 12.36
C LYS A 70 -0.29 17.09 12.93
N LYS A 71 -0.85 18.12 12.27
CA LYS A 71 -2.12 18.78 12.66
C LYS A 71 -1.84 19.98 13.57
N ASP A 72 -0.81 19.86 14.41
CA ASP A 72 -0.43 20.94 15.34
C ASP A 72 -0.21 22.25 14.60
N LYS A 73 0.61 22.20 13.54
CA LYS A 73 0.93 23.35 12.71
C LYS A 73 1.77 24.40 13.45
N LYS A 74 2.17 24.09 14.69
CA LYS A 74 2.97 25.02 15.47
C LYS A 74 4.26 24.37 15.94
N HIS A 75 5.33 24.60 15.17
CA HIS A 75 6.65 24.04 15.48
C HIS A 75 6.60 22.52 15.52
N ALA B 1 -8.87 6.46 0.85
CA ALA B 1 -8.17 5.16 1.02
C ALA B 1 -8.78 4.10 0.13
N ARG B 2 -8.08 3.74 -0.93
CA ARG B 2 -8.55 2.71 -1.84
C ARG B 2 -7.99 1.36 -1.42
N THR B 3 -8.85 0.39 -1.21
CA THR B 3 -8.41 -0.93 -0.80
C THR B 3 -8.73 -1.99 -1.85
N GLU B 5 -7.94 -6.71 -2.52
CA GLU B 5 -7.45 -7.97 -1.97
C GLU B 5 -7.30 -9.01 -3.09
N THR B 6 -8.39 -9.71 -3.39
CA THR B 6 -8.38 -10.75 -4.41
C THR B 6 -7.40 -11.85 -4.03
N ALA B 7 -7.62 -12.40 -2.84
CA ALA B 7 -6.76 -13.45 -2.27
C ALA B 7 -6.54 -14.60 -3.23
N ARG B 8 -5.41 -14.55 -3.93
CA ARG B 8 -5.02 -15.57 -4.90
C ARG B 8 -6.05 -15.69 -6.02
N LYS B 9 -6.44 -14.54 -6.56
CA LYS B 9 -7.41 -14.47 -7.66
C LYS B 9 -8.79 -14.92 -7.22
N SER B 10 -8.99 -15.07 -5.91
CA SER B 10 -10.26 -15.50 -5.37
C SER B 10 -10.45 -14.99 -3.94
N THR B 11 -10.49 -15.91 -2.98
CA THR B 11 -10.66 -15.56 -1.58
C THR B 11 -9.79 -16.47 -0.71
N GLY B 12 -8.77 -17.07 -1.32
CA GLY B 12 -7.88 -17.95 -0.58
C GLY B 12 -6.56 -18.17 -1.29
N GLY A 1 26.18 3.22 -8.38
CA GLY A 1 25.56 2.64 -7.21
C GLY A 1 24.17 2.10 -7.50
N SER A 2 23.91 0.87 -7.09
CA SER A 2 22.62 0.24 -7.32
C SER A 2 21.58 0.71 -6.31
N HIS A 3 21.60 2.00 -6.01
CA HIS A 3 20.65 2.58 -5.07
C HIS A 3 19.40 3.00 -5.81
N MET A 4 19.51 3.10 -7.13
CA MET A 4 18.39 3.49 -7.97
C MET A 4 17.88 2.30 -8.76
N ALA A 5 16.80 1.70 -8.26
CA ALA A 5 16.20 0.55 -8.92
C ALA A 5 14.76 0.87 -9.28
N MET A 6 13.96 -0.16 -9.52
CA MET A 6 12.56 0.04 -9.85
C MET A 6 11.82 0.53 -8.62
N ALA A 7 10.86 1.43 -8.82
CA ALA A 7 10.10 2.03 -7.72
C ALA A 7 9.06 1.06 -7.15
N TYR A 8 9.54 -0.07 -6.63
CA TYR A 8 8.69 -1.11 -6.02
C TYR A 8 7.82 -1.81 -7.05
N VAL A 9 6.94 -1.07 -7.70
CA VAL A 9 6.06 -1.61 -8.70
C VAL A 9 6.87 -2.14 -9.89
N ILE A 10 6.81 -3.43 -10.07
CA ILE A 10 7.53 -4.10 -11.14
C ILE A 10 6.57 -4.91 -11.99
N ARG A 11 7.10 -5.72 -12.89
CA ARG A 11 6.27 -6.56 -13.74
C ARG A 11 6.78 -7.98 -13.75
N ASP A 12 5.89 -8.92 -13.97
CA ASP A 12 6.25 -10.33 -14.01
C ASP A 12 6.47 -10.79 -15.44
N GLU A 13 6.40 -12.09 -15.67
CA GLU A 13 6.60 -12.67 -16.99
C GLU A 13 5.33 -12.59 -17.84
N TRP A 14 4.20 -12.26 -17.22
CA TRP A 14 2.94 -12.19 -17.93
C TRP A 14 2.61 -10.74 -18.30
N GLY A 15 3.12 -9.81 -17.49
CA GLY A 15 2.88 -8.41 -17.76
C GLY A 15 2.07 -7.73 -16.67
N ASN A 16 2.00 -8.38 -15.51
CA ASN A 16 1.24 -7.82 -14.40
C ASN A 16 2.13 -6.94 -13.54
N GLN A 17 1.54 -5.92 -12.95
CA GLN A 17 2.28 -5.00 -12.10
C GLN A 17 2.35 -5.55 -10.67
N ILE A 18 3.46 -6.19 -10.35
CA ILE A 18 3.66 -6.74 -9.02
C ILE A 18 3.88 -5.61 -8.03
N TRP A 19 3.07 -5.57 -7.00
CA TRP A 19 3.16 -4.51 -6.02
C TRP A 19 4.02 -4.89 -4.82
N ILE A 20 5.22 -4.34 -4.79
CA ILE A 20 6.12 -4.56 -3.68
C ILE A 20 5.83 -3.53 -2.60
N CYS A 21 5.31 -3.99 -1.47
CA CYS A 21 4.97 -3.10 -0.38
C CYS A 21 6.19 -2.34 0.14
N PRO A 22 6.12 -1.00 0.16
CA PRO A 22 7.22 -0.16 0.66
C PRO A 22 7.31 -0.18 2.19
N GLY A 23 6.68 -1.18 2.81
CA GLY A 23 6.73 -1.31 4.25
C GLY A 23 7.57 -2.50 4.70
N CYS A 24 7.22 -3.68 4.23
CA CYS A 24 7.94 -4.90 4.60
C CYS A 24 8.75 -5.45 3.43
N ASN A 25 8.66 -4.76 2.29
CA ASN A 25 9.39 -5.14 1.08
C ASN A 25 8.97 -6.51 0.58
N LYS A 26 7.67 -6.71 0.38
CA LYS A 26 7.16 -7.97 -0.11
C LYS A 26 6.13 -7.76 -1.20
N PRO A 27 6.05 -8.70 -2.16
CA PRO A 27 5.10 -8.62 -3.27
C PRO A 27 3.68 -8.95 -2.82
N ASP A 28 2.71 -8.62 -3.65
CA ASP A 28 1.33 -8.90 -3.34
C ASP A 28 0.92 -10.27 -3.87
N ASP A 29 0.24 -11.03 -3.03
CA ASP A 29 -0.21 -12.37 -3.38
C ASP A 29 -1.38 -12.75 -2.48
N GLY A 30 -2.49 -12.05 -2.66
CA GLY A 30 -3.67 -12.31 -1.88
C GLY A 30 -3.78 -11.42 -0.67
N SER A 31 -2.64 -10.99 -0.16
CA SER A 31 -2.63 -10.10 0.99
C SER A 31 -3.18 -8.76 0.56
N PRO A 32 -4.21 -8.28 1.26
CA PRO A 32 -4.84 -7.02 0.90
C PRO A 32 -3.93 -5.83 1.09
N MET A 33 -4.08 -4.88 0.19
CA MET A 33 -3.29 -3.67 0.21
C MET A 33 -4.19 -2.46 0.22
N ILE A 34 -3.72 -1.39 0.82
CA ILE A 34 -4.47 -0.15 0.88
C ILE A 34 -3.66 0.95 0.23
N GLY A 35 -4.27 1.63 -0.73
CA GLY A 35 -3.58 2.70 -1.43
C GLY A 35 -3.52 3.96 -0.61
N CYS A 36 -2.31 4.50 -0.45
CA CYS A 36 -2.12 5.72 0.32
C CYS A 36 -2.58 6.89 -0.54
N ASP A 37 -3.37 7.76 0.05
CA ASP A 37 -3.89 8.92 -0.65
C ASP A 37 -2.95 10.11 -0.49
N ASP A 38 -1.64 9.86 -0.38
CA ASP A 38 -0.67 10.94 -0.20
C ASP A 38 0.69 10.66 -0.85
N CYS A 39 1.33 9.53 -0.52
CA CYS A 39 2.67 9.25 -1.08
C CYS A 39 2.64 8.79 -2.54
N ASP A 40 2.58 7.48 -2.78
CA ASP A 40 2.61 6.98 -4.16
C ASP A 40 1.66 5.81 -4.43
N ASP A 41 1.97 4.62 -3.95
CA ASP A 41 1.16 3.44 -4.24
C ASP A 41 0.48 2.82 -3.00
N TRP A 42 0.36 1.48 -3.02
CA TRP A 42 -0.31 0.75 -1.95
C TRP A 42 0.66 0.14 -0.93
N TYR A 43 0.12 -0.16 0.25
CA TYR A 43 0.87 -0.79 1.33
C TYR A 43 0.07 -1.97 1.87
N HIS A 44 0.73 -2.97 2.44
CA HIS A 44 0.02 -4.12 3.00
C HIS A 44 -0.70 -3.71 4.29
N TRP A 45 -1.84 -4.33 4.54
CA TRP A 45 -2.63 -4.04 5.73
C TRP A 45 -1.91 -4.38 7.04
N PRO A 46 -1.45 -5.64 7.24
CA PRO A 46 -0.77 -6.04 8.48
C PRO A 46 0.46 -5.20 8.81
N CYS A 47 1.20 -4.81 7.79
CA CYS A 47 2.41 -4.02 7.96
C CYS A 47 2.10 -2.60 8.45
N VAL A 48 0.95 -2.06 8.07
CA VAL A 48 0.60 -0.70 8.48
C VAL A 48 -0.33 -0.68 9.70
N GLY A 49 -0.86 -1.84 10.07
CA GLY A 49 -1.74 -1.90 11.22
C GLY A 49 -3.22 -2.00 10.87
N ILE A 50 -3.53 -2.45 9.67
CA ILE A 50 -4.91 -2.59 9.23
C ILE A 50 -5.31 -4.06 9.25
N MET A 51 -6.53 -4.37 9.67
CA MET A 51 -6.98 -5.76 9.75
C MET A 51 -8.26 -6.02 8.94
N ALA A 52 -8.64 -5.07 8.08
CA ALA A 52 -9.85 -5.21 7.27
C ALA A 52 -9.97 -4.05 6.28
N ALA A 53 -11.11 -3.96 5.61
CA ALA A 53 -11.32 -2.91 4.62
C ALA A 53 -12.20 -1.78 5.17
N PRO A 54 -11.64 -0.59 5.38
CA PRO A 54 -12.37 0.56 5.87
C PRO A 54 -13.03 1.32 4.70
N PRO A 55 -13.98 2.23 5.01
CA PRO A 55 -14.67 3.02 3.99
C PRO A 55 -13.69 3.78 3.09
N GLU A 56 -13.79 3.55 1.78
CA GLU A 56 -12.89 4.18 0.83
C GLU A 56 -13.21 5.65 0.64
N GLU A 57 -14.39 6.07 1.10
CA GLU A 57 -14.82 7.46 0.99
C GLU A 57 -13.86 8.37 1.74
N MET A 58 -13.26 7.84 2.79
CA MET A 58 -12.32 8.59 3.62
C MET A 58 -10.90 8.35 3.11
N GLN A 59 -10.09 9.40 3.10
CA GLN A 59 -8.71 9.29 2.67
C GLN A 59 -7.86 8.67 3.76
N TRP A 60 -6.95 7.81 3.37
CA TRP A 60 -6.07 7.13 4.31
C TRP A 60 -4.62 7.42 3.95
N PHE A 61 -3.78 7.58 4.96
CA PHE A 61 -2.38 7.85 4.75
C PHE A 61 -1.54 6.83 5.52
N CYS A 62 -0.45 6.38 4.90
CA CYS A 62 0.44 5.41 5.52
C CYS A 62 1.13 6.04 6.73
N PRO A 63 1.78 5.22 7.59
CA PRO A 63 2.47 5.72 8.79
C PRO A 63 3.46 6.85 8.51
N LYS A 64 3.93 6.99 7.27
CA LYS A 64 4.87 8.05 6.94
C LYS A 64 4.13 9.36 6.76
N CYS A 65 3.17 9.33 5.85
CA CYS A 65 2.38 10.51 5.53
C CYS A 65 1.41 10.87 6.65
N ALA A 66 0.80 9.87 7.27
CA ALA A 66 -0.13 10.13 8.37
C ALA A 66 0.58 10.86 9.49
N ASN A 67 1.87 10.62 9.62
CA ASN A 67 2.67 11.26 10.64
C ASN A 67 3.04 12.68 10.20
N LYS A 68 3.50 12.78 8.95
CA LYS A 68 3.93 14.06 8.39
C LYS A 68 2.80 15.10 8.35
N ILE A 69 1.56 14.64 8.30
CA ILE A 69 0.41 15.54 8.26
C ILE A 69 0.02 15.99 9.67
N LYS A 70 0.40 15.22 10.68
CA LYS A 70 0.02 15.56 12.04
C LYS A 70 1.24 15.79 12.94
N LYS A 71 2.32 16.33 12.39
CA LYS A 71 3.50 16.57 13.20
C LYS A 71 3.83 18.05 13.33
N ASP A 72 3.81 18.53 14.55
CA ASP A 72 4.17 19.91 14.84
C ASP A 72 5.61 19.89 15.30
N LYS A 73 5.80 19.38 16.51
CA LYS A 73 7.11 19.20 17.13
C LYS A 73 7.97 20.46 17.21
N LYS A 74 7.59 21.37 18.09
CA LYS A 74 8.38 22.58 18.32
C LYS A 74 8.00 23.21 19.67
N HIS A 75 6.81 23.83 19.73
CA HIS A 75 6.28 24.45 20.96
C HIS A 75 5.11 25.36 20.62
N ALA B 1 -9.11 6.15 0.48
CA ALA B 1 -8.52 4.85 0.91
C ALA B 1 -8.94 3.73 -0.03
N ARG B 2 -8.18 3.52 -1.09
CA ARG B 2 -8.48 2.45 -2.04
C ARG B 2 -8.07 1.10 -1.44
N THR B 3 -9.04 0.27 -1.14
CA THR B 3 -8.77 -1.03 -0.53
C THR B 3 -9.12 -2.19 -1.46
N GLU B 5 -8.26 -6.79 -1.84
CA GLU B 5 -7.64 -7.98 -1.28
C GLU B 5 -7.30 -8.98 -2.38
N THR B 6 -8.30 -9.74 -2.82
CA THR B 6 -8.11 -10.75 -3.84
C THR B 6 -7.12 -11.80 -3.35
N ALA B 7 -7.53 -12.50 -2.29
CA ALA B 7 -6.70 -13.53 -1.67
C ALA B 7 -6.40 -14.67 -2.63
N ARG B 8 -5.34 -14.49 -3.43
CA ARG B 8 -4.91 -15.46 -4.42
C ARG B 8 -6.06 -15.84 -5.35
N LYS B 9 -6.73 -14.80 -5.86
CA LYS B 9 -7.87 -14.95 -6.78
C LYS B 9 -9.15 -15.39 -6.07
N SER B 10 -9.10 -15.49 -4.75
CA SER B 10 -10.26 -15.88 -3.98
C SER B 10 -10.52 -14.89 -2.84
N THR B 11 -11.24 -15.31 -1.83
CA THR B 11 -11.55 -14.46 -0.70
C THR B 11 -10.99 -15.06 0.60
N GLY B 12 -10.09 -16.03 0.45
CA GLY B 12 -9.50 -16.66 1.62
C GLY B 12 -8.42 -17.66 1.24
N GLY A 1 24.09 5.16 -3.17
CA GLY A 1 24.45 3.96 -2.43
C GLY A 1 23.78 2.70 -2.98
N SER A 2 24.34 1.55 -2.64
CA SER A 2 23.81 0.27 -3.10
C SER A 2 22.47 -0.04 -2.43
N HIS A 3 21.39 0.20 -3.17
CA HIS A 3 20.05 -0.04 -2.67
C HIS A 3 19.12 -0.41 -3.82
N MET A 4 18.27 -1.40 -3.59
CA MET A 4 17.30 -1.85 -4.61
C MET A 4 16.36 -0.70 -4.97
N ALA A 5 16.59 -0.11 -6.14
CA ALA A 5 15.76 1.01 -6.58
C ALA A 5 15.09 0.71 -7.91
N MET A 6 14.62 -0.51 -8.06
CA MET A 6 13.94 -0.92 -9.29
C MET A 6 12.45 -0.63 -9.18
N ALA A 7 12.14 0.51 -8.56
CA ALA A 7 10.77 0.97 -8.36
C ALA A 7 10.02 0.07 -7.38
N TYR A 8 8.80 0.46 -7.04
CA TYR A 8 7.96 -0.31 -6.13
C TYR A 8 6.82 -0.94 -6.89
N VAL A 9 6.93 -0.91 -8.21
CA VAL A 9 5.93 -1.48 -9.10
C VAL A 9 6.61 -2.39 -10.11
N ILE A 10 6.68 -3.66 -9.80
CA ILE A 10 7.31 -4.63 -10.68
C ILE A 10 6.26 -5.34 -11.52
N ARG A 11 6.71 -6.03 -12.56
CA ARG A 11 5.79 -6.75 -13.43
C ARG A 11 5.85 -8.24 -13.15
N ASP A 12 4.73 -8.92 -13.34
CA ASP A 12 4.66 -10.35 -13.12
C ASP A 12 4.84 -11.06 -14.48
N GLU A 13 4.81 -12.38 -14.48
CA GLU A 13 5.01 -13.15 -15.71
C GLU A 13 3.84 -12.99 -16.69
N TRP A 14 2.64 -12.80 -16.15
CA TRP A 14 1.46 -12.66 -17.01
C TRP A 14 1.30 -11.24 -17.53
N GLY A 15 1.70 -10.26 -16.73
CA GLY A 15 1.59 -8.87 -17.15
C GLY A 15 0.85 -8.01 -16.14
N ASN A 16 0.70 -8.52 -14.93
CA ASN A 16 0.02 -7.80 -13.86
C ASN A 16 1.01 -6.92 -13.11
N GLN A 17 0.50 -5.90 -12.44
CA GLN A 17 1.34 -4.99 -11.69
C GLN A 17 1.48 -5.47 -10.24
N ILE A 18 2.67 -5.93 -9.90
CA ILE A 18 2.96 -6.40 -8.55
C ILE A 18 3.60 -5.28 -7.75
N TRP A 19 2.99 -4.93 -6.65
CA TRP A 19 3.48 -3.85 -5.81
C TRP A 19 4.42 -4.34 -4.73
N ILE A 20 5.22 -3.43 -4.20
CA ILE A 20 6.15 -3.74 -3.14
C ILE A 20 5.81 -2.89 -1.92
N CYS A 21 5.67 -3.52 -0.76
CA CYS A 21 5.34 -2.78 0.45
C CYS A 21 6.58 -2.13 1.03
N PRO A 22 6.56 -0.81 1.27
CA PRO A 22 7.67 -0.09 1.88
C PRO A 22 7.82 -0.41 3.38
N GLY A 23 7.13 -1.47 3.84
CA GLY A 23 7.22 -1.87 5.22
C GLY A 23 8.13 -3.08 5.39
N CYS A 24 7.64 -4.25 5.01
CA CYS A 24 8.43 -5.48 5.13
C CYS A 24 9.31 -5.67 3.89
N ASN A 25 9.09 -4.83 2.87
CA ASN A 25 9.83 -4.88 1.62
C ASN A 25 9.49 -6.18 0.89
N LYS A 26 8.22 -6.52 0.95
CA LYS A 26 7.71 -7.72 0.33
C LYS A 26 6.78 -7.37 -0.83
N PRO A 27 6.67 -8.28 -1.82
CA PRO A 27 5.81 -8.08 -2.99
C PRO A 27 4.39 -8.58 -2.76
N ASP A 28 3.50 -8.16 -3.65
CA ASP A 28 2.10 -8.54 -3.60
C ASP A 28 1.85 -9.75 -4.51
N ASP A 29 0.77 -10.46 -4.23
CA ASP A 29 0.36 -11.63 -5.01
C ASP A 29 -1.13 -11.87 -4.80
N GLY A 30 -1.87 -10.77 -4.79
CA GLY A 30 -3.29 -10.86 -4.58
C GLY A 30 -3.63 -10.75 -3.12
N SER A 31 -2.83 -9.98 -2.41
CA SER A 31 -3.05 -9.77 -0.99
C SER A 31 -3.63 -8.39 -0.79
N PRO A 32 -4.36 -8.18 0.31
CA PRO A 32 -4.97 -6.90 0.58
C PRO A 32 -3.94 -5.85 0.93
N MET A 33 -3.76 -4.90 0.02
CA MET A 33 -2.82 -3.82 0.22
C MET A 33 -3.59 -2.51 0.27
N ILE A 34 -3.09 -1.59 1.06
CA ILE A 34 -3.74 -0.31 1.21
C ILE A 34 -2.84 0.79 0.66
N GLY A 35 -3.38 1.53 -0.29
CA GLY A 35 -2.62 2.62 -0.88
C GLY A 35 -2.89 3.92 -0.19
N CYS A 36 -1.84 4.73 -0.03
CA CYS A 36 -1.97 6.01 0.62
C CYS A 36 -2.68 6.98 -0.31
N ASP A 37 -3.42 7.91 0.25
CA ASP A 37 -4.13 8.89 -0.55
C ASP A 37 -3.25 10.11 -0.82
N ASP A 38 -1.98 10.01 -0.40
CA ASP A 38 -1.02 11.10 -0.58
C ASP A 38 0.13 10.72 -1.53
N CYS A 39 0.95 9.75 -1.13
CA CYS A 39 2.07 9.32 -1.94
C CYS A 39 1.64 8.33 -3.01
N ASP A 40 0.52 7.67 -2.77
CA ASP A 40 -0.07 6.69 -3.68
C ASP A 40 0.67 5.34 -3.61
N ASP A 41 1.59 5.20 -2.64
CA ASP A 41 2.32 3.94 -2.50
C ASP A 41 1.41 2.91 -1.84
N TRP A 42 1.76 1.65 -1.93
CA TRP A 42 0.93 0.60 -1.38
C TRP A 42 1.63 -0.18 -0.26
N TYR A 43 1.01 -0.17 0.91
CA TYR A 43 1.53 -0.87 2.08
C TYR A 43 0.65 -2.06 2.41
N HIS A 44 1.19 -3.07 3.06
CA HIS A 44 0.41 -4.24 3.45
C HIS A 44 -0.42 -3.90 4.67
N TRP A 45 -1.55 -4.57 4.81
CA TRP A 45 -2.46 -4.33 5.93
C TRP A 45 -1.83 -4.64 7.30
N PRO A 46 -1.31 -5.87 7.53
CA PRO A 46 -0.74 -6.24 8.83
C PRO A 46 0.41 -5.34 9.27
N CYS A 47 1.17 -4.84 8.29
CA CYS A 47 2.31 -3.97 8.56
C CYS A 47 1.86 -2.58 9.04
N VAL A 48 0.73 -2.08 8.53
CA VAL A 48 0.24 -0.76 8.92
C VAL A 48 -0.80 -0.82 10.04
N GLY A 49 -1.41 -1.99 10.22
CA GLY A 49 -2.40 -2.13 11.29
C GLY A 49 -3.83 -2.26 10.76
N ILE A 50 -3.98 -2.84 9.58
CA ILE A 50 -5.29 -3.03 8.98
C ILE A 50 -5.59 -4.52 8.91
N MET A 51 -6.86 -4.91 9.05
CA MET A 51 -7.22 -6.32 9.01
C MET A 51 -8.50 -6.56 8.20
N ALA A 52 -8.89 -5.58 7.39
CA ALA A 52 -10.09 -5.70 6.57
C ALA A 52 -10.20 -4.51 5.62
N ALA A 53 -11.10 -4.58 4.66
CA ALA A 53 -11.26 -3.52 3.67
C ALA A 53 -12.32 -2.51 4.06
N PRO A 54 -11.91 -1.26 4.32
CA PRO A 54 -12.82 -0.18 4.67
C PRO A 54 -13.26 0.57 3.41
N PRO A 55 -14.27 1.46 3.52
CA PRO A 55 -14.76 2.25 2.38
C PRO A 55 -13.63 3.04 1.73
N GLU A 56 -13.50 2.96 0.41
CA GLU A 56 -12.43 3.65 -0.29
C GLU A 56 -12.55 5.17 -0.17
N GLU A 57 -13.77 5.63 0.09
CA GLU A 57 -14.05 7.05 0.26
C GLU A 57 -13.36 7.60 1.51
N MET A 58 -12.96 6.70 2.41
CA MET A 58 -12.29 7.10 3.64
C MET A 58 -10.84 7.44 3.36
N GLN A 59 -10.42 8.64 3.75
CA GLN A 59 -9.06 9.09 3.54
C GLN A 59 -8.11 8.41 4.53
N TRP A 60 -7.05 7.84 4.00
CA TRP A 60 -6.05 7.15 4.80
C TRP A 60 -4.66 7.57 4.35
N PHE A 61 -3.74 7.69 5.29
CA PHE A 61 -2.37 8.07 5.00
C PHE A 61 -1.42 7.12 5.70
N CYS A 62 -0.31 6.80 5.04
CA CYS A 62 0.69 5.90 5.60
C CYS A 62 1.38 6.57 6.79
N PRO A 63 2.16 5.83 7.59
CA PRO A 63 2.89 6.41 8.73
C PRO A 63 3.90 7.49 8.34
N LYS A 64 4.10 7.71 7.04
CA LYS A 64 5.04 8.73 6.58
C LYS A 64 4.29 10.03 6.38
N CYS A 65 3.27 9.98 5.54
CA CYS A 65 2.46 11.13 5.24
C CYS A 65 1.54 11.50 6.41
N ALA A 66 1.00 10.50 7.11
CA ALA A 66 0.12 10.76 8.24
C ALA A 66 0.88 11.52 9.32
N ASN A 67 2.15 11.16 9.48
CA ASN A 67 3.00 11.78 10.49
C ASN A 67 3.60 13.08 9.97
N LYS A 68 3.67 13.23 8.64
CA LYS A 68 4.22 14.45 8.05
C LYS A 68 3.24 15.60 8.23
N ILE A 69 2.00 15.25 8.55
CA ILE A 69 0.96 16.23 8.79
C ILE A 69 0.88 16.47 10.29
N LYS A 70 0.61 15.38 11.02
CA LYS A 70 0.51 15.38 12.49
C LYS A 70 -0.67 16.19 13.03
N LYS A 71 -0.76 17.46 12.64
CA LYS A 71 -1.82 18.37 13.08
C LYS A 71 -1.61 18.77 14.53
N ASP A 72 -1.06 19.97 14.72
CA ASP A 72 -0.80 20.49 16.06
C ASP A 72 -1.83 21.56 16.40
N LYS A 73 -1.50 22.41 17.36
CA LYS A 73 -2.40 23.47 17.75
C LYS A 73 -2.41 24.57 16.69
N LYS A 74 -3.36 24.47 15.77
CA LYS A 74 -3.51 25.45 14.70
C LYS A 74 -4.21 26.70 15.22
N HIS A 75 -3.44 27.62 15.79
CA HIS A 75 -3.99 28.86 16.33
C HIS A 75 -2.86 29.86 16.63
N ALA B 1 -8.50 5.82 0.48
CA ALA B 1 -7.93 4.46 0.63
C ALA B 1 -8.54 3.49 -0.38
N ARG B 2 -7.88 3.32 -1.51
CA ARG B 2 -8.37 2.40 -2.55
C ARG B 2 -7.95 0.97 -2.21
N THR B 3 -8.44 0.47 -1.08
CA THR B 3 -8.13 -0.86 -0.58
C THR B 3 -8.58 -1.97 -1.53
N GLU B 5 -7.81 -6.38 -2.68
CA GLU B 5 -7.29 -7.66 -2.21
C GLU B 5 -7.05 -8.60 -3.38
N THR B 6 -8.12 -9.21 -3.90
CA THR B 6 -8.04 -10.14 -5.02
C THR B 6 -7.21 -11.36 -4.61
N ALA B 7 -7.64 -12.00 -3.52
CA ALA B 7 -6.95 -13.15 -2.98
C ALA B 7 -6.76 -14.24 -4.04
N ARG B 8 -5.52 -14.33 -4.53
CA ARG B 8 -5.14 -15.30 -5.55
C ARG B 8 -5.91 -15.03 -6.85
N LYS B 9 -6.04 -13.74 -7.16
CA LYS B 9 -6.72 -13.28 -8.36
C LYS B 9 -8.19 -13.74 -8.39
N SER B 10 -8.75 -13.98 -7.21
CA SER B 10 -10.13 -14.42 -7.11
C SER B 10 -10.76 -13.93 -5.81
N THR B 11 -10.56 -14.69 -4.74
CA THR B 11 -11.12 -14.34 -3.43
C THR B 11 -10.78 -15.42 -2.40
N GLY B 12 -10.40 -16.60 -2.87
CA GLY B 12 -10.05 -17.68 -1.97
C GLY B 12 -10.51 -19.02 -2.49
N GLY A 1 4.52 4.09 -20.43
CA GLY A 1 3.49 4.99 -19.96
C GLY A 1 4.03 6.38 -19.68
N SER A 2 3.14 7.33 -19.45
CA SER A 2 3.54 8.70 -19.17
C SER A 2 3.69 8.92 -17.66
N HIS A 3 3.78 7.82 -16.92
CA HIS A 3 3.92 7.88 -15.47
C HIS A 3 4.67 6.65 -14.95
N MET A 4 5.72 6.27 -15.69
CA MET A 4 6.54 5.10 -15.32
C MET A 4 7.25 5.36 -13.99
N ALA A 5 8.20 6.30 -14.03
CA ALA A 5 8.99 6.67 -12.85
C ALA A 5 9.71 5.46 -12.24
N MET A 6 9.82 5.45 -10.93
CA MET A 6 10.48 4.37 -10.21
C MET A 6 9.87 4.21 -8.83
N ALA A 7 8.73 3.54 -8.77
CA ALA A 7 8.03 3.32 -7.51
C ALA A 7 8.15 1.86 -7.11
N TYR A 8 7.30 1.44 -6.17
CA TYR A 8 7.32 0.06 -5.71
C TYR A 8 6.54 -0.84 -6.67
N VAL A 9 5.81 -0.20 -7.57
CA VAL A 9 5.05 -0.92 -8.58
C VAL A 9 5.96 -1.27 -9.76
N ILE A 10 6.50 -2.47 -9.72
CA ILE A 10 7.39 -2.94 -10.76
C ILE A 10 6.65 -3.84 -11.73
N ARG A 11 7.35 -4.31 -12.75
CA ARG A 11 6.74 -5.19 -13.73
C ARG A 11 7.33 -6.59 -13.62
N ASP A 12 6.46 -7.57 -13.62
CA ASP A 12 6.86 -8.96 -13.52
C ASP A 12 7.26 -9.49 -14.90
N GLU A 13 7.90 -10.66 -14.95
CA GLU A 13 8.37 -11.23 -16.22
C GLU A 13 7.23 -11.50 -17.20
N TRP A 14 6.04 -11.77 -16.69
CA TRP A 14 4.91 -12.04 -17.55
C TRP A 14 4.23 -10.74 -17.97
N GLY A 15 4.65 -9.64 -17.36
CA GLY A 15 4.09 -8.35 -17.70
C GLY A 15 3.12 -7.84 -16.66
N ASN A 16 2.90 -8.62 -15.60
CA ASN A 16 1.98 -8.23 -14.55
C ASN A 16 2.59 -7.10 -13.71
N GLN A 17 1.73 -6.25 -13.16
CA GLN A 17 2.20 -5.16 -12.32
C GLN A 17 2.27 -5.64 -10.89
N ILE A 18 3.48 -5.87 -10.41
CA ILE A 18 3.70 -6.36 -9.06
C ILE A 18 3.85 -5.20 -8.09
N TRP A 19 3.13 -5.26 -7.00
CA TRP A 19 3.18 -4.22 -5.98
C TRP A 19 3.98 -4.69 -4.79
N ILE A 20 5.15 -4.10 -4.59
CA ILE A 20 6.01 -4.44 -3.47
C ILE A 20 5.73 -3.51 -2.30
N CYS A 21 5.18 -4.05 -1.22
CA CYS A 21 4.88 -3.24 -0.05
C CYS A 21 6.14 -2.74 0.61
N PRO A 22 6.25 -1.41 0.82
CA PRO A 22 7.41 -0.80 1.47
C PRO A 22 7.55 -1.17 2.94
N GLY A 23 6.65 -2.02 3.42
CA GLY A 23 6.70 -2.46 4.81
C GLY A 23 7.63 -3.64 5.01
N CYS A 24 7.17 -4.81 4.61
CA CYS A 24 7.91 -6.05 4.74
C CYS A 24 8.67 -6.37 3.46
N ASN A 25 8.46 -5.55 2.43
CA ASN A 25 9.07 -5.72 1.12
C ASN A 25 8.48 -6.97 0.48
N LYS A 26 7.18 -7.14 0.70
CA LYS A 26 6.46 -8.28 0.17
C LYS A 26 5.52 -7.88 -0.96
N PRO A 27 5.49 -8.67 -2.04
CA PRO A 27 4.61 -8.41 -3.19
C PRO A 27 3.14 -8.70 -2.89
N ASP A 28 2.27 -8.33 -3.82
CA ASP A 28 0.83 -8.54 -3.68
C ASP A 28 0.44 -9.93 -4.15
N ASP A 29 0.75 -10.91 -3.32
CA ASP A 29 0.47 -12.32 -3.62
C ASP A 29 -0.96 -12.69 -3.26
N GLY A 30 -1.81 -11.69 -3.10
CA GLY A 30 -3.19 -11.94 -2.74
C GLY A 30 -3.52 -11.34 -1.40
N SER A 31 -2.50 -10.90 -0.70
CA SER A 31 -2.67 -10.28 0.59
C SER A 31 -3.24 -8.89 0.37
N PRO A 32 -4.28 -8.54 1.11
CA PRO A 32 -4.93 -7.25 0.96
C PRO A 32 -4.02 -6.07 1.21
N MET A 33 -4.23 -5.03 0.43
CA MET A 33 -3.45 -3.82 0.53
C MET A 33 -4.36 -2.60 0.55
N ILE A 34 -3.87 -1.53 1.12
CA ILE A 34 -4.60 -0.29 1.19
C ILE A 34 -3.83 0.78 0.43
N GLY A 35 -4.50 1.45 -0.48
CA GLY A 35 -3.87 2.49 -1.26
C GLY A 35 -3.76 3.78 -0.50
N CYS A 36 -2.57 4.33 -0.44
CA CYS A 36 -2.35 5.59 0.24
C CYS A 36 -2.96 6.71 -0.57
N ASP A 37 -3.56 7.68 0.11
CA ASP A 37 -4.19 8.80 -0.57
C ASP A 37 -3.14 9.81 -1.05
N ASP A 38 -1.88 9.59 -0.66
CA ASP A 38 -0.79 10.47 -1.04
C ASP A 38 0.18 9.74 -1.97
N CYS A 39 0.71 8.61 -1.51
CA CYS A 39 1.63 7.81 -2.30
C CYS A 39 0.96 7.14 -3.48
N ASP A 40 -0.30 6.79 -3.30
CA ASP A 40 -1.10 6.12 -4.33
C ASP A 40 -0.70 4.65 -4.47
N ASP A 41 0.44 4.29 -3.88
CA ASP A 41 0.92 2.93 -3.93
C ASP A 41 0.13 2.07 -2.95
N TRP A 42 0.33 0.77 -3.00
CA TRP A 42 -0.42 -0.15 -2.15
C TRP A 42 0.42 -0.69 -1.01
N TYR A 43 -0.09 -0.55 0.20
CA TYR A 43 0.58 -1.02 1.40
C TYR A 43 -0.24 -2.13 2.06
N HIS A 44 0.43 -3.16 2.59
CA HIS A 44 -0.28 -4.26 3.24
C HIS A 44 -1.02 -3.78 4.48
N TRP A 45 -2.14 -4.42 4.77
CA TRP A 45 -2.97 -4.06 5.91
C TRP A 45 -2.29 -4.35 7.26
N PRO A 46 -1.85 -5.61 7.52
CA PRO A 46 -1.22 -5.98 8.79
C PRO A 46 -0.04 -5.09 9.18
N CYS A 47 0.81 -4.78 8.21
CA CYS A 47 1.98 -3.95 8.44
C CYS A 47 1.62 -2.51 8.85
N VAL A 48 0.51 -1.98 8.34
CA VAL A 48 0.12 -0.61 8.66
C VAL A 48 -0.88 -0.55 9.84
N GLY A 49 -1.35 -1.70 10.29
CA GLY A 49 -2.26 -1.73 11.42
C GLY A 49 -3.73 -1.88 11.03
N ILE A 50 -3.97 -2.44 9.85
CA ILE A 50 -5.33 -2.65 9.38
C ILE A 50 -5.64 -4.15 9.35
N MET A 51 -6.89 -4.52 9.58
CA MET A 51 -7.27 -5.94 9.60
C MET A 51 -8.48 -6.23 8.71
N ALA A 52 -8.87 -5.26 7.88
CA ALA A 52 -10.01 -5.42 6.98
C ALA A 52 -10.12 -4.20 6.08
N ALA A 53 -11.28 -4.02 5.44
CA ALA A 53 -11.47 -2.90 4.53
C ALA A 53 -12.43 -1.87 5.12
N PRO A 54 -11.92 -0.69 5.47
CA PRO A 54 -12.73 0.40 6.00
C PRO A 54 -13.32 1.26 4.90
N PRO A 55 -14.24 2.21 5.23
CA PRO A 55 -14.85 3.09 4.22
C PRO A 55 -13.81 3.74 3.33
N GLU A 56 -13.86 3.41 2.04
CA GLU A 56 -12.92 3.92 1.06
C GLU A 56 -13.02 5.44 0.92
N GLU A 57 -14.16 5.98 1.30
CA GLU A 57 -14.40 7.41 1.25
C GLU A 57 -13.55 8.15 2.29
N MET A 58 -13.15 7.43 3.34
CA MET A 58 -12.36 8.01 4.41
C MET A 58 -10.92 8.21 3.96
N GLN A 59 -10.36 9.36 4.30
CA GLN A 59 -8.99 9.69 3.96
C GLN A 59 -8.02 8.93 4.85
N TRP A 60 -6.98 8.40 4.25
CA TRP A 60 -5.96 7.64 4.97
C TRP A 60 -4.59 7.86 4.35
N PHE A 61 -3.58 7.95 5.20
CA PHE A 61 -2.22 8.16 4.74
C PHE A 61 -1.30 7.12 5.38
N CYS A 62 -0.29 6.68 4.63
CA CYS A 62 0.65 5.70 5.16
C CYS A 62 1.48 6.32 6.29
N PRO A 63 2.19 5.51 7.08
CA PRO A 63 3.02 5.99 8.21
C PRO A 63 4.05 7.04 7.79
N LYS A 64 4.39 7.10 6.51
CA LYS A 64 5.38 8.06 6.05
C LYS A 64 4.74 9.42 5.85
N CYS A 65 3.65 9.45 5.11
CA CYS A 65 2.93 10.66 4.81
C CYS A 65 2.11 11.17 5.98
N ALA A 66 1.57 10.26 6.80
CA ALA A 66 0.79 10.64 7.97
C ALA A 66 1.67 11.41 8.95
N ASN A 67 2.95 11.05 8.96
CA ASN A 67 3.92 11.68 9.85
C ASN A 67 4.62 12.86 9.16
N LYS A 68 4.54 12.90 7.84
CA LYS A 68 5.15 13.98 7.08
C LYS A 68 4.31 15.26 7.17
N ILE A 69 3.09 15.11 7.64
CA ILE A 69 2.17 16.24 7.77
C ILE A 69 2.16 16.77 9.20
N LYS A 70 1.95 15.88 10.16
CA LYS A 70 1.90 16.24 11.57
C LYS A 70 3.29 16.64 12.10
N LYS A 71 3.71 17.87 11.80
CA LYS A 71 5.03 18.34 12.23
C LYS A 71 5.03 19.79 12.70
N ASP A 72 3.87 20.30 13.09
CA ASP A 72 3.78 21.69 13.54
C ASP A 72 4.57 21.90 14.83
N LYS A 73 5.70 22.63 14.70
CA LYS A 73 6.56 22.95 15.82
C LYS A 73 7.00 21.67 16.53
N LYS A 74 7.11 20.59 15.77
CA LYS A 74 7.53 19.31 16.32
C LYS A 74 8.49 18.60 15.37
N HIS A 75 8.87 17.38 15.71
CA HIS A 75 9.81 16.61 14.90
C HIS A 75 9.40 15.14 14.88
N ALA B 1 -8.80 6.35 1.02
CA ALA B 1 -8.29 4.99 1.31
C ALA B 1 -8.89 3.95 0.37
N ARG B 2 -8.14 3.50 -0.61
CA ARG B 2 -8.63 2.48 -1.54
C ARG B 2 -8.26 1.10 -1.01
N THR B 3 -9.22 0.19 -0.98
CA THR B 3 -8.97 -1.15 -0.48
C THR B 3 -9.15 -2.22 -1.55
N GLU B 5 -8.17 -6.89 -2.10
CA GLU B 5 -7.60 -8.11 -1.55
C GLU B 5 -7.02 -9.00 -2.64
N THR B 6 -7.90 -9.72 -3.35
CA THR B 6 -7.49 -10.63 -4.41
C THR B 6 -6.69 -11.78 -3.83
N ALA B 7 -7.23 -12.37 -2.77
CA ALA B 7 -6.58 -13.48 -2.09
C ALA B 7 -6.36 -14.65 -3.05
N ARG B 8 -5.08 -14.86 -3.37
CA ARG B 8 -4.63 -15.93 -4.28
C ARG B 8 -4.77 -15.51 -5.73
N LYS B 9 -4.79 -14.20 -5.94
CA LYS B 9 -4.91 -13.62 -7.29
C LYS B 9 -6.25 -13.99 -7.91
N SER B 10 -7.24 -14.27 -7.06
CA SER B 10 -8.56 -14.63 -7.53
C SER B 10 -9.58 -13.60 -7.04
N THR B 11 -9.85 -13.62 -5.74
CA THR B 11 -10.81 -12.68 -5.16
C THR B 11 -10.69 -12.65 -3.63
N GLY B 12 -11.14 -13.71 -2.97
CA GLY B 12 -11.08 -13.76 -1.52
C GLY B 12 -11.00 -15.18 -1.00
N GLY A 1 24.56 5.34 -4.53
CA GLY A 1 25.10 4.13 -3.94
C GLY A 1 24.43 2.87 -4.45
N SER A 2 25.02 1.72 -4.16
CA SER A 2 24.49 0.45 -4.59
C SER A 2 23.20 0.12 -3.84
N HIS A 3 22.07 0.35 -4.49
CA HIS A 3 20.77 0.09 -3.90
C HIS A 3 19.76 -0.29 -4.98
N MET A 4 18.94 -1.29 -4.71
CA MET A 4 17.92 -1.74 -5.65
C MET A 4 16.93 -0.61 -5.92
N ALA A 5 17.03 -0.02 -7.10
CA ALA A 5 16.15 1.09 -7.47
C ALA A 5 15.38 0.78 -8.74
N MET A 6 14.90 -0.45 -8.86
CA MET A 6 14.13 -0.86 -10.03
C MET A 6 12.64 -0.61 -9.80
N ALA A 7 12.36 0.51 -9.14
CA ALA A 7 10.99 0.94 -8.82
C ALA A 7 10.33 0.01 -7.80
N TYR A 8 9.13 0.40 -7.38
CA TYR A 8 8.37 -0.39 -6.42
C TYR A 8 7.17 -1.02 -7.10
N VAL A 9 7.22 -1.04 -8.43
CA VAL A 9 6.17 -1.61 -9.25
C VAL A 9 6.81 -2.48 -10.33
N ILE A 10 7.02 -3.75 -10.01
CA ILE A 10 7.62 -4.67 -10.95
C ILE A 10 6.55 -5.36 -11.79
N ARG A 11 6.97 -6.03 -12.85
CA ARG A 11 6.03 -6.71 -13.72
C ARG A 11 5.97 -8.20 -13.40
N ASP A 12 4.76 -8.75 -13.48
CA ASP A 12 4.53 -10.16 -13.22
C ASP A 12 4.69 -10.94 -14.54
N GLU A 13 4.70 -12.27 -14.47
CA GLU A 13 4.88 -13.09 -15.66
C GLU A 13 3.74 -12.90 -16.66
N TRP A 14 2.54 -12.63 -16.16
CA TRP A 14 1.39 -12.42 -17.03
C TRP A 14 1.29 -10.94 -17.43
N GLY A 15 2.16 -10.13 -16.84
CA GLY A 15 2.18 -8.72 -17.15
C GLY A 15 1.47 -7.87 -16.10
N ASN A 16 1.04 -8.51 -15.02
CA ASN A 16 0.34 -7.80 -13.94
C ASN A 16 1.30 -6.89 -13.19
N GLN A 17 0.77 -5.87 -12.56
CA GLN A 17 1.57 -4.92 -11.80
C GLN A 17 1.76 -5.42 -10.38
N ILE A 18 2.98 -5.80 -10.04
CA ILE A 18 3.28 -6.28 -8.70
C ILE A 18 3.87 -5.16 -7.86
N TRP A 19 3.10 -4.72 -6.88
CA TRP A 19 3.51 -3.65 -6.00
C TRP A 19 4.46 -4.16 -4.93
N ILE A 20 5.36 -3.29 -4.49
CA ILE A 20 6.31 -3.63 -3.44
C ILE A 20 6.00 -2.79 -2.21
N CYS A 21 5.62 -3.45 -1.13
CA CYS A 21 5.29 -2.76 0.11
C CYS A 21 6.54 -2.14 0.73
N PRO A 22 6.53 -0.81 0.96
CA PRO A 22 7.65 -0.11 1.58
C PRO A 22 7.77 -0.41 3.08
N GLY A 23 7.19 -1.52 3.52
CA GLY A 23 7.27 -1.92 4.91
C GLY A 23 8.21 -3.09 5.10
N CYS A 24 7.74 -4.28 4.73
CA CYS A 24 8.53 -5.50 4.83
C CYS A 24 9.39 -5.67 3.57
N ASN A 25 9.12 -4.84 2.57
CA ASN A 25 9.82 -4.87 1.29
C ASN A 25 9.44 -6.13 0.55
N LYS A 26 8.16 -6.44 0.61
CA LYS A 26 7.60 -7.60 -0.02
C LYS A 26 6.71 -7.21 -1.19
N PRO A 27 6.60 -8.10 -2.19
CA PRO A 27 5.77 -7.87 -3.37
C PRO A 27 4.31 -8.21 -3.14
N ASP A 28 3.51 -8.18 -4.20
CA ASP A 28 2.10 -8.51 -4.11
C ASP A 28 1.92 -10.01 -3.96
N ASP A 29 1.57 -10.42 -2.76
CA ASP A 29 1.34 -11.83 -2.44
C ASP A 29 -0.11 -12.20 -2.72
N GLY A 30 -0.86 -11.28 -3.30
CA GLY A 30 -2.26 -11.51 -3.57
C GLY A 30 -3.10 -11.08 -2.39
N SER A 31 -2.42 -10.69 -1.34
CA SER A 31 -3.02 -10.25 -0.11
C SER A 31 -3.57 -8.86 -0.31
N PRO A 32 -4.45 -8.39 0.59
CA PRO A 32 -5.01 -7.07 0.46
C PRO A 32 -4.02 -5.98 0.80
N MET A 33 -3.87 -5.05 -0.12
CA MET A 33 -2.96 -3.93 0.06
C MET A 33 -3.76 -2.65 0.17
N ILE A 34 -3.22 -1.68 0.89
CA ILE A 34 -3.89 -0.40 1.06
C ILE A 34 -3.04 0.71 0.48
N GLY A 35 -3.65 1.49 -0.41
CA GLY A 35 -2.94 2.59 -1.02
C GLY A 35 -3.18 3.89 -0.29
N CYS A 36 -2.12 4.67 -0.11
CA CYS A 36 -2.22 5.95 0.57
C CYS A 36 -2.93 6.96 -0.32
N ASP A 37 -3.42 8.03 0.28
CA ASP A 37 -4.11 9.05 -0.48
C ASP A 37 -3.19 10.24 -0.72
N ASP A 38 -1.94 10.11 -0.30
CA ASP A 38 -0.94 11.17 -0.46
C ASP A 38 0.17 10.74 -1.43
N CYS A 39 0.94 9.71 -1.06
CA CYS A 39 2.03 9.23 -1.91
C CYS A 39 1.53 8.29 -2.99
N ASP A 40 0.37 7.67 -2.73
CA ASP A 40 -0.28 6.72 -3.64
C ASP A 40 0.44 5.38 -3.62
N ASP A 41 1.36 5.19 -2.67
CA ASP A 41 2.08 3.93 -2.56
C ASP A 41 1.18 2.88 -1.93
N TRP A 42 1.53 1.62 -2.06
CA TRP A 42 0.70 0.55 -1.53
C TRP A 42 1.43 -0.26 -0.46
N TYR A 43 0.87 -0.24 0.74
CA TYR A 43 1.43 -0.97 1.87
C TYR A 43 0.54 -2.16 2.21
N HIS A 44 1.09 -3.17 2.87
CA HIS A 44 0.30 -4.33 3.27
C HIS A 44 -0.48 -3.99 4.54
N TRP A 45 -1.63 -4.63 4.69
CA TRP A 45 -2.50 -4.38 5.84
C TRP A 45 -1.83 -4.68 7.18
N PRO A 46 -1.29 -5.89 7.41
CA PRO A 46 -0.68 -6.25 8.70
C PRO A 46 0.48 -5.33 9.10
N CYS A 47 1.25 -4.88 8.12
CA CYS A 47 2.39 -4.00 8.38
C CYS A 47 1.95 -2.60 8.85
N VAL A 48 0.83 -2.10 8.32
CA VAL A 48 0.36 -0.77 8.70
C VAL A 48 -0.68 -0.81 9.83
N GLY A 49 -1.18 -2.00 10.17
CA GLY A 49 -2.15 -2.10 11.24
C GLY A 49 -3.58 -2.15 10.75
N ILE A 50 -3.78 -2.68 9.56
CA ILE A 50 -5.12 -2.79 8.99
C ILE A 50 -5.54 -4.27 8.96
N MET A 51 -6.81 -4.54 9.21
CA MET A 51 -7.29 -5.92 9.23
C MET A 51 -8.57 -6.12 8.41
N ALA A 52 -8.87 -5.16 7.53
CA ALA A 52 -10.06 -5.23 6.69
C ALA A 52 -10.08 -4.06 5.71
N ALA A 53 -11.02 -4.07 4.78
CA ALA A 53 -11.12 -3.02 3.78
C ALA A 53 -12.27 -2.06 4.07
N PRO A 54 -11.94 -0.79 4.31
CA PRO A 54 -12.93 0.25 4.56
C PRO A 54 -13.33 0.95 3.26
N PRO A 55 -14.36 1.81 3.29
CA PRO A 55 -14.79 2.55 2.08
C PRO A 55 -13.64 3.38 1.52
N GLU A 56 -13.38 3.24 0.22
CA GLU A 56 -12.29 3.97 -0.42
C GLU A 56 -12.51 5.48 -0.36
N GLU A 57 -13.77 5.87 -0.18
CA GLU A 57 -14.14 7.27 -0.08
C GLU A 57 -13.51 7.90 1.16
N MET A 58 -13.18 7.06 2.13
CA MET A 58 -12.56 7.52 3.36
C MET A 58 -11.08 7.78 3.12
N GLN A 59 -10.59 8.89 3.64
CA GLN A 59 -9.19 9.25 3.47
C GLN A 59 -8.31 8.56 4.51
N TRP A 60 -7.19 8.02 4.06
CA TRP A 60 -6.25 7.34 4.93
C TRP A 60 -4.83 7.64 4.45
N PHE A 61 -3.91 7.75 5.38
CA PHE A 61 -2.52 8.03 5.04
C PHE A 61 -1.61 7.03 5.73
N CYS A 62 -0.52 6.66 5.07
CA CYS A 62 0.44 5.72 5.61
C CYS A 62 1.16 6.35 6.81
N PRO A 63 1.91 5.56 7.60
CA PRO A 63 2.64 6.07 8.76
C PRO A 63 3.70 7.12 8.40
N LYS A 64 3.89 7.36 7.10
CA LYS A 64 4.87 8.36 6.67
C LYS A 64 4.16 9.69 6.51
N CYS A 65 3.15 9.69 5.66
CA CYS A 65 2.36 10.88 5.38
C CYS A 65 1.45 11.25 6.55
N ALA A 66 0.90 10.26 7.23
CA ALA A 66 0.03 10.52 8.38
C ALA A 66 0.81 11.22 9.48
N ASN A 67 2.06 10.81 9.63
CA ASN A 67 2.94 11.37 10.65
C ASN A 67 3.58 12.66 10.18
N LYS A 68 3.66 12.84 8.86
CA LYS A 68 4.25 14.06 8.29
C LYS A 68 3.31 15.23 8.50
N ILE A 69 2.06 14.93 8.79
CA ILE A 69 1.06 15.94 9.06
C ILE A 69 0.97 16.14 10.57
N LYS A 70 0.65 15.04 11.26
CA LYS A 70 0.55 15.01 12.72
C LYS A 70 -0.61 15.85 13.28
N LYS A 71 -0.66 17.13 12.91
CA LYS A 71 -1.68 18.07 13.38
C LYS A 71 -1.45 18.42 14.85
N ASP A 72 -0.89 19.60 15.08
CA ASP A 72 -0.63 20.06 16.44
C ASP A 72 -1.60 21.16 16.80
N LYS A 73 -1.24 21.98 17.77
CA LYS A 73 -2.10 23.06 18.19
C LYS A 73 -2.06 24.19 17.16
N LYS A 74 -3.02 24.15 16.23
CA LYS A 74 -3.12 25.15 15.20
C LYS A 74 -3.78 26.41 15.75
N HIS A 75 -2.98 27.27 16.35
CA HIS A 75 -3.47 28.53 16.92
C HIS A 75 -2.32 29.47 17.24
N ALA B 1 -8.57 6.12 0.45
CA ALA B 1 -7.95 4.84 0.87
C ALA B 1 -8.48 3.70 0.03
N ARG B 2 -7.83 3.45 -1.10
CA ARG B 2 -8.23 2.37 -1.98
C ARG B 2 -7.67 1.04 -1.49
N THR B 3 -8.57 0.17 -1.06
CA THR B 3 -8.19 -1.14 -0.56
C THR B 3 -8.72 -2.25 -1.46
N GLU B 5 -8.36 -6.63 -2.35
CA GLU B 5 -7.91 -7.95 -1.95
C GLU B 5 -8.04 -8.91 -3.12
N THR B 6 -6.92 -9.47 -3.56
CA THR B 6 -6.92 -10.39 -4.68
C THR B 6 -6.90 -11.84 -4.21
N ALA B 7 -7.03 -12.03 -2.90
CA ALA B 7 -7.02 -13.35 -2.30
C ALA B 7 -8.40 -14.00 -2.34
N ARG B 8 -9.24 -13.54 -3.27
CA ARG B 8 -10.60 -14.06 -3.42
C ARG B 8 -10.60 -15.41 -4.15
N LYS B 9 -9.72 -16.30 -3.70
CA LYS B 9 -9.59 -17.63 -4.27
C LYS B 9 -9.01 -18.58 -3.23
N SER B 10 -9.08 -18.18 -1.98
CA SER B 10 -8.55 -18.97 -0.89
C SER B 10 -9.60 -19.13 0.22
N THR B 11 -9.48 -20.19 0.99
CA THR B 11 -10.41 -20.45 2.08
C THR B 11 -9.87 -19.89 3.39
N GLY B 12 -8.67 -19.33 3.32
CA GLY B 12 -8.05 -18.76 4.50
C GLY B 12 -6.87 -17.88 4.15
N GLY A 1 22.16 -0.48 -2.00
CA GLY A 1 21.45 0.76 -2.25
C GLY A 1 20.98 0.85 -3.70
N SER A 2 19.99 0.05 -4.04
CA SER A 2 19.45 0.02 -5.38
C SER A 2 18.48 1.17 -5.60
N HIS A 3 18.05 1.35 -6.84
CA HIS A 3 17.11 2.42 -7.17
C HIS A 3 15.69 2.02 -6.81
N MET A 4 15.35 2.18 -5.55
CA MET A 4 14.02 1.85 -5.05
C MET A 4 13.14 3.09 -5.08
N ALA A 5 13.27 3.93 -4.05
CA ALA A 5 12.52 5.18 -3.94
C ALA A 5 11.01 4.96 -3.78
N MET A 6 10.28 5.06 -4.89
CA MET A 6 8.82 4.92 -4.88
C MET A 6 8.34 4.21 -6.13
N ALA A 7 7.03 3.93 -6.18
CA ALA A 7 6.41 3.27 -7.33
C ALA A 7 6.91 1.84 -7.48
N TYR A 8 6.67 1.04 -6.45
CA TYR A 8 7.09 -0.35 -6.44
C TYR A 8 6.09 -1.23 -7.18
N VAL A 9 5.88 -0.92 -8.44
CA VAL A 9 4.95 -1.65 -9.27
C VAL A 9 5.60 -2.06 -10.59
N ILE A 10 5.96 -3.33 -10.69
CA ILE A 10 6.62 -3.86 -11.88
C ILE A 10 5.73 -4.88 -12.58
N ARG A 11 6.30 -5.63 -13.51
CA ARG A 11 5.57 -6.65 -14.25
C ARG A 11 6.31 -7.97 -14.19
N ASP A 12 5.57 -9.06 -14.33
CA ASP A 12 6.16 -10.39 -14.30
C ASP A 12 6.36 -10.93 -15.73
N GLU A 13 6.37 -12.25 -15.86
CA GLU A 13 6.56 -12.89 -17.16
C GLU A 13 5.27 -12.95 -17.98
N TRP A 14 4.15 -12.65 -17.35
CA TRP A 14 2.87 -12.68 -18.05
C TRP A 14 2.35 -11.27 -18.33
N GLY A 15 2.83 -10.31 -17.55
CA GLY A 15 2.42 -8.93 -17.72
C GLY A 15 1.64 -8.42 -16.54
N ASN A 16 1.62 -9.20 -15.48
CA ASN A 16 0.89 -8.83 -14.26
C ASN A 16 1.68 -7.78 -13.50
N GLN A 17 0.96 -6.92 -12.79
CA GLN A 17 1.58 -5.87 -12.00
C GLN A 17 1.97 -6.40 -10.64
N ILE A 18 3.28 -6.55 -10.42
CA ILE A 18 3.78 -7.05 -9.14
C ILE A 18 4.03 -5.87 -8.21
N TRP A 19 3.27 -5.84 -7.13
CA TRP A 19 3.39 -4.78 -6.14
C TRP A 19 4.31 -5.17 -5.00
N ILE A 20 5.23 -4.29 -4.65
CA ILE A 20 6.15 -4.54 -3.56
C ILE A 20 5.91 -3.52 -2.46
N CYS A 21 5.36 -3.98 -1.34
CA CYS A 21 5.06 -3.09 -0.23
C CYS A 21 6.31 -2.36 0.24
N PRO A 22 6.24 -1.01 0.31
CA PRO A 22 7.36 -0.20 0.76
C PRO A 22 7.58 -0.32 2.27
N GLY A 23 6.80 -1.17 2.91
CA GLY A 23 6.94 -1.38 4.34
C GLY A 23 7.99 -2.42 4.67
N CYS A 24 7.67 -3.68 4.44
CA CYS A 24 8.59 -4.77 4.71
C CYS A 24 9.34 -5.16 3.45
N ASN A 25 9.03 -4.47 2.35
CA ASN A 25 9.64 -4.74 1.05
C ASN A 25 9.27 -6.14 0.60
N LYS A 26 7.97 -6.39 0.52
CA LYS A 26 7.46 -7.69 0.11
C LYS A 26 6.39 -7.56 -0.96
N PRO A 27 6.45 -8.42 -1.99
CA PRO A 27 5.45 -8.44 -3.06
C PRO A 27 4.08 -8.86 -2.54
N ASP A 28 3.06 -8.68 -3.37
CA ASP A 28 1.72 -9.07 -2.98
C ASP A 28 1.46 -10.50 -3.41
N ASP A 29 1.13 -11.34 -2.45
CA ASP A 29 0.86 -12.76 -2.69
C ASP A 29 -0.64 -13.00 -2.81
N GLY A 30 -1.35 -11.99 -3.27
CA GLY A 30 -2.79 -12.09 -3.41
C GLY A 30 -3.47 -11.73 -2.11
N SER A 31 -2.96 -10.71 -1.45
CA SER A 31 -3.49 -10.23 -0.19
C SER A 31 -4.05 -8.83 -0.37
N PRO A 32 -4.76 -8.30 0.64
CA PRO A 32 -5.31 -6.97 0.55
C PRO A 32 -4.28 -5.90 0.85
N MET A 33 -4.12 -4.98 -0.08
CA MET A 33 -3.17 -3.89 0.07
C MET A 33 -3.90 -2.58 0.26
N ILE A 34 -3.23 -1.63 0.89
CA ILE A 34 -3.81 -0.32 1.12
C ILE A 34 -2.94 0.76 0.49
N GLY A 35 -3.51 1.45 -0.47
CA GLY A 35 -2.80 2.51 -1.14
C GLY A 35 -2.90 3.80 -0.39
N CYS A 36 -1.76 4.40 -0.07
CA CYS A 36 -1.72 5.65 0.65
C CYS A 36 -2.24 6.77 -0.24
N ASP A 37 -2.90 7.76 0.36
CA ASP A 37 -3.43 8.88 -0.40
C ASP A 37 -2.35 9.93 -0.66
N ASP A 38 -1.20 9.76 0.00
CA ASP A 38 -0.08 10.69 -0.16
C ASP A 38 1.01 10.04 -1.01
N CYS A 39 1.55 8.91 -0.54
CA CYS A 39 2.58 8.19 -1.28
C CYS A 39 2.02 7.61 -2.57
N ASP A 40 0.71 7.32 -2.55
CA ASP A 40 -0.02 6.75 -3.69
C ASP A 40 0.35 5.28 -3.91
N ASP A 41 1.49 4.87 -3.35
CA ASP A 41 1.97 3.50 -3.47
C ASP A 41 1.08 2.53 -2.68
N TRP A 42 1.30 1.24 -2.86
CA TRP A 42 0.48 0.24 -2.19
C TRP A 42 1.24 -0.45 -1.06
N TYR A 43 0.74 -0.27 0.16
CA TYR A 43 1.34 -0.86 1.34
C TYR A 43 0.51 -2.05 1.80
N HIS A 44 1.12 -2.95 2.57
CA HIS A 44 0.39 -4.11 3.09
C HIS A 44 -0.48 -3.66 4.27
N TRP A 45 -1.36 -4.55 4.71
CA TRP A 45 -2.25 -4.23 5.82
C TRP A 45 -1.63 -4.47 7.20
N PRO A 46 -1.13 -5.69 7.48
CA PRO A 46 -0.56 -6.01 8.80
C PRO A 46 0.64 -5.12 9.15
N CYS A 47 1.43 -4.77 8.15
CA CYS A 47 2.60 -3.92 8.35
C CYS A 47 2.23 -2.50 8.80
N VAL A 48 1.06 -2.01 8.38
CA VAL A 48 0.64 -0.65 8.77
C VAL A 48 -0.37 -0.65 9.91
N GLY A 49 -0.90 -1.81 10.25
CA GLY A 49 -1.86 -1.90 11.34
C GLY A 49 -3.30 -1.93 10.87
N ILE A 50 -3.52 -2.43 9.66
CA ILE A 50 -4.85 -2.53 9.10
C ILE A 50 -5.28 -3.99 9.04
N MET A 51 -6.53 -4.28 9.38
CA MET A 51 -7.02 -5.65 9.36
C MET A 51 -8.34 -5.78 8.62
N ALA A 52 -8.68 -4.77 7.83
CA ALA A 52 -9.93 -4.78 7.08
C ALA A 52 -9.97 -3.62 6.08
N ALA A 53 -10.92 -3.66 5.15
CA ALA A 53 -11.04 -2.63 4.12
C ALA A 53 -12.03 -1.55 4.51
N PRO A 54 -11.54 -0.33 4.77
CA PRO A 54 -12.38 0.81 5.12
C PRO A 54 -12.96 1.45 3.85
N PRO A 55 -13.99 2.30 3.99
CA PRO A 55 -14.60 2.99 2.84
C PRO A 55 -13.58 3.80 2.05
N GLU A 56 -13.55 3.60 0.74
CA GLU A 56 -12.61 4.30 -0.13
C GLU A 56 -12.89 5.79 -0.16
N GLU A 57 -14.12 6.16 0.21
CA GLU A 57 -14.54 7.55 0.26
C GLU A 57 -13.80 8.31 1.37
N MET A 58 -13.23 7.56 2.30
CA MET A 58 -12.49 8.14 3.40
C MET A 58 -11.00 8.12 3.09
N GLN A 59 -10.30 9.16 3.52
CA GLN A 59 -8.87 9.26 3.27
C GLN A 59 -8.08 8.51 4.34
N TRP A 60 -6.91 8.03 3.95
CA TRP A 60 -6.03 7.30 4.85
C TRP A 60 -4.59 7.56 4.45
N PHE A 61 -3.72 7.71 5.43
CA PHE A 61 -2.32 7.96 5.17
C PHE A 61 -1.46 7.02 6.00
N CYS A 62 -0.31 6.65 5.46
CA CYS A 62 0.61 5.74 6.14
C CYS A 62 1.18 6.42 7.40
N PRO A 63 1.80 5.65 8.31
CA PRO A 63 2.38 6.18 9.55
C PRO A 63 3.37 7.33 9.32
N LYS A 64 3.87 7.46 8.09
CA LYS A 64 4.82 8.54 7.79
C LYS A 64 4.07 9.84 7.53
N CYS A 65 3.18 9.79 6.55
CA CYS A 65 2.42 10.95 6.15
C CYS A 65 1.37 11.33 7.19
N ALA A 66 0.82 10.34 7.89
CA ALA A 66 -0.15 10.61 8.93
C ALA A 66 0.51 11.38 10.06
N ASN A 67 1.83 11.25 10.15
CA ASN A 67 2.61 11.94 11.17
C ASN A 67 2.84 13.40 10.77
N LYS A 68 3.09 13.63 9.49
CA LYS A 68 3.34 14.97 8.98
C LYS A 68 2.07 15.80 8.97
N ILE A 69 0.92 15.13 8.98
CA ILE A 69 -0.36 15.81 8.99
C ILE A 69 -0.71 16.27 10.40
N LYS A 70 -0.71 15.32 11.33
CA LYS A 70 -1.05 15.62 12.71
C LYS A 70 0.00 16.50 13.39
N LYS A 71 1.27 16.26 13.08
CA LYS A 71 2.39 17.01 13.69
C LYS A 71 2.37 16.82 15.21
N ASP A 72 1.60 15.81 15.61
CA ASP A 72 1.39 15.41 17.00
C ASP A 72 0.66 16.49 17.79
N LYS A 73 -0.50 16.12 18.31
CA LYS A 73 -1.34 17.04 19.08
C LYS A 73 -0.64 17.50 20.36
N LYS A 74 0.23 16.65 20.89
CA LYS A 74 0.97 16.93 22.12
C LYS A 74 0.05 16.82 23.34
N HIS A 75 0.55 16.24 24.42
CA HIS A 75 -0.23 16.08 25.63
C HIS A 75 0.67 16.06 26.86
N ALA B 1 -8.24 6.62 0.43
CA ALA B 1 -7.71 5.28 0.74
C ALA B 1 -8.04 4.31 -0.37
N ARG B 2 -7.06 3.52 -0.78
CA ARG B 2 -7.27 2.53 -1.82
C ARG B 2 -7.08 1.14 -1.25
N THR B 3 -8.15 0.51 -0.84
CA THR B 3 -8.08 -0.81 -0.26
C THR B 3 -8.70 -1.86 -1.17
N GLU B 5 -8.69 -6.35 -1.95
CA GLU B 5 -8.31 -7.69 -1.52
C GLU B 5 -8.30 -8.64 -2.72
N THR B 6 -7.12 -9.12 -3.06
CA THR B 6 -6.96 -10.03 -4.18
C THR B 6 -7.03 -11.49 -3.74
N ALA B 7 -7.42 -11.71 -2.49
CA ALA B 7 -7.51 -13.06 -1.95
C ALA B 7 -8.84 -13.71 -2.32
N ARG B 8 -9.06 -13.88 -3.61
CA ARG B 8 -10.29 -14.49 -4.11
C ARG B 8 -10.02 -15.92 -4.54
N LYS B 9 -8.99 -16.53 -3.97
CA LYS B 9 -8.63 -17.89 -4.31
C LYS B 9 -9.28 -18.87 -3.33
N SER B 10 -10.57 -18.73 -3.13
CA SER B 10 -11.33 -19.59 -2.24
C SER B 10 -11.51 -20.98 -2.84
N THR B 11 -12.16 -21.86 -2.10
CA THR B 11 -12.42 -23.22 -2.56
C THR B 11 -13.44 -23.23 -3.69
N GLY B 12 -14.34 -22.25 -3.64
CA GLY B 12 -15.36 -22.13 -4.66
C GLY B 12 -15.77 -20.69 -4.86
N GLY A 1 22.47 -2.18 -11.89
CA GLY A 1 21.15 -2.76 -12.09
C GLY A 1 20.14 -1.73 -12.54
N SER A 2 19.24 -2.12 -13.42
CA SER A 2 18.23 -1.20 -13.92
C SER A 2 17.25 -0.81 -12.82
N HIS A 3 17.08 0.50 -12.64
CA HIS A 3 16.18 1.01 -11.62
C HIS A 3 15.32 2.11 -12.21
N MET A 4 14.28 1.72 -12.94
CA MET A 4 13.37 2.66 -13.56
C MET A 4 12.45 3.26 -12.50
N ALA A 5 12.05 4.51 -12.71
CA ALA A 5 11.16 5.17 -11.77
C ALA A 5 9.73 4.69 -11.97
N MET A 6 9.46 3.48 -11.52
CA MET A 6 8.13 2.90 -11.64
C MET A 6 7.55 2.60 -10.26
N ALA A 7 7.96 3.43 -9.29
CA ALA A 7 7.50 3.32 -7.90
C ALA A 7 7.81 1.93 -7.32
N TYR A 8 6.91 1.43 -6.48
CA TYR A 8 7.11 0.13 -5.85
C TYR A 8 6.28 -0.96 -6.52
N VAL A 9 6.20 -0.92 -7.84
CA VAL A 9 5.44 -1.92 -8.57
C VAL A 9 6.25 -2.45 -9.76
N ILE A 10 6.36 -3.78 -9.82
CA ILE A 10 7.10 -4.42 -10.90
C ILE A 10 6.14 -5.19 -11.80
N ARG A 11 6.63 -5.64 -12.94
CA ARG A 11 5.82 -6.39 -13.88
C ARG A 11 6.20 -7.87 -13.84
N ASP A 12 5.17 -8.72 -13.78
CA ASP A 12 5.39 -10.15 -13.76
C ASP A 12 5.51 -10.68 -15.19
N GLU A 13 5.84 -11.95 -15.35
CA GLU A 13 6.03 -12.55 -16.67
C GLU A 13 4.76 -12.52 -17.53
N TRP A 14 3.60 -12.49 -16.91
CA TRP A 14 2.34 -12.47 -17.65
C TRP A 14 1.84 -11.03 -17.83
N GLY A 15 2.49 -10.09 -17.18
CA GLY A 15 2.09 -8.70 -17.29
C GLY A 15 1.30 -8.21 -16.08
N ASN A 16 1.37 -8.96 -14.99
CA ASN A 16 0.67 -8.59 -13.77
C ASN A 16 1.47 -7.56 -13.00
N GLN A 17 0.76 -6.65 -12.33
CA GLN A 17 1.42 -5.61 -11.54
C GLN A 17 1.68 -6.10 -10.12
N ILE A 18 2.92 -6.52 -9.88
CA ILE A 18 3.32 -7.00 -8.56
C ILE A 18 3.81 -5.83 -7.72
N TRP A 19 3.09 -5.54 -6.66
CA TRP A 19 3.44 -4.44 -5.77
C TRP A 19 4.36 -4.88 -4.65
N ILE A 20 5.28 -4.02 -4.28
CA ILE A 20 6.20 -4.30 -3.19
C ILE A 20 5.92 -3.34 -2.05
N CYS A 21 5.49 -3.88 -0.92
CA CYS A 21 5.18 -3.07 0.25
C CYS A 21 6.44 -2.50 0.86
N PRO A 22 6.52 -1.16 0.99
CA PRO A 22 7.66 -0.50 1.59
C PRO A 22 7.79 -0.81 3.09
N GLY A 23 6.88 -1.64 3.61
CA GLY A 23 6.92 -2.02 5.01
C GLY A 23 7.87 -3.18 5.25
N CYS A 24 7.40 -4.39 4.95
CA CYS A 24 8.20 -5.59 5.13
C CYS A 24 9.14 -5.76 3.95
N ASN A 25 8.91 -4.94 2.93
CA ASN A 25 9.70 -4.94 1.70
C ASN A 25 9.54 -6.25 0.98
N LYS A 26 8.29 -6.61 0.71
CA LYS A 26 7.98 -7.86 0.04
C LYS A 26 6.97 -7.65 -1.09
N PRO A 27 7.02 -8.51 -2.12
CA PRO A 27 6.09 -8.46 -3.25
C PRO A 27 4.74 -9.10 -2.94
N ASP A 28 3.68 -8.55 -3.52
CA ASP A 28 2.33 -9.07 -3.30
C ASP A 28 1.96 -10.12 -4.34
N ASP A 29 1.06 -11.02 -3.94
CA ASP A 29 0.58 -12.10 -4.80
C ASP A 29 -0.93 -12.31 -4.59
N GLY A 30 -1.53 -11.50 -3.73
CA GLY A 30 -2.94 -11.62 -3.45
C GLY A 30 -3.30 -11.25 -2.03
N SER A 31 -2.53 -10.37 -1.44
CA SER A 31 -2.80 -9.92 -0.09
C SER A 31 -3.40 -8.53 -0.17
N PRO A 32 -4.36 -8.21 0.70
CA PRO A 32 -5.01 -6.92 0.68
C PRO A 32 -4.06 -5.78 1.01
N MET A 33 -3.86 -4.91 0.04
CA MET A 33 -3.01 -3.75 0.19
C MET A 33 -3.87 -2.50 0.25
N ILE A 34 -3.38 -1.50 0.95
CA ILE A 34 -4.10 -0.25 1.09
C ILE A 34 -3.30 0.88 0.46
N GLY A 35 -3.93 1.61 -0.44
CA GLY A 35 -3.28 2.73 -1.10
C GLY A 35 -3.49 4.02 -0.37
N CYS A 36 -2.42 4.78 -0.23
CA CYS A 36 -2.46 6.06 0.45
C CYS A 36 -3.14 7.09 -0.45
N ASP A 37 -3.79 8.06 0.17
CA ASP A 37 -4.47 9.11 -0.59
C ASP A 37 -3.56 10.32 -0.73
N ASP A 38 -2.30 10.16 -0.31
CA ASP A 38 -1.32 11.23 -0.39
C ASP A 38 -0.31 10.96 -1.50
N CYS A 39 0.63 10.06 -1.23
CA CYS A 39 1.69 9.72 -2.19
C CYS A 39 1.27 8.57 -3.11
N ASP A 40 0.11 7.99 -2.82
CA ASP A 40 -0.44 6.86 -3.59
C ASP A 40 0.39 5.60 -3.36
N ASP A 41 1.09 5.56 -2.23
CA ASP A 41 1.90 4.40 -1.86
C ASP A 41 0.98 3.26 -1.46
N TRP A 42 1.46 2.04 -1.61
CA TRP A 42 0.64 0.88 -1.27
C TRP A 42 1.32 0.02 -0.20
N TYR A 43 0.65 -0.12 0.94
CA TYR A 43 1.17 -0.91 2.05
C TYR A 43 0.27 -2.11 2.35
N HIS A 44 0.83 -3.13 2.97
CA HIS A 44 0.05 -4.30 3.35
C HIS A 44 -0.74 -3.99 4.61
N TRP A 45 -1.92 -4.57 4.73
CA TRP A 45 -2.78 -4.34 5.89
C TRP A 45 -2.10 -4.72 7.21
N PRO A 46 -1.59 -5.95 7.36
CA PRO A 46 -0.96 -6.41 8.61
C PRO A 46 0.20 -5.51 9.06
N CYS A 47 0.96 -5.01 8.10
CA CYS A 47 2.10 -4.15 8.39
C CYS A 47 1.67 -2.78 8.92
N VAL A 48 0.55 -2.25 8.42
CA VAL A 48 0.09 -0.92 8.87
C VAL A 48 -0.94 -1.03 10.01
N GLY A 49 -1.42 -2.24 10.28
CA GLY A 49 -2.38 -2.42 11.36
C GLY A 49 -3.82 -2.49 10.90
N ILE A 50 -4.03 -2.82 9.64
CA ILE A 50 -5.37 -2.93 9.09
C ILE A 50 -5.77 -4.40 9.03
N MET A 51 -7.04 -4.70 9.29
CA MET A 51 -7.50 -6.09 9.29
C MET A 51 -8.69 -6.33 8.37
N ALA A 52 -9.04 -5.33 7.55
CA ALA A 52 -10.17 -5.45 6.64
C ALA A 52 -10.21 -4.25 5.69
N ALA A 53 -11.19 -4.22 4.79
CA ALA A 53 -11.30 -3.15 3.81
C ALA A 53 -12.17 -2.00 4.29
N PRO A 54 -11.57 -0.80 4.39
CA PRO A 54 -12.27 0.40 4.78
C PRO A 54 -12.82 1.13 3.55
N PRO A 55 -13.87 1.96 3.72
CA PRO A 55 -14.48 2.70 2.61
C PRO A 55 -13.47 3.61 1.91
N GLU A 56 -13.52 3.63 0.58
CA GLU A 56 -12.59 4.44 -0.21
C GLU A 56 -12.78 5.93 0.08
N GLU A 57 -14.02 6.31 0.39
CA GLU A 57 -14.36 7.70 0.70
C GLU A 57 -13.54 8.20 1.89
N MET A 58 -13.14 7.28 2.76
CA MET A 58 -12.35 7.63 3.92
C MET A 58 -10.88 7.70 3.51
N GLN A 59 -10.30 8.88 3.63
CA GLN A 59 -8.90 9.07 3.27
C GLN A 59 -7.99 8.47 4.33
N TRP A 60 -6.95 7.80 3.87
CA TRP A 60 -5.98 7.16 4.75
C TRP A 60 -4.59 7.55 4.30
N PHE A 61 -3.71 7.80 5.25
CA PHE A 61 -2.35 8.17 4.95
C PHE A 61 -1.39 7.19 5.63
N CYS A 62 -0.34 6.83 4.90
CA CYS A 62 0.67 5.92 5.39
C CYS A 62 1.50 6.59 6.49
N PRO A 63 2.33 5.81 7.23
CA PRO A 63 3.18 6.36 8.29
C PRO A 63 4.15 7.46 7.81
N LYS A 64 4.26 7.64 6.49
CA LYS A 64 5.14 8.68 5.96
C LYS A 64 4.41 10.01 5.94
N CYS A 65 3.31 10.04 5.22
CA CYS A 65 2.49 11.22 5.08
C CYS A 65 1.72 11.52 6.36
N ALA A 66 1.32 10.48 7.09
CA ALA A 66 0.61 10.68 8.35
C ALA A 66 1.56 11.26 9.39
N ASN A 67 2.84 11.30 9.05
CA ASN A 67 3.87 11.83 9.92
C ASN A 67 4.18 13.29 9.58
N LYS A 68 3.80 13.72 8.37
CA LYS A 68 4.05 15.09 7.96
C LYS A 68 2.95 16.01 8.47
N ILE A 69 1.92 15.40 9.04
CA ILE A 69 0.79 16.16 9.60
C ILE A 69 1.07 16.48 11.07
N LYS A 70 1.90 15.65 11.68
CA LYS A 70 2.25 15.81 13.09
C LYS A 70 3.47 16.72 13.23
N LYS A 71 3.88 17.33 12.14
CA LYS A 71 5.04 18.22 12.14
C LYS A 71 4.61 19.66 12.38
N ASP A 72 3.31 19.89 12.33
CA ASP A 72 2.73 21.22 12.56
C ASP A 72 2.58 21.46 14.06
N LYS A 73 2.09 20.43 14.75
CA LYS A 73 1.88 20.47 16.20
C LYS A 73 0.82 21.49 16.58
N LYS A 74 -0.38 21.31 16.06
CA LYS A 74 -1.49 22.19 16.35
C LYS A 74 -1.77 22.19 17.85
N HIS A 75 -2.13 23.36 18.38
CA HIS A 75 -2.43 23.48 19.80
C HIS A 75 -3.71 22.72 20.15
N ALA B 1 -8.92 6.08 0.66
CA ALA B 1 -8.20 4.81 0.83
C ALA B 1 -8.72 3.74 -0.13
N ARG B 2 -7.98 3.48 -1.19
CA ARG B 2 -8.40 2.45 -2.14
C ARG B 2 -7.70 1.15 -1.81
N THR B 3 -8.47 0.12 -1.56
CA THR B 3 -7.93 -1.17 -1.18
C THR B 3 -8.20 -2.24 -2.24
N GLU B 5 -7.74 -6.88 -2.51
CA GLU B 5 -7.26 -8.13 -1.92
C GLU B 5 -6.79 -9.09 -3.01
N THR B 6 -7.74 -9.69 -3.72
CA THR B 6 -7.42 -10.63 -4.79
C THR B 6 -6.62 -11.83 -4.24
N ALA B 7 -7.12 -12.39 -3.14
CA ALA B 7 -6.47 -13.51 -2.47
C ALA B 7 -6.20 -14.68 -3.42
N ARG B 8 -4.96 -14.77 -3.88
CA ARG B 8 -4.51 -15.82 -4.80
C ARG B 8 -5.29 -15.75 -6.11
N LYS B 9 -5.73 -14.54 -6.46
CA LYS B 9 -6.48 -14.29 -7.69
C LYS B 9 -7.77 -15.11 -7.73
N SER B 10 -8.23 -15.57 -6.57
CA SER B 10 -9.45 -16.35 -6.46
C SER B 10 -9.78 -16.62 -5.00
N THR B 11 -9.31 -17.76 -4.50
CA THR B 11 -9.52 -18.18 -3.12
C THR B 11 -8.99 -19.60 -2.91
N GLY B 12 -9.19 -20.45 -3.91
CA GLY B 12 -8.73 -21.82 -3.83
C GLY B 12 -7.33 -22.00 -4.39
N GLY A 1 7.00 6.06 -2.46
CA GLY A 1 7.92 6.56 -3.49
C GLY A 1 9.37 6.49 -3.04
N SER A 2 10.09 5.50 -3.53
CA SER A 2 11.49 5.32 -3.19
C SER A 2 12.37 6.22 -4.04
N HIS A 3 13.67 6.23 -3.75
CA HIS A 3 14.61 7.05 -4.50
C HIS A 3 14.79 6.53 -5.93
N MET A 4 15.37 5.36 -6.07
CA MET A 4 15.57 4.77 -7.39
C MET A 4 15.36 3.26 -7.33
N ALA A 5 14.12 2.83 -7.58
CA ALA A 5 13.80 1.42 -7.55
C ALA A 5 12.69 1.10 -8.55
N MET A 6 12.51 1.98 -9.54
CA MET A 6 11.48 1.82 -10.57
C MET A 6 10.08 1.76 -9.93
N ALA A 7 9.91 2.56 -8.87
CA ALA A 7 8.65 2.63 -8.13
C ALA A 7 8.43 1.34 -7.34
N TYR A 8 7.42 1.31 -6.50
CA TYR A 8 7.14 0.12 -5.70
C TYR A 8 6.21 -0.84 -6.44
N VAL A 9 6.61 -1.19 -7.66
CA VAL A 9 5.83 -2.11 -8.47
C VAL A 9 6.68 -2.64 -9.62
N ILE A 10 6.98 -3.94 -9.57
CA ILE A 10 7.79 -4.57 -10.59
C ILE A 10 6.91 -5.40 -11.53
N ARG A 11 7.50 -5.96 -12.56
CA ARG A 11 6.75 -6.76 -13.52
C ARG A 11 7.04 -8.24 -13.33
N ASP A 12 5.99 -9.06 -13.32
CA ASP A 12 6.16 -10.51 -13.16
C ASP A 12 6.51 -11.12 -14.51
N GLU A 13 6.83 -12.40 -14.52
CA GLU A 13 7.22 -13.09 -15.76
C GLU A 13 6.08 -13.10 -16.78
N TRP A 14 4.83 -13.09 -16.30
CA TRP A 14 3.68 -13.10 -17.18
C TRP A 14 3.28 -11.68 -17.58
N GLY A 15 3.90 -10.69 -16.95
CA GLY A 15 3.61 -9.30 -17.27
C GLY A 15 2.69 -8.61 -16.26
N ASN A 16 2.37 -9.31 -15.19
CA ASN A 16 1.50 -8.78 -14.14
C ASN A 16 2.27 -7.76 -13.31
N GLN A 17 1.55 -6.81 -12.75
CA GLN A 17 2.16 -5.79 -11.93
C GLN A 17 2.28 -6.27 -10.49
N ILE A 18 3.50 -6.51 -10.07
CA ILE A 18 3.77 -6.96 -8.72
C ILE A 18 4.12 -5.77 -7.83
N TRP A 19 3.16 -5.37 -7.01
CA TRP A 19 3.37 -4.24 -6.12
C TRP A 19 4.31 -4.60 -4.99
N ILE A 20 5.09 -3.63 -4.56
CA ILE A 20 6.03 -3.83 -3.47
C ILE A 20 5.67 -2.91 -2.32
N CYS A 21 5.31 -3.50 -1.19
CA CYS A 21 4.92 -2.72 -0.01
C CYS A 21 6.10 -1.94 0.53
N PRO A 22 5.95 -0.61 0.72
CA PRO A 22 7.01 0.23 1.30
C PRO A 22 7.19 -0.03 2.79
N GLY A 23 6.49 -1.04 3.30
CA GLY A 23 6.59 -1.40 4.71
C GLY A 23 7.59 -2.50 4.93
N CYS A 24 7.15 -3.76 4.85
CA CYS A 24 8.04 -4.89 5.04
C CYS A 24 8.88 -5.11 3.78
N ASN A 25 8.52 -4.35 2.73
CA ASN A 25 9.22 -4.40 1.44
C ASN A 25 9.00 -5.75 0.78
N LYS A 26 7.77 -6.22 0.83
CA LYS A 26 7.43 -7.49 0.24
C LYS A 26 6.55 -7.29 -0.99
N PRO A 27 6.58 -8.25 -1.93
CA PRO A 27 5.77 -8.20 -3.14
C PRO A 27 4.36 -8.69 -2.90
N ASP A 28 3.45 -8.34 -3.78
CA ASP A 28 2.07 -8.78 -3.65
C ASP A 28 1.75 -9.89 -4.63
N ASP A 29 1.09 -10.91 -4.13
CA ASP A 29 0.70 -12.07 -4.93
C ASP A 29 -0.81 -12.08 -5.13
N GLY A 30 -1.48 -11.08 -4.57
CA GLY A 30 -2.92 -11.00 -4.68
C GLY A 30 -3.58 -10.83 -3.33
N SER A 31 -2.96 -10.01 -2.49
CA SER A 31 -3.47 -9.76 -1.15
C SER A 31 -4.15 -8.39 -1.11
N PRO A 32 -4.80 -8.04 0.01
CA PRO A 32 -5.45 -6.76 0.14
C PRO A 32 -4.45 -5.66 0.48
N MET A 33 -4.33 -4.70 -0.41
CA MET A 33 -3.41 -3.59 -0.21
C MET A 33 -4.17 -2.28 -0.13
N ILE A 34 -3.53 -1.28 0.46
CA ILE A 34 -4.12 0.03 0.59
C ILE A 34 -3.17 1.06 0.00
N GLY A 35 -3.68 1.88 -0.90
CA GLY A 35 -2.86 2.89 -1.55
C GLY A 35 -2.90 4.22 -0.85
N CYS A 36 -3.00 4.19 0.48
CA CYS A 36 -3.06 5.43 1.27
C CYS A 36 -4.12 6.37 0.69
N ASP A 37 -3.85 7.66 0.78
CA ASP A 37 -4.73 8.68 0.25
C ASP A 37 -3.90 9.90 -0.18
N ASP A 38 -2.57 9.75 -0.13
CA ASP A 38 -1.67 10.84 -0.48
C ASP A 38 -0.58 10.37 -1.43
N CYS A 39 0.22 9.40 -1.02
CA CYS A 39 1.30 8.91 -1.86
C CYS A 39 0.78 8.01 -2.98
N ASP A 40 -0.34 7.33 -2.71
CA ASP A 40 -0.98 6.40 -3.66
C ASP A 40 -0.17 5.10 -3.74
N ASP A 41 0.82 4.97 -2.85
CA ASP A 41 1.64 3.77 -2.81
C ASP A 41 0.86 2.68 -2.09
N TRP A 42 1.04 1.44 -2.48
CA TRP A 42 0.26 0.36 -1.89
C TRP A 42 1.00 -0.38 -0.78
N TYR A 43 0.51 -0.20 0.43
CA TYR A 43 1.06 -0.85 1.62
C TYR A 43 0.22 -2.08 1.97
N HIS A 44 0.83 -3.04 2.67
CA HIS A 44 0.09 -4.24 3.08
C HIS A 44 -0.71 -3.94 4.34
N TRP A 45 -1.88 -4.57 4.46
CA TRP A 45 -2.75 -4.36 5.60
C TRP A 45 -2.10 -4.70 6.96
N PRO A 46 -1.62 -5.93 7.18
CA PRO A 46 -1.03 -6.33 8.47
C PRO A 46 0.14 -5.43 8.88
N CYS A 47 0.97 -5.04 7.92
CA CYS A 47 2.12 -4.20 8.20
C CYS A 47 1.71 -2.80 8.68
N VAL A 48 0.59 -2.28 8.17
CA VAL A 48 0.14 -0.93 8.57
C VAL A 48 -0.88 -0.97 9.71
N GLY A 49 -1.25 -2.17 10.15
CA GLY A 49 -2.19 -2.31 11.24
C GLY A 49 -3.64 -2.38 10.80
N ILE A 50 -3.86 -2.84 9.58
CA ILE A 50 -5.20 -2.97 9.04
C ILE A 50 -5.57 -4.46 8.97
N MET A 51 -6.81 -4.80 9.28
CA MET A 51 -7.24 -6.19 9.26
C MET A 51 -8.46 -6.43 8.37
N ALA A 52 -8.88 -5.40 7.63
CA ALA A 52 -10.05 -5.52 6.76
C ALA A 52 -10.19 -4.27 5.90
N ALA A 53 -11.20 -4.27 5.02
CA ALA A 53 -11.44 -3.14 4.13
C ALA A 53 -12.24 -2.04 4.81
N PRO A 54 -11.65 -0.85 4.93
CA PRO A 54 -12.30 0.31 5.53
C PRO A 54 -13.07 1.11 4.47
N PRO A 55 -13.94 2.03 4.89
CA PRO A 55 -14.72 2.85 3.95
C PRO A 55 -13.80 3.63 3.00
N GLU A 56 -14.13 3.59 1.72
CA GLU A 56 -13.33 4.27 0.70
C GLU A 56 -13.34 5.78 0.92
N GLU A 57 -14.44 6.28 1.47
CA GLU A 57 -14.59 7.71 1.74
C GLU A 57 -13.75 8.14 2.94
N MET A 58 -13.33 7.16 3.74
CA MET A 58 -12.52 7.44 4.91
C MET A 58 -11.07 7.65 4.50
N GLN A 59 -10.56 8.85 4.75
CA GLN A 59 -9.18 9.17 4.40
C GLN A 59 -8.23 8.59 5.43
N TRP A 60 -7.29 7.78 4.96
CA TRP A 60 -6.31 7.14 5.81
C TRP A 60 -4.92 7.41 5.24
N PHE A 61 -3.99 7.77 6.11
CA PHE A 61 -2.64 8.08 5.66
C PHE A 61 -1.65 7.10 6.28
N CYS A 62 -0.64 6.74 5.50
CA CYS A 62 0.38 5.81 5.96
C CYS A 62 1.28 6.48 7.00
N PRO A 63 2.10 5.70 7.74
CA PRO A 63 2.99 6.26 8.77
C PRO A 63 4.11 7.14 8.16
N LYS A 64 4.12 7.25 6.84
CA LYS A 64 5.10 8.06 6.16
C LYS A 64 4.51 9.44 5.92
N CYS A 65 3.35 9.46 5.25
CA CYS A 65 2.67 10.71 4.97
C CYS A 65 2.09 11.30 6.25
N ALA A 66 1.63 10.46 7.17
CA ALA A 66 1.10 10.93 8.43
C ALA A 66 2.17 11.69 9.20
N ASN A 67 3.40 11.18 9.11
CA ASN A 67 4.54 11.81 9.76
C ASN A 67 4.95 13.06 8.99
N LYS A 68 4.77 13.01 7.67
CA LYS A 68 5.12 14.13 6.80
C LYS A 68 4.17 15.30 7.03
N ILE A 69 3.08 15.06 7.74
CA ILE A 69 2.09 16.09 8.03
C ILE A 69 2.22 16.52 9.50
N LYS A 70 2.24 15.54 10.41
CA LYS A 70 2.36 15.82 11.84
C LYS A 70 3.67 16.54 12.15
N LYS A 71 4.78 16.03 11.60
CA LYS A 71 6.10 16.61 11.77
C LYS A 71 6.53 16.70 13.24
N ASP A 72 7.52 17.55 13.50
CA ASP A 72 8.05 17.77 14.85
C ASP A 72 8.79 19.10 14.89
N LYS A 73 8.53 19.90 15.92
CA LYS A 73 9.16 21.22 16.09
C LYS A 73 8.86 22.13 14.89
N LYS A 74 9.82 22.99 14.54
CA LYS A 74 9.64 23.90 13.43
C LYS A 74 10.78 23.77 12.42
N HIS A 75 10.64 22.82 11.50
CA HIS A 75 11.64 22.59 10.46
C HIS A 75 10.99 22.77 9.09
N ALA B 1 -9.48 6.38 1.21
CA ALA B 1 -8.67 5.16 1.26
C ALA B 1 -9.06 4.20 0.14
N ARG B 2 -8.11 3.88 -0.72
CA ARG B 2 -8.37 2.94 -1.80
C ARG B 2 -7.83 1.57 -1.45
N THR B 3 -8.74 0.66 -1.13
CA THR B 3 -8.37 -0.69 -0.75
C THR B 3 -8.93 -1.72 -1.73
N GLU B 5 -8.66 -6.22 -2.66
CA GLU B 5 -8.18 -7.56 -2.33
C GLU B 5 -8.32 -8.46 -3.57
N THR B 6 -7.20 -8.93 -4.09
CA THR B 6 -7.22 -9.78 -5.26
C THR B 6 -7.14 -11.26 -4.90
N ALA B 7 -7.65 -11.61 -3.74
CA ALA B 7 -7.64 -12.98 -3.25
C ALA B 7 -8.79 -13.77 -3.86
N ARG B 8 -8.48 -14.61 -4.83
CA ARG B 8 -9.49 -15.42 -5.50
C ARG B 8 -9.89 -16.65 -4.67
N LYS B 9 -10.06 -16.44 -3.36
CA LYS B 9 -10.44 -17.52 -2.48
C LYS B 9 -11.17 -16.97 -1.25
N SER B 10 -11.95 -15.93 -1.46
CA SER B 10 -12.71 -15.31 -0.38
C SER B 10 -13.77 -16.26 0.17
N THR B 11 -14.34 -15.90 1.31
CA THR B 11 -15.36 -16.72 1.94
C THR B 11 -16.76 -16.26 1.52
N GLY B 12 -17.24 -16.83 0.42
CA GLY B 12 -18.55 -16.48 -0.09
C GLY B 12 -18.95 -17.37 -1.24
N GLY A 1 22.02 -0.98 0.67
CA GLY A 1 22.00 0.47 0.68
C GLY A 1 20.92 1.04 -0.21
N SER A 2 19.77 1.36 0.38
CA SER A 2 18.64 1.93 -0.35
C SER A 2 18.20 0.97 -1.46
N HIS A 3 17.86 1.53 -2.62
CA HIS A 3 17.43 0.77 -3.80
C HIS A 3 17.59 1.64 -5.04
N MET A 4 16.78 2.70 -5.09
CA MET A 4 16.78 3.67 -6.19
C MET A 4 16.75 3.01 -7.57
N ALA A 5 15.59 2.50 -7.95
CA ALA A 5 15.42 1.86 -9.25
C ALA A 5 14.24 2.51 -9.97
N MET A 6 13.04 2.20 -9.50
CA MET A 6 11.83 2.74 -10.08
C MET A 6 10.69 2.61 -9.07
N ALA A 7 9.45 2.80 -9.53
CA ALA A 7 8.29 2.71 -8.66
C ALA A 7 8.11 1.29 -8.14
N TYR A 8 7.25 1.12 -7.14
CA TYR A 8 7.00 -0.18 -6.53
C TYR A 8 6.08 -1.04 -7.40
N VAL A 9 6.39 -1.10 -8.69
CA VAL A 9 5.62 -1.89 -9.64
C VAL A 9 6.57 -2.67 -10.55
N ILE A 10 6.58 -3.98 -10.39
CA ILE A 10 7.43 -4.83 -11.20
C ILE A 10 6.59 -5.87 -11.93
N ARG A 11 7.20 -6.59 -12.85
CA ARG A 11 6.50 -7.62 -13.59
C ARG A 11 7.04 -8.99 -13.20
N ASP A 12 6.17 -9.98 -13.18
CA ASP A 12 6.56 -11.34 -12.83
C ASP A 12 6.92 -12.12 -14.08
N GLU A 13 6.95 -13.44 -13.99
CA GLU A 13 7.27 -14.29 -15.13
C GLU A 13 6.16 -14.25 -16.18
N TRP A 14 4.91 -14.32 -15.73
CA TRP A 14 3.76 -14.30 -16.63
C TRP A 14 3.63 -12.92 -17.28
N GLY A 15 3.51 -11.89 -16.45
CA GLY A 15 3.38 -10.55 -16.98
C GLY A 15 2.34 -9.72 -16.26
N ASN A 16 2.24 -9.93 -14.96
CA ASN A 16 1.28 -9.20 -14.14
C ASN A 16 1.98 -8.02 -13.48
N GLN A 17 1.23 -6.98 -13.19
CA GLN A 17 1.80 -5.80 -12.54
C GLN A 17 1.87 -6.04 -11.04
N ILE A 18 2.92 -6.72 -10.61
CA ILE A 18 3.12 -7.04 -9.22
C ILE A 18 3.55 -5.80 -8.45
N TRP A 19 2.79 -5.47 -7.41
CA TRP A 19 3.09 -4.31 -6.60
C TRP A 19 4.03 -4.68 -5.46
N ILE A 20 4.85 -3.73 -5.05
CA ILE A 20 5.79 -3.93 -3.97
C ILE A 20 5.45 -3.02 -2.80
N CYS A 21 5.27 -3.60 -1.62
CA CYS A 21 4.95 -2.82 -0.45
C CYS A 21 6.16 -2.00 0.00
N PRO A 22 5.99 -0.69 0.19
CA PRO A 22 7.07 0.18 0.65
C PRO A 22 7.40 -0.08 2.13
N GLY A 23 6.77 -1.09 2.70
CA GLY A 23 7.00 -1.44 4.09
C GLY A 23 8.10 -2.47 4.27
N CYS A 24 7.79 -3.73 3.95
CA CYS A 24 8.75 -4.82 4.09
C CYS A 24 9.49 -5.08 2.79
N ASN A 25 9.16 -4.31 1.76
CA ASN A 25 9.77 -4.44 0.44
C ASN A 25 9.45 -5.82 -0.12
N LYS A 26 8.17 -6.13 -0.16
CA LYS A 26 7.71 -7.43 -0.65
C LYS A 26 6.65 -7.28 -1.73
N PRO A 27 6.56 -8.27 -2.63
CA PRO A 27 5.58 -8.26 -3.72
C PRO A 27 4.21 -8.79 -3.31
N ASP A 28 3.22 -8.55 -4.17
CA ASP A 28 1.86 -8.99 -3.91
C ASP A 28 1.46 -10.13 -4.85
N ASP A 29 0.49 -10.92 -4.41
CA ASP A 29 -0.01 -12.07 -5.18
C ASP A 29 -1.54 -12.09 -5.09
N GLY A 30 -2.12 -10.97 -4.70
CA GLY A 30 -3.55 -10.89 -4.55
C GLY A 30 -3.93 -10.82 -3.10
N SER A 31 -3.22 -9.99 -2.37
CA SER A 31 -3.48 -9.77 -0.97
C SER A 31 -3.96 -8.34 -0.79
N PRO A 32 -4.71 -8.08 0.27
CA PRO A 32 -5.24 -6.76 0.54
C PRO A 32 -4.16 -5.72 0.79
N MET A 33 -4.11 -4.73 -0.08
CA MET A 33 -3.16 -3.66 0.03
C MET A 33 -3.93 -2.35 0.19
N ILE A 34 -3.39 -1.44 0.97
CA ILE A 34 -4.04 -0.16 1.20
C ILE A 34 -3.28 0.98 0.55
N GLY A 35 -3.98 1.72 -0.30
CA GLY A 35 -3.37 2.84 -0.97
C GLY A 35 -3.49 4.11 -0.15
N CYS A 36 -2.35 4.73 0.11
CA CYS A 36 -2.30 5.96 0.89
C CYS A 36 -2.96 7.09 0.11
N ASP A 37 -3.48 8.09 0.82
CA ASP A 37 -4.14 9.22 0.17
C ASP A 37 -3.12 10.27 -0.25
N ASP A 38 -1.89 10.11 0.23
CA ASP A 38 -0.80 11.04 -0.09
C ASP A 38 0.17 10.40 -1.08
N CYS A 39 0.79 9.29 -0.68
CA CYS A 39 1.72 8.58 -1.55
C CYS A 39 1.00 7.87 -2.68
N ASP A 40 -0.22 7.41 -2.40
CA ASP A 40 -1.07 6.68 -3.36
C ASP A 40 -0.52 5.28 -3.62
N ASP A 41 0.63 4.97 -3.01
CA ASP A 41 1.23 3.66 -3.18
C ASP A 41 0.47 2.62 -2.38
N TRP A 42 0.77 1.35 -2.61
CA TRP A 42 0.05 0.27 -1.94
C TRP A 42 0.88 -0.36 -0.83
N TYR A 43 0.43 -0.17 0.40
CA TYR A 43 1.08 -0.71 1.58
C TYR A 43 0.34 -1.97 2.05
N HIS A 44 1.07 -2.96 2.55
CA HIS A 44 0.45 -4.19 3.04
C HIS A 44 -0.29 -3.91 4.34
N TRP A 45 -1.44 -4.53 4.49
CA TRP A 45 -2.28 -4.33 5.67
C TRP A 45 -1.61 -4.76 6.97
N PRO A 46 -1.14 -6.03 7.10
CA PRO A 46 -0.52 -6.51 8.34
C PRO A 46 0.72 -5.71 8.76
N CYS A 47 1.47 -5.21 7.80
CA CYS A 47 2.66 -4.44 8.08
C CYS A 47 2.33 -3.06 8.66
N VAL A 48 1.25 -2.44 8.19
CA VAL A 48 0.87 -1.11 8.68
C VAL A 48 -0.13 -1.16 9.84
N GLY A 49 -0.79 -2.30 10.01
CA GLY A 49 -1.73 -2.44 11.11
C GLY A 49 -3.19 -2.39 10.66
N ILE A 50 -3.47 -2.91 9.48
CA ILE A 50 -4.83 -2.92 8.95
C ILE A 50 -5.32 -4.35 8.84
N MET A 51 -6.60 -4.59 9.15
CA MET A 51 -7.15 -5.94 9.11
C MET A 51 -8.42 -6.02 8.26
N ALA A 52 -8.71 -4.99 7.48
CA ALA A 52 -9.89 -4.95 6.63
C ALA A 52 -9.88 -3.70 5.75
N ALA A 53 -10.88 -3.56 4.89
CA ALA A 53 -10.94 -2.41 3.98
C ALA A 53 -11.83 -1.31 4.52
N PRO A 54 -11.24 -0.13 4.77
CA PRO A 54 -11.97 1.04 5.26
C PRO A 54 -12.50 1.88 4.11
N PRO A 55 -13.56 2.67 4.34
CA PRO A 55 -14.15 3.53 3.31
C PRO A 55 -13.15 4.59 2.82
N GLU A 56 -13.04 4.73 1.51
CA GLU A 56 -12.12 5.71 0.91
C GLU A 56 -12.48 7.13 1.31
N GLU A 57 -13.76 7.37 1.53
CA GLU A 57 -14.25 8.70 1.92
C GLU A 57 -13.65 9.12 3.26
N MET A 58 -13.42 8.15 4.13
CA MET A 58 -12.83 8.39 5.45
C MET A 58 -11.35 8.72 5.31
N GLN A 59 -10.76 8.20 4.24
CA GLN A 59 -9.34 8.39 3.92
C GLN A 59 -8.43 7.70 4.93
N TRP A 60 -7.16 7.57 4.55
CA TRP A 60 -6.17 6.94 5.40
C TRP A 60 -4.78 7.26 4.87
N PHE A 61 -3.87 7.56 5.78
CA PHE A 61 -2.50 7.86 5.43
C PHE A 61 -1.56 6.91 6.14
N CYS A 62 -0.44 6.57 5.51
CA CYS A 62 0.53 5.66 6.11
C CYS A 62 1.09 6.31 7.38
N PRO A 63 1.73 5.53 8.26
CA PRO A 63 2.31 6.07 9.51
C PRO A 63 3.35 7.16 9.27
N LYS A 64 3.69 7.41 8.01
CA LYS A 64 4.65 8.43 7.68
C LYS A 64 3.92 9.72 7.33
N CYS A 65 3.01 9.63 6.37
CA CYS A 65 2.24 10.77 5.92
C CYS A 65 1.18 11.15 6.95
N ALA A 66 0.67 10.18 7.68
CA ALA A 66 -0.34 10.44 8.71
C ALA A 66 0.26 11.27 9.84
N ASN A 67 1.58 11.21 9.92
CA ASN A 67 2.32 11.95 10.93
C ASN A 67 2.78 13.30 10.39
N LYS A 68 3.13 13.34 9.09
CA LYS A 68 3.61 14.59 8.46
C LYS A 68 2.53 15.67 8.43
N ILE A 69 1.28 15.28 8.70
CA ILE A 69 0.17 16.21 8.73
C ILE A 69 -0.03 16.70 10.16
N LYS A 70 0.92 16.37 11.02
CA LYS A 70 0.85 16.74 12.43
C LYS A 70 2.21 17.16 12.98
N LYS A 71 3.21 16.29 12.86
CA LYS A 71 4.55 16.59 13.37
C LYS A 71 5.60 15.98 12.47
N ASP A 72 6.83 16.47 12.57
CA ASP A 72 7.95 15.95 11.79
C ASP A 72 8.16 14.47 12.06
N LYS A 73 8.32 14.14 13.33
CA LYS A 73 8.61 12.77 13.76
C LYS A 73 8.64 12.68 15.29
N LYS A 74 9.15 11.55 15.79
CA LYS A 74 9.30 11.31 17.23
C LYS A 74 7.94 11.17 17.94
N HIS A 75 7.98 10.80 19.23
CA HIS A 75 6.76 10.62 20.01
C HIS A 75 6.39 11.92 20.74
N ALA B 1 -8.39 6.77 0.64
CA ALA B 1 -7.68 5.47 0.74
C ALA B 1 -8.28 4.47 -0.22
N ARG B 2 -7.51 4.06 -1.22
CA ARG B 2 -7.99 3.08 -2.18
C ARG B 2 -7.58 1.70 -1.70
N THR B 3 -8.56 0.84 -1.46
CA THR B 3 -8.27 -0.50 -0.98
C THR B 3 -8.65 -1.57 -2.00
N GLU B 5 -8.19 -6.22 -2.64
CA GLU B 5 -7.75 -7.50 -2.08
C GLU B 5 -7.31 -8.44 -3.18
N THR B 6 -8.26 -8.88 -4.02
CA THR B 6 -7.97 -9.80 -5.11
C THR B 6 -7.38 -11.09 -4.56
N ALA B 7 -8.00 -11.62 -3.52
CA ALA B 7 -7.54 -12.82 -2.86
C ALA B 7 -7.25 -13.95 -3.85
N ARG B 8 -5.94 -14.17 -4.07
CA ARG B 8 -5.41 -15.20 -4.95
C ARG B 8 -5.42 -14.76 -6.41
N LYS B 9 -5.30 -13.45 -6.62
CA LYS B 9 -5.28 -12.84 -7.97
C LYS B 9 -6.63 -13.02 -8.66
N SER B 10 -7.70 -13.01 -7.88
CA SER B 10 -9.04 -13.15 -8.41
C SER B 10 -10.04 -12.41 -7.54
N THR B 11 -10.39 -13.02 -6.41
CA THR B 11 -11.34 -12.44 -5.47
C THR B 11 -11.65 -13.41 -4.34
N GLY B 12 -11.36 -14.68 -4.57
CA GLY B 12 -11.62 -15.70 -3.56
C GLY B 12 -10.96 -17.02 -3.88
N GLY A 1 15.39 1.86 -21.82
CA GLY A 1 15.69 3.00 -20.97
C GLY A 1 15.48 2.69 -19.52
N SER A 2 16.12 3.47 -18.65
CA SER A 2 16.02 3.28 -17.20
C SER A 2 14.69 3.83 -16.65
N HIS A 3 13.74 4.08 -17.53
CA HIS A 3 12.44 4.62 -17.11
C HIS A 3 11.46 3.47 -16.89
N MET A 4 11.87 2.51 -16.08
CA MET A 4 11.04 1.35 -15.77
C MET A 4 10.03 1.71 -14.69
N ALA A 5 10.44 1.57 -13.43
CA ALA A 5 9.57 1.88 -12.30
C ALA A 5 10.42 2.04 -11.04
N MET A 6 10.86 3.27 -10.79
CA MET A 6 11.66 3.55 -9.61
C MET A 6 10.75 3.74 -8.40
N ALA A 7 10.23 2.61 -7.90
CA ALA A 7 9.33 2.61 -6.76
C ALA A 7 9.09 1.17 -6.31
N TYR A 8 8.07 0.97 -5.50
CA TYR A 8 7.74 -0.36 -4.99
C TYR A 8 6.69 -1.03 -5.88
N VAL A 9 6.92 -0.97 -7.19
CA VAL A 9 6.00 -1.57 -8.16
C VAL A 9 6.79 -2.26 -9.26
N ILE A 10 6.64 -3.58 -9.35
CA ILE A 10 7.34 -4.34 -10.38
C ILE A 10 6.33 -4.97 -11.33
N ARG A 11 6.79 -5.86 -12.19
CA ARG A 11 5.91 -6.53 -13.13
C ARG A 11 6.26 -8.02 -13.18
N ASP A 12 5.27 -8.84 -13.51
CA ASP A 12 5.47 -10.28 -13.60
C ASP A 12 5.85 -10.68 -15.02
N GLU A 13 5.83 -11.99 -15.28
CA GLU A 13 6.17 -12.52 -16.60
C GLU A 13 5.16 -12.09 -17.67
N TRP A 14 3.89 -12.02 -17.29
CA TRP A 14 2.85 -11.62 -18.24
C TRP A 14 2.89 -10.11 -18.48
N GLY A 15 3.12 -9.33 -17.43
CA GLY A 15 3.20 -7.90 -17.58
C GLY A 15 2.30 -7.15 -16.60
N ASN A 16 1.83 -7.85 -15.59
CA ASN A 16 0.96 -7.26 -14.59
C ASN A 16 1.79 -6.54 -13.54
N GLN A 17 1.26 -5.46 -13.00
CA GLN A 17 1.96 -4.71 -11.99
C GLN A 17 1.87 -5.39 -10.63
N ILE A 18 3.00 -5.89 -10.16
CA ILE A 18 3.05 -6.54 -8.86
C ILE A 18 3.55 -5.54 -7.83
N TRP A 19 2.72 -5.27 -6.84
CA TRP A 19 3.05 -4.31 -5.82
C TRP A 19 3.99 -4.86 -4.75
N ILE A 20 4.81 -3.98 -4.22
CA ILE A 20 5.75 -4.31 -3.17
C ILE A 20 5.48 -3.41 -1.98
N CYS A 21 5.32 -3.98 -0.80
CA CYS A 21 5.05 -3.18 0.37
C CYS A 21 6.34 -2.57 0.90
N PRO A 22 6.36 -1.24 1.09
CA PRO A 22 7.54 -0.55 1.63
C PRO A 22 7.78 -0.88 3.10
N GLY A 23 6.86 -1.66 3.67
CA GLY A 23 6.99 -2.04 5.07
C GLY A 23 7.96 -3.19 5.27
N CYS A 24 7.54 -4.39 4.90
CA CYS A 24 8.36 -5.58 5.05
C CYS A 24 9.21 -5.81 3.81
N ASN A 25 8.95 -5.01 2.78
CA ASN A 25 9.65 -5.10 1.50
C ASN A 25 9.27 -6.40 0.81
N LYS A 26 8.01 -6.77 0.94
CA LYS A 26 7.50 -7.98 0.34
C LYS A 26 6.50 -7.65 -0.77
N PRO A 27 6.44 -8.49 -1.80
CA PRO A 27 5.52 -8.30 -2.92
C PRO A 27 4.11 -8.76 -2.57
N ASP A 28 3.15 -8.45 -3.43
CA ASP A 28 1.78 -8.88 -3.22
C ASP A 28 1.62 -10.32 -3.66
N ASP A 29 1.26 -11.15 -2.71
CA ASP A 29 1.06 -12.58 -2.95
C ASP A 29 -0.41 -12.89 -3.09
N GLY A 30 -1.16 -11.92 -3.61
CA GLY A 30 -2.59 -12.09 -3.77
C GLY A 30 -3.31 -11.76 -2.49
N SER A 31 -2.83 -10.73 -1.83
CA SER A 31 -3.39 -10.30 -0.57
C SER A 31 -3.94 -8.89 -0.67
N PRO A 32 -4.76 -8.47 0.32
CA PRO A 32 -5.33 -7.15 0.32
C PRO A 32 -4.33 -6.10 0.76
N MET A 33 -4.22 -5.05 -0.03
CA MET A 33 -3.30 -3.98 0.25
C MET A 33 -4.07 -2.67 0.34
N ILE A 34 -3.53 -1.73 1.10
CA ILE A 34 -4.19 -0.45 1.28
C ILE A 34 -3.36 0.66 0.64
N GLY A 35 -4.00 1.42 -0.23
CA GLY A 35 -3.33 2.52 -0.89
C GLY A 35 -3.53 3.81 -0.14
N CYS A 36 -2.49 4.62 -0.08
CA CYS A 36 -2.55 5.89 0.61
C CYS A 36 -3.43 6.88 -0.15
N ASP A 37 -3.67 8.03 0.46
CA ASP A 37 -4.50 9.05 -0.16
C ASP A 37 -3.63 10.22 -0.60
N ASP A 38 -2.32 10.08 -0.41
CA ASP A 38 -1.39 11.14 -0.79
C ASP A 38 -0.42 10.67 -1.88
N CYS A 39 0.49 9.76 -1.52
CA CYS A 39 1.47 9.26 -2.49
C CYS A 39 0.93 8.10 -3.31
N ASP A 40 -0.20 7.55 -2.87
CA ASP A 40 -0.87 6.42 -3.52
C ASP A 40 -0.01 5.15 -3.39
N ASP A 41 0.77 5.10 -2.32
CA ASP A 41 1.63 3.94 -2.06
C ASP A 41 0.77 2.78 -1.56
N TRP A 42 1.25 1.56 -1.70
CA TRP A 42 0.48 0.40 -1.29
C TRP A 42 1.22 -0.40 -0.21
N TYR A 43 0.57 -0.50 0.94
CA TYR A 43 1.14 -1.22 2.07
C TYR A 43 0.29 -2.44 2.41
N HIS A 44 0.89 -3.43 3.05
CA HIS A 44 0.15 -4.60 3.47
C HIS A 44 -0.66 -4.26 4.71
N TRP A 45 -1.77 -4.94 4.89
CA TRP A 45 -2.65 -4.66 6.02
C TRP A 45 -2.02 -4.93 7.39
N PRO A 46 -1.49 -6.16 7.66
CA PRO A 46 -0.91 -6.48 8.97
C PRO A 46 0.29 -5.61 9.34
N CYS A 47 1.02 -5.14 8.35
CA CYS A 47 2.19 -4.31 8.59
C CYS A 47 1.82 -2.91 9.07
N VAL A 48 0.70 -2.36 8.58
CA VAL A 48 0.29 -1.02 8.98
C VAL A 48 -0.76 -1.03 10.09
N GLY A 49 -1.31 -2.20 10.38
CA GLY A 49 -2.31 -2.30 11.44
C GLY A 49 -3.74 -2.35 10.92
N ILE A 50 -3.93 -2.91 9.74
CA ILE A 50 -5.26 -3.03 9.14
C ILE A 50 -5.64 -4.51 9.05
N MET A 51 -6.92 -4.81 9.14
CA MET A 51 -7.37 -6.21 9.08
C MET A 51 -8.66 -6.36 8.27
N ALA A 52 -8.95 -5.38 7.41
CA ALA A 52 -10.13 -5.39 6.57
C ALA A 52 -10.09 -4.20 5.62
N ALA A 53 -11.08 -4.08 4.76
CA ALA A 53 -11.12 -3.00 3.78
C ALA A 53 -12.10 -1.90 4.16
N PRO A 54 -11.58 -0.70 4.47
CA PRO A 54 -12.41 0.45 4.80
C PRO A 54 -12.95 1.11 3.54
N PRO A 55 -13.97 1.97 3.65
CA PRO A 55 -14.57 2.64 2.49
C PRO A 55 -13.60 3.61 1.83
N GLU A 56 -13.82 3.85 0.55
CA GLU A 56 -12.98 4.75 -0.22
C GLU A 56 -13.10 6.17 0.32
N GLU A 57 -14.29 6.50 0.80
CA GLU A 57 -14.60 7.80 1.38
C GLU A 57 -13.70 8.09 2.57
N MET A 58 -13.23 7.04 3.23
CA MET A 58 -12.35 7.18 4.37
C MET A 58 -10.91 7.31 3.89
N GLN A 59 -10.31 8.45 4.18
CA GLN A 59 -8.93 8.68 3.76
C GLN A 59 -7.95 8.12 4.78
N TRP A 60 -6.85 7.57 4.27
CA TRP A 60 -5.82 6.99 5.11
C TRP A 60 -4.45 7.41 4.58
N PHE A 61 -3.50 7.61 5.47
CA PHE A 61 -2.17 8.01 5.07
C PHE A 61 -1.12 7.10 5.68
N CYS A 62 -0.12 6.73 4.89
CA CYS A 62 0.95 5.87 5.35
C CYS A 62 1.87 6.66 6.29
N PRO A 63 2.70 5.97 7.11
CA PRO A 63 3.63 6.62 8.03
C PRO A 63 4.52 7.68 7.36
N LYS A 64 4.58 7.66 6.03
CA LYS A 64 5.37 8.63 5.28
C LYS A 64 4.64 9.97 5.25
N CYS A 65 3.46 9.96 4.64
CA CYS A 65 2.66 11.17 4.52
C CYS A 65 1.93 11.51 5.82
N ALA A 66 1.61 10.51 6.62
CA ALA A 66 0.94 10.74 7.90
C ALA A 66 1.87 11.52 8.83
N ASN A 67 3.17 11.42 8.54
CA ASN A 67 4.18 12.11 9.32
C ASN A 67 4.31 13.56 8.84
N LYS A 68 4.23 13.76 7.52
CA LYS A 68 4.35 15.09 6.95
C LYS A 68 3.13 15.93 7.29
N ILE A 69 2.00 15.27 7.48
CA ILE A 69 0.76 15.94 7.85
C ILE A 69 0.84 16.26 9.35
N LYS A 70 1.56 15.40 10.06
CA LYS A 70 1.80 15.52 11.50
C LYS A 70 0.54 15.28 12.35
N LYS A 71 -0.57 15.86 11.95
CA LYS A 71 -1.83 15.77 12.69
C LYS A 71 -1.64 16.50 14.01
N ASP A 72 -1.69 17.83 13.91
CA ASP A 72 -1.48 18.72 15.04
C ASP A 72 -2.60 18.64 16.07
N LYS A 73 -2.32 19.20 17.24
CA LYS A 73 -3.29 19.22 18.33
C LYS A 73 -4.39 20.23 18.00
N LYS A 74 -4.02 21.27 17.26
CA LYS A 74 -4.97 22.30 16.86
C LYS A 74 -5.90 21.77 15.79
N HIS A 75 -7.20 21.86 16.02
CA HIS A 75 -8.19 21.36 15.08
C HIS A 75 -9.48 22.17 15.17
N ALA B 1 -8.84 6.18 0.93
CA ALA B 1 -8.01 4.96 1.07
C ALA B 1 -8.47 3.90 0.09
N ARG B 2 -7.64 3.63 -0.90
CA ARG B 2 -7.99 2.63 -1.89
C ARG B 2 -7.58 1.25 -1.41
N THR B 3 -8.54 0.51 -0.89
CA THR B 3 -8.27 -0.82 -0.38
C THR B 3 -8.83 -1.89 -1.31
N GLU B 5 -8.48 -6.20 -2.61
CA GLU B 5 -8.07 -7.54 -2.25
C GLU B 5 -8.00 -8.41 -3.49
N THR B 6 -6.86 -9.03 -3.72
CA THR B 6 -6.67 -9.86 -4.90
C THR B 6 -7.16 -11.29 -4.68
N ALA B 7 -8.25 -11.41 -3.93
CA ALA B 7 -8.84 -12.70 -3.67
C ALA B 7 -9.99 -12.91 -4.64
N ARG B 8 -9.88 -13.94 -5.47
CA ARG B 8 -10.90 -14.28 -6.47
C ARG B 8 -12.30 -14.25 -5.86
N LYS B 9 -12.43 -14.74 -4.64
CA LYS B 9 -13.72 -14.76 -3.97
C LYS B 9 -13.76 -13.61 -2.97
N SER B 10 -13.74 -12.39 -3.49
CA SER B 10 -13.76 -11.19 -2.67
C SER B 10 -15.14 -10.95 -2.05
N THR B 11 -15.28 -9.83 -1.37
CA THR B 11 -16.54 -9.47 -0.72
C THR B 11 -17.62 -9.17 -1.76
N GLY B 12 -18.53 -10.12 -1.91
CA GLY B 12 -19.62 -9.96 -2.86
C GLY B 12 -19.96 -11.25 -3.56
N GLY A 1 12.77 12.27 -18.38
CA GLY A 1 12.88 10.85 -18.12
C GLY A 1 11.53 10.16 -18.16
N SER A 2 10.79 10.40 -19.23
CA SER A 2 9.46 9.81 -19.40
C SER A 2 9.54 8.30 -19.69
N HIS A 3 9.19 7.51 -18.68
CA HIS A 3 9.18 6.05 -18.80
C HIS A 3 8.65 5.45 -17.50
N MET A 4 8.56 4.12 -17.46
CA MET A 4 8.06 3.43 -16.28
C MET A 4 9.08 3.52 -15.14
N ALA A 5 8.58 3.82 -13.95
CA ALA A 5 9.44 3.91 -12.78
C ALA A 5 9.26 2.69 -11.90
N MET A 6 10.36 2.00 -11.64
CA MET A 6 10.33 0.79 -10.81
C MET A 6 9.70 1.07 -9.44
N ALA A 7 10.34 1.95 -8.66
CA ALA A 7 9.87 2.32 -7.33
C ALA A 7 9.43 1.11 -6.51
N TYR A 8 8.13 0.94 -6.35
CA TYR A 8 7.56 -0.17 -5.60
C TYR A 8 6.56 -0.94 -6.45
N VAL A 9 6.73 -0.87 -7.76
CA VAL A 9 5.83 -1.56 -8.68
C VAL A 9 6.65 -2.37 -9.69
N ILE A 10 6.63 -3.68 -9.55
CA ILE A 10 7.35 -4.55 -10.47
C ILE A 10 6.38 -5.13 -11.50
N ARG A 11 6.91 -5.57 -12.63
CA ARG A 11 6.05 -6.12 -13.67
C ARG A 11 6.01 -7.65 -13.61
N ASP A 12 4.81 -8.18 -13.79
CA ASP A 12 4.59 -9.62 -13.78
C ASP A 12 4.84 -10.19 -15.19
N GLU A 13 4.89 -11.51 -15.33
CA GLU A 13 5.16 -12.12 -16.62
C GLU A 13 4.06 -11.85 -17.64
N TRP A 14 2.82 -11.70 -17.15
CA TRP A 14 1.69 -11.42 -18.03
C TRP A 14 1.52 -9.93 -18.21
N GLY A 15 2.35 -9.16 -17.51
CA GLY A 15 2.28 -7.72 -17.62
C GLY A 15 1.51 -7.08 -16.48
N ASN A 16 1.10 -7.90 -15.50
CA ASN A 16 0.35 -7.39 -14.36
C ASN A 16 1.26 -6.54 -13.48
N GLN A 17 0.66 -5.60 -12.76
CA GLN A 17 1.40 -4.72 -11.88
C GLN A 17 1.45 -5.29 -10.46
N ILE A 18 2.60 -5.84 -10.09
CA ILE A 18 2.77 -6.40 -8.76
C ILE A 18 3.33 -5.33 -7.85
N TRP A 19 2.64 -5.07 -6.75
CA TRP A 19 3.05 -4.03 -5.83
C TRP A 19 4.03 -4.53 -4.78
N ILE A 20 4.87 -3.61 -4.31
CA ILE A 20 5.85 -3.89 -3.28
C ILE A 20 5.58 -2.96 -2.11
N CYS A 21 5.29 -3.52 -0.95
CA CYS A 21 4.99 -2.70 0.22
C CYS A 21 6.23 -2.00 0.74
N PRO A 22 6.18 -0.66 0.86
CA PRO A 22 7.30 0.12 1.37
C PRO A 22 7.51 -0.09 2.88
N GLY A 23 6.80 -1.05 3.44
CA GLY A 23 6.91 -1.37 4.85
C GLY A 23 7.98 -2.42 5.11
N CYS A 24 7.66 -3.66 4.78
CA CYS A 24 8.57 -4.78 4.96
C CYS A 24 9.43 -4.98 3.73
N ASN A 25 9.02 -4.32 2.64
CA ASN A 25 9.72 -4.41 1.36
C ASN A 25 9.49 -5.78 0.74
N LYS A 26 8.22 -6.13 0.60
CA LYS A 26 7.83 -7.41 0.02
C LYS A 26 6.76 -7.20 -1.05
N PRO A 27 6.68 -8.12 -2.03
CA PRO A 27 5.68 -8.04 -3.10
C PRO A 27 4.31 -8.52 -2.64
N ASP A 28 3.31 -8.31 -3.50
CA ASP A 28 1.94 -8.73 -3.20
C ASP A 28 1.80 -10.24 -3.39
N ASP A 29 0.89 -10.82 -2.62
CA ASP A 29 0.61 -12.27 -2.66
C ASP A 29 -0.78 -12.53 -2.11
N GLY A 30 -1.77 -11.95 -2.75
CA GLY A 30 -3.15 -12.13 -2.33
C GLY A 30 -3.45 -11.49 -0.99
N SER A 31 -2.41 -10.99 -0.34
CA SER A 31 -2.55 -10.34 0.94
C SER A 31 -2.98 -8.91 0.69
N PRO A 32 -4.17 -8.57 1.20
CA PRO A 32 -4.76 -7.26 1.01
C PRO A 32 -3.81 -6.11 1.25
N MET A 33 -3.75 -5.22 0.27
CA MET A 33 -2.91 -4.05 0.33
C MET A 33 -3.78 -2.81 0.38
N ILE A 34 -3.29 -1.77 1.03
CA ILE A 34 -4.04 -0.53 1.15
C ILE A 34 -3.25 0.62 0.55
N GLY A 35 -3.88 1.35 -0.36
CA GLY A 35 -3.22 2.47 -1.00
C GLY A 35 -3.44 3.76 -0.25
N CYS A 36 -2.37 4.50 -0.01
CA CYS A 36 -2.45 5.76 0.70
C CYS A 36 -3.09 6.81 -0.22
N ASP A 37 -3.68 7.82 0.37
CA ASP A 37 -4.31 8.88 -0.40
C ASP A 37 -3.34 10.03 -0.65
N ASP A 38 -2.11 9.89 -0.13
CA ASP A 38 -1.11 10.92 -0.31
C ASP A 38 0.00 10.48 -1.26
N CYS A 39 0.72 9.41 -0.90
CA CYS A 39 1.79 8.92 -1.75
C CYS A 39 1.25 8.06 -2.89
N ASP A 40 0.07 7.49 -2.66
CA ASP A 40 -0.62 6.62 -3.63
C ASP A 40 0.04 5.24 -3.69
N ASP A 41 0.95 4.99 -2.77
CA ASP A 41 1.63 3.70 -2.72
C ASP A 41 0.75 2.70 -1.97
N TRP A 42 1.08 1.42 -2.07
CA TRP A 42 0.27 0.40 -1.43
C TRP A 42 1.06 -0.35 -0.36
N TYR A 43 0.54 -0.32 0.86
CA TYR A 43 1.17 -1.00 2.00
C TYR A 43 0.34 -2.22 2.39
N HIS A 44 0.96 -3.19 3.05
CA HIS A 44 0.25 -4.37 3.51
C HIS A 44 -0.55 -4.03 4.76
N TRP A 45 -1.73 -4.62 4.88
CA TRP A 45 -2.60 -4.36 6.03
C TRP A 45 -1.94 -4.70 7.38
N PRO A 46 -1.40 -5.92 7.56
CA PRO A 46 -0.78 -6.32 8.84
C PRO A 46 0.37 -5.41 9.28
N CYS A 47 1.15 -4.94 8.33
CA CYS A 47 2.28 -4.06 8.62
C CYS A 47 1.82 -2.67 9.09
N VAL A 48 0.69 -2.20 8.57
CA VAL A 48 0.20 -0.87 8.94
C VAL A 48 -0.86 -0.92 10.05
N GLY A 49 -1.38 -2.11 10.35
CA GLY A 49 -2.37 -2.24 11.40
C GLY A 49 -3.80 -2.23 10.90
N ILE A 50 -4.00 -2.69 9.67
CA ILE A 50 -5.32 -2.74 9.08
C ILE A 50 -5.83 -4.19 9.10
N MET A 51 -7.12 -4.38 9.34
CA MET A 51 -7.69 -5.73 9.41
C MET A 51 -8.88 -5.92 8.49
N ALA A 52 -9.10 -5.00 7.56
CA ALA A 52 -10.21 -5.09 6.62
C ALA A 52 -10.13 -3.97 5.58
N ALA A 53 -11.10 -3.92 4.67
CA ALA A 53 -11.08 -2.92 3.61
C ALA A 53 -12.13 -1.83 3.81
N PRO A 54 -11.68 -0.58 3.96
CA PRO A 54 -12.56 0.57 4.10
C PRO A 54 -12.84 1.21 2.73
N PRO A 55 -13.87 2.06 2.63
CA PRO A 55 -14.22 2.72 1.37
C PRO A 55 -13.07 3.54 0.81
N GLU A 56 -12.95 3.59 -0.52
CA GLU A 56 -11.87 4.33 -1.17
C GLU A 56 -11.97 5.82 -0.91
N GLU A 57 -13.18 6.30 -0.68
CA GLU A 57 -13.40 7.72 -0.40
C GLU A 57 -12.78 8.11 0.93
N MET A 58 -12.74 7.16 1.87
CA MET A 58 -12.17 7.40 3.18
C MET A 58 -10.69 7.67 3.07
N GLN A 59 -10.29 8.86 3.50
CA GLN A 59 -8.90 9.26 3.44
C GLN A 59 -8.08 8.58 4.54
N TRP A 60 -7.09 7.82 4.11
CA TRP A 60 -6.20 7.11 5.02
C TRP A 60 -4.76 7.35 4.59
N PHE A 61 -3.86 7.49 5.55
CA PHE A 61 -2.47 7.76 5.23
C PHE A 61 -1.56 6.73 5.91
N CYS A 62 -0.50 6.35 5.22
CA CYS A 62 0.45 5.38 5.74
C CYS A 62 1.21 5.96 6.92
N PRO A 63 1.92 5.13 7.72
CA PRO A 63 2.70 5.60 8.86
C PRO A 63 3.83 6.57 8.47
N LYS A 64 4.04 6.75 7.17
CA LYS A 64 5.08 7.65 6.69
C LYS A 64 4.47 9.01 6.37
N CYS A 65 3.48 9.03 5.49
CA CYS A 65 2.81 10.24 5.11
C CYS A 65 1.98 10.80 6.25
N ALA A 66 1.38 9.92 7.05
CA ALA A 66 0.59 10.37 8.20
C ALA A 66 1.47 11.13 9.18
N ASN A 67 2.74 10.77 9.21
CA ASN A 67 3.71 11.41 10.09
C ASN A 67 4.11 12.75 9.49
N LYS A 68 4.21 12.78 8.15
CA LYS A 68 4.57 14.01 7.44
C LYS A 68 3.42 15.00 7.48
N ILE A 69 2.21 14.48 7.63
CA ILE A 69 1.01 15.29 7.69
C ILE A 69 0.78 15.77 9.12
N LYS A 70 1.30 14.99 10.06
CA LYS A 70 1.19 15.31 11.47
C LYS A 70 1.96 16.59 11.79
N LYS A 71 2.85 16.99 10.88
CA LYS A 71 3.60 18.22 11.06
C LYS A 71 2.70 19.39 10.67
N ASP A 72 2.38 20.21 11.66
CA ASP A 72 1.50 21.36 11.47
C ASP A 72 0.10 20.87 11.13
N LYS A 73 -0.72 21.70 10.46
CA LYS A 73 -2.10 21.32 10.14
C LYS A 73 -2.84 21.02 11.44
N LYS A 74 -2.47 21.78 12.47
CA LYS A 74 -3.01 21.65 13.82
C LYS A 74 -4.53 21.81 13.87
N HIS A 75 -5.18 21.06 14.77
CA HIS A 75 -6.64 21.13 14.92
C HIS A 75 -6.97 21.65 16.31
N ALA B 1 -8.57 5.97 0.36
CA ALA B 1 -7.72 4.76 0.43
C ALA B 1 -8.35 3.62 -0.33
N ARG B 2 -7.78 3.27 -1.48
CA ARG B 2 -8.30 2.17 -2.27
C ARG B 2 -7.67 0.87 -1.78
N THR B 3 -8.50 -0.11 -1.47
CA THR B 3 -8.01 -1.38 -0.98
C THR B 3 -8.30 -2.51 -1.97
N GLU B 5 -7.78 -7.21 -2.16
CA GLU B 5 -7.30 -8.43 -1.52
C GLU B 5 -6.90 -9.47 -2.57
N THR B 6 -7.88 -10.15 -3.14
CA THR B 6 -7.63 -11.18 -4.15
C THR B 6 -6.70 -12.25 -3.59
N ALA B 7 -7.02 -12.73 -2.40
CA ALA B 7 -6.23 -13.76 -1.71
C ALA B 7 -6.04 -15.00 -2.58
N ARG B 8 -4.90 -15.06 -3.27
CA ARG B 8 -4.55 -16.17 -4.16
C ARG B 8 -5.61 -16.35 -5.25
N LYS B 9 -6.33 -15.26 -5.53
CA LYS B 9 -7.38 -15.25 -6.55
C LYS B 9 -8.49 -16.25 -6.24
N SER B 10 -8.51 -16.75 -5.00
CA SER B 10 -9.49 -17.73 -4.57
C SER B 10 -9.31 -18.05 -3.10
N THR B 11 -8.25 -18.79 -2.81
CA THR B 11 -7.91 -19.19 -1.45
C THR B 11 -6.63 -20.01 -1.44
N GLY B 12 -6.44 -20.82 -2.48
CA GLY B 12 -5.26 -21.65 -2.58
C GLY B 12 -4.51 -21.43 -3.87
N GLY A 1 4.16 3.02 -21.00
CA GLY A 1 3.18 3.96 -20.50
C GLY A 1 3.76 5.35 -20.31
N SER A 2 2.90 6.33 -20.07
CA SER A 2 3.35 7.70 -19.87
C SER A 2 3.57 7.99 -18.39
N HIS A 3 3.65 6.92 -17.59
CA HIS A 3 3.86 7.04 -16.16
C HIS A 3 4.61 5.83 -15.63
N MET A 4 5.62 5.39 -16.38
CA MET A 4 6.43 4.24 -15.99
C MET A 4 7.21 4.54 -14.72
N ALA A 5 8.15 5.48 -14.84
CA ALA A 5 8.99 5.90 -13.71
C ALA A 5 9.73 4.72 -13.08
N MET A 6 9.94 4.79 -11.77
CA MET A 6 10.62 3.74 -11.04
C MET A 6 10.07 3.68 -9.62
N ALA A 7 8.90 3.07 -9.48
CA ALA A 7 8.25 2.95 -8.18
C ALA A 7 8.30 1.51 -7.70
N TYR A 8 7.51 1.20 -6.67
CA TYR A 8 7.48 -0.15 -6.13
C TYR A 8 6.65 -1.07 -7.01
N VAL A 9 6.00 -0.48 -8.01
CA VAL A 9 5.21 -1.25 -8.95
C VAL A 9 6.08 -1.68 -10.13
N ILE A 10 6.55 -2.90 -10.07
CA ILE A 10 7.40 -3.46 -11.11
C ILE A 10 6.57 -4.37 -12.02
N ARG A 11 7.23 -4.98 -12.98
CA ARG A 11 6.54 -5.89 -13.88
C ARG A 11 7.09 -7.30 -13.69
N ASP A 12 6.17 -8.25 -13.62
CA ASP A 12 6.51 -9.66 -13.43
C ASP A 12 6.94 -10.27 -14.77
N GLU A 13 7.45 -11.50 -14.77
CA GLU A 13 7.92 -12.13 -15.99
C GLU A 13 6.79 -12.35 -17.01
N TRP A 14 5.57 -12.54 -16.53
CA TRP A 14 4.44 -12.74 -17.42
C TRP A 14 3.84 -11.39 -17.86
N GLY A 15 4.41 -10.31 -17.34
CA GLY A 15 3.94 -8.99 -17.71
C GLY A 15 2.95 -8.39 -16.72
N ASN A 16 2.67 -9.09 -15.63
CA ASN A 16 1.73 -8.59 -14.63
C ASN A 16 2.37 -7.46 -13.84
N GLN A 17 1.56 -6.49 -13.43
CA GLN A 17 2.04 -5.38 -12.63
C GLN A 17 2.06 -5.78 -11.17
N ILE A 18 3.25 -6.09 -10.66
CA ILE A 18 3.40 -6.52 -9.28
C ILE A 18 3.67 -5.32 -8.37
N TRP A 19 2.97 -5.29 -7.26
CA TRP A 19 3.13 -4.21 -6.29
C TRP A 19 3.94 -4.67 -5.10
N ILE A 20 5.10 -4.08 -4.93
CA ILE A 20 5.97 -4.41 -3.83
C ILE A 20 5.72 -3.45 -2.68
N CYS A 21 5.20 -3.97 -1.57
CA CYS A 21 4.91 -3.14 -0.41
C CYS A 21 6.19 -2.52 0.13
N PRO A 22 6.19 -1.18 0.31
CA PRO A 22 7.35 -0.46 0.86
C PRO A 22 7.59 -0.78 2.35
N GLY A 23 6.79 -1.69 2.89
CA GLY A 23 6.94 -2.09 4.28
C GLY A 23 7.88 -3.26 4.46
N CYS A 24 7.41 -4.45 4.11
CA CYS A 24 8.19 -5.67 4.24
C CYS A 24 8.92 -6.00 2.94
N ASN A 25 8.64 -5.23 1.90
CA ASN A 25 9.23 -5.43 0.58
C ASN A 25 8.66 -6.70 -0.01
N LYS A 26 7.37 -6.91 0.25
CA LYS A 26 6.65 -8.09 -0.22
C LYS A 26 5.62 -7.72 -1.28
N PRO A 27 5.52 -8.53 -2.33
CA PRO A 27 4.55 -8.32 -3.42
C PRO A 27 3.10 -8.59 -3.00
N ASP A 28 2.17 -8.21 -3.87
CA ASP A 28 0.74 -8.41 -3.64
C ASP A 28 0.31 -9.80 -4.08
N ASP A 29 0.94 -10.79 -3.46
CA ASP A 29 0.71 -12.22 -3.75
C ASP A 29 -0.75 -12.63 -3.54
N GLY A 30 -1.44 -11.93 -2.65
CA GLY A 30 -2.82 -12.26 -2.37
C GLY A 30 -3.32 -11.58 -1.12
N SER A 31 -2.39 -11.15 -0.28
CA SER A 31 -2.70 -10.46 0.94
C SER A 31 -3.25 -9.09 0.61
N PRO A 32 -4.18 -8.59 1.40
CA PRO A 32 -4.80 -7.29 1.13
C PRO A 32 -3.86 -6.12 1.35
N MET A 33 -4.07 -5.07 0.56
CA MET A 33 -3.26 -3.87 0.64
C MET A 33 -4.16 -2.65 0.66
N ILE A 34 -3.68 -1.58 1.29
CA ILE A 34 -4.42 -0.34 1.37
C ILE A 34 -3.67 0.73 0.60
N GLY A 35 -4.41 1.48 -0.21
CA GLY A 35 -3.81 2.53 -1.00
C GLY A 35 -3.69 3.83 -0.23
N CYS A 36 -2.48 4.34 -0.14
CA CYS A 36 -2.24 5.59 0.56
C CYS A 36 -2.82 6.74 -0.25
N ASP A 37 -3.44 7.69 0.43
CA ASP A 37 -4.04 8.84 -0.26
C ASP A 37 -2.97 9.87 -0.64
N ASP A 38 -1.73 9.64 -0.20
CA ASP A 38 -0.62 10.54 -0.49
C ASP A 38 0.38 9.86 -1.41
N CYS A 39 0.90 8.71 -0.98
CA CYS A 39 1.87 7.95 -1.76
C CYS A 39 1.22 7.28 -2.97
N ASP A 40 -0.06 6.96 -2.84
CA ASP A 40 -0.84 6.30 -3.90
C ASP A 40 -0.43 4.84 -4.07
N ASP A 41 0.72 4.47 -3.52
CA ASP A 41 1.20 3.10 -3.62
C ASP A 41 0.41 2.19 -2.69
N TRP A 42 0.66 0.91 -2.75
CA TRP A 42 -0.08 -0.05 -1.94
C TRP A 42 0.77 -0.63 -0.81
N TYR A 43 0.25 -0.52 0.40
CA TYR A 43 0.92 -1.03 1.59
C TYR A 43 0.09 -2.16 2.17
N HIS A 44 0.74 -3.20 2.68
CA HIS A 44 0.02 -4.32 3.27
C HIS A 44 -0.69 -3.88 4.54
N TRP A 45 -1.86 -4.47 4.78
CA TRP A 45 -2.66 -4.14 5.96
C TRP A 45 -1.93 -4.43 7.28
N PRO A 46 -1.43 -5.67 7.49
CA PRO A 46 -0.75 -6.04 8.75
C PRO A 46 0.43 -5.12 9.09
N CYS A 47 1.21 -4.75 8.08
CA CYS A 47 2.37 -3.89 8.29
C CYS A 47 1.97 -2.47 8.72
N VAL A 48 0.83 -1.99 8.25
CA VAL A 48 0.39 -0.62 8.60
C VAL A 48 -0.59 -0.60 9.78
N GLY A 49 -0.99 -1.78 10.25
CA GLY A 49 -1.90 -1.84 11.39
C GLY A 49 -3.36 -1.91 10.99
N ILE A 50 -3.64 -2.42 9.80
CA ILE A 50 -5.01 -2.54 9.32
C ILE A 50 -5.39 -4.02 9.23
N MET A 51 -6.65 -4.34 9.43
CA MET A 51 -7.10 -5.74 9.38
C MET A 51 -8.39 -5.91 8.58
N ALA A 52 -8.70 -4.94 7.73
CA ALA A 52 -9.91 -4.99 6.91
C ALA A 52 -9.98 -3.76 6.01
N ALA A 53 -11.12 -3.58 5.34
CA ALA A 53 -11.29 -2.45 4.44
C ALA A 53 -12.27 -1.42 4.98
N PRO A 54 -11.80 -0.18 5.15
CA PRO A 54 -12.64 0.92 5.62
C PRO A 54 -13.30 1.66 4.45
N PRO A 55 -14.21 2.61 4.72
CA PRO A 55 -14.89 3.36 3.66
C PRO A 55 -13.89 4.06 2.73
N GLU A 56 -14.01 3.80 1.42
CA GLU A 56 -13.12 4.39 0.42
C GLU A 56 -13.13 5.91 0.48
N GLU A 57 -14.28 6.47 0.85
CA GLU A 57 -14.45 7.92 0.95
C GLU A 57 -13.50 8.51 1.99
N MET A 58 -13.17 7.72 3.00
CA MET A 58 -12.27 8.15 4.05
C MET A 58 -10.83 8.13 3.55
N GLN A 59 -10.13 9.24 3.70
CA GLN A 59 -8.75 9.33 3.27
C GLN A 59 -7.81 8.79 4.35
N TRP A 60 -6.88 7.95 3.94
CA TRP A 60 -5.94 7.34 4.86
C TRP A 60 -4.53 7.57 4.36
N PHE A 61 -3.64 7.87 5.28
CA PHE A 61 -2.25 8.11 4.95
C PHE A 61 -1.37 7.10 5.66
N CYS A 62 -0.30 6.66 4.99
CA CYS A 62 0.62 5.69 5.57
C CYS A 62 1.33 6.32 6.78
N PRO A 63 2.01 5.52 7.62
CA PRO A 63 2.73 6.01 8.80
C PRO A 63 3.74 7.13 8.49
N LYS A 64 4.18 7.23 7.23
CA LYS A 64 5.14 8.27 6.87
C LYS A 64 4.41 9.59 6.62
N CYS A 65 3.38 9.53 5.80
CA CYS A 65 2.60 10.69 5.44
C CYS A 65 1.66 11.15 6.55
N ALA A 66 1.09 10.21 7.30
CA ALA A 66 0.19 10.55 8.39
C ALA A 66 0.93 11.33 9.47
N ASN A 67 2.21 11.02 9.64
CA ASN A 67 3.04 11.68 10.64
C ASN A 67 3.71 12.92 10.05
N LYS A 68 3.75 13.01 8.73
CA LYS A 68 4.38 14.17 8.08
C LYS A 68 3.45 15.38 8.11
N ILE A 69 2.18 15.13 8.45
CA ILE A 69 1.19 16.19 8.51
C ILE A 69 1.00 16.69 9.94
N LYS A 70 0.77 15.75 10.86
CA LYS A 70 0.54 16.07 12.26
C LYS A 70 1.84 16.53 12.94
N LYS A 71 2.20 17.79 12.72
CA LYS A 71 3.44 18.33 13.31
C LYS A 71 3.29 19.76 13.81
N ASP A 72 2.06 20.18 14.08
CA ASP A 72 1.81 21.55 14.55
C ASP A 72 2.45 21.77 15.92
N LYS A 73 3.53 22.57 15.92
CA LYS A 73 4.25 22.90 17.14
C LYS A 73 4.69 21.65 17.87
N LYS A 74 4.95 20.60 17.09
CA LYS A 74 5.39 19.33 17.65
C LYS A 74 6.50 18.71 16.80
N HIS A 75 6.91 17.50 17.14
CA HIS A 75 7.98 16.83 16.42
C HIS A 75 7.69 15.32 16.34
N ALA B 1 -8.98 6.48 0.68
CA ALA B 1 -8.25 5.22 0.92
C ALA B 1 -8.89 4.07 0.16
N ARG B 2 -8.22 3.61 -0.88
CA ARG B 2 -8.74 2.52 -1.68
C ARG B 2 -8.22 1.21 -1.10
N THR B 3 -9.09 0.24 -0.97
CA THR B 3 -8.69 -1.05 -0.42
C THR B 3 -9.04 -2.19 -1.36
N GLU B 5 -7.90 -6.60 -2.22
CA GLU B 5 -7.21 -7.80 -1.79
C GLU B 5 -7.27 -8.85 -2.91
N THR B 6 -6.14 -9.45 -3.20
CA THR B 6 -6.05 -10.44 -4.26
C THR B 6 -6.40 -11.85 -3.79
N ALA B 7 -7.45 -11.95 -2.99
CA ALA B 7 -7.90 -13.24 -2.49
C ALA B 7 -8.93 -13.80 -3.45
N ARG B 8 -8.58 -14.89 -4.12
CA ARG B 8 -9.47 -15.54 -5.08
C ARG B 8 -10.63 -16.26 -4.38
N LYS B 9 -11.34 -15.54 -3.53
CA LYS B 9 -12.47 -16.09 -2.81
C LYS B 9 -13.51 -15.00 -2.59
N SER B 10 -13.82 -14.27 -3.65
CA SER B 10 -14.80 -13.20 -3.61
C SER B 10 -16.24 -13.73 -3.56
N THR B 11 -16.45 -14.74 -2.71
CA THR B 11 -17.75 -15.35 -2.56
C THR B 11 -18.02 -15.67 -1.10
N GLY B 12 -18.26 -14.63 -0.31
CA GLY B 12 -18.54 -14.82 1.10
C GLY B 12 -18.11 -13.62 1.93
N GLY A 1 25.58 4.07 -8.24
CA GLY A 1 25.01 3.45 -7.05
C GLY A 1 23.64 2.88 -7.32
N SER A 2 23.45 1.62 -6.96
CA SER A 2 22.17 0.92 -7.16
C SER A 2 21.12 1.40 -6.15
N HIS A 3 21.06 2.70 -5.93
CA HIS A 3 20.11 3.28 -5.00
C HIS A 3 18.85 3.69 -5.76
N MET A 4 18.97 3.71 -7.08
CA MET A 4 17.86 4.08 -7.93
C MET A 4 17.37 2.88 -8.73
N ALA A 5 16.35 2.22 -8.21
CA ALA A 5 15.77 1.05 -8.87
C ALA A 5 14.31 1.34 -9.24
N MET A 6 13.52 0.29 -9.38
CA MET A 6 12.12 0.46 -9.71
C MET A 6 11.36 1.02 -8.51
N ALA A 7 10.33 1.81 -8.76
CA ALA A 7 9.55 2.42 -7.70
C ALA A 7 8.57 1.44 -7.07
N TYR A 8 9.11 0.33 -6.56
CA TYR A 8 8.32 -0.73 -5.92
C TYR A 8 7.46 -1.48 -6.94
N VAL A 9 6.51 -0.77 -7.54
CA VAL A 9 5.64 -1.36 -8.54
C VAL A 9 6.46 -1.88 -9.71
N ILE A 10 6.41 -3.18 -9.92
CA ILE A 10 7.15 -3.82 -10.99
C ILE A 10 6.22 -4.70 -11.82
N ARG A 11 6.78 -5.52 -12.68
CA ARG A 11 5.98 -6.41 -13.51
C ARG A 11 6.56 -7.81 -13.48
N ASP A 12 5.71 -8.79 -13.75
CA ASP A 12 6.12 -10.18 -13.75
C ASP A 12 6.38 -10.66 -15.18
N GLU A 13 6.27 -11.96 -15.39
CA GLU A 13 6.50 -12.56 -16.69
C GLU A 13 5.22 -12.55 -17.55
N TRP A 14 4.10 -12.22 -16.93
CA TRP A 14 2.83 -12.20 -17.65
C TRP A 14 2.44 -10.78 -18.04
N GLY A 15 2.87 -9.82 -17.24
CA GLY A 15 2.58 -8.43 -17.53
C GLY A 15 1.74 -7.79 -16.45
N ASN A 16 1.74 -8.38 -15.27
CA ASN A 16 0.97 -7.85 -14.15
C ASN A 16 1.83 -6.93 -13.31
N GLN A 17 1.21 -5.93 -12.71
CA GLN A 17 1.91 -4.99 -11.87
C GLN A 17 2.05 -5.57 -10.46
N ILE A 18 3.21 -6.13 -10.18
CA ILE A 18 3.47 -6.71 -8.87
C ILE A 18 3.72 -5.57 -7.89
N TRP A 19 2.91 -5.51 -6.85
CA TRP A 19 3.01 -4.46 -5.86
C TRP A 19 3.94 -4.83 -4.71
N ILE A 20 5.09 -4.18 -4.67
CA ILE A 20 6.06 -4.39 -3.61
C ILE A 20 5.77 -3.39 -2.51
N CYS A 21 5.34 -3.89 -1.35
CA CYS A 21 5.01 -3.04 -0.22
C CYS A 21 6.19 -2.22 0.25
N PRO A 22 6.04 -0.88 0.31
CA PRO A 22 7.09 0.02 0.78
C PRO A 22 7.23 -0.02 2.30
N GLY A 23 6.69 -1.07 2.93
CA GLY A 23 6.79 -1.22 4.37
C GLY A 23 7.65 -2.39 4.78
N CYS A 24 7.29 -3.59 4.30
CA CYS A 24 8.05 -4.79 4.65
C CYS A 24 8.86 -5.29 3.46
N ASN A 25 8.75 -4.58 2.34
CA ASN A 25 9.47 -4.92 1.11
C ASN A 25 9.12 -6.32 0.64
N LYS A 26 7.86 -6.52 0.27
CA LYS A 26 7.42 -7.83 -0.21
C LYS A 26 6.36 -7.68 -1.29
N PRO A 27 6.29 -8.65 -2.21
CA PRO A 27 5.30 -8.65 -3.30
C PRO A 27 3.92 -9.05 -2.80
N ASP A 28 2.93 -8.91 -3.65
CA ASP A 28 1.57 -9.26 -3.28
C ASP A 28 1.06 -10.45 -4.10
N ASP A 29 0.14 -11.19 -3.51
CA ASP A 29 -0.49 -12.34 -4.16
C ASP A 29 -1.78 -12.69 -3.43
N GLY A 30 -2.80 -11.89 -3.66
CA GLY A 30 -4.08 -12.12 -3.03
C GLY A 30 -4.15 -11.56 -1.63
N SER A 31 -3.10 -10.89 -1.20
CA SER A 31 -3.10 -10.29 0.11
C SER A 31 -3.69 -8.90 0.00
N PRO A 32 -4.37 -8.43 1.05
CA PRO A 32 -5.00 -7.13 1.03
C PRO A 32 -4.01 -6.00 1.15
N MET A 33 -4.21 -5.01 0.30
CA MET A 33 -3.36 -3.84 0.26
C MET A 33 -4.22 -2.59 0.28
N ILE A 34 -3.69 -1.54 0.89
CA ILE A 34 -4.40 -0.28 0.95
C ILE A 34 -3.57 0.80 0.30
N GLY A 35 -4.17 1.50 -0.65
CA GLY A 35 -3.46 2.56 -1.35
C GLY A 35 -3.43 3.85 -0.56
N CYS A 36 -2.24 4.42 -0.39
CA CYS A 36 -2.10 5.66 0.34
C CYS A 36 -2.54 6.79 -0.57
N ASP A 37 -3.21 7.77 0.02
CA ASP A 37 -3.70 8.91 -0.75
C ASP A 37 -2.76 10.10 -0.56
N ASP A 38 -1.47 9.82 -0.36
CA ASP A 38 -0.50 10.90 -0.16
C ASP A 38 0.88 10.61 -0.78
N CYS A 39 1.47 9.46 -0.47
CA CYS A 39 2.81 9.14 -0.98
C CYS A 39 2.83 8.70 -2.44
N ASP A 40 2.83 7.39 -2.69
CA ASP A 40 2.90 6.89 -4.07
C ASP A 40 2.00 5.69 -4.35
N ASP A 41 2.37 4.51 -3.86
CA ASP A 41 1.60 3.29 -4.16
C ASP A 41 0.83 2.73 -2.95
N TRP A 42 0.66 1.41 -2.94
CA TRP A 42 -0.10 0.71 -1.90
C TRP A 42 0.81 0.07 -0.85
N TYR A 43 0.22 -0.24 0.30
CA TYR A 43 0.94 -0.87 1.42
C TYR A 43 0.14 -2.07 1.93
N HIS A 44 0.82 -3.05 2.53
CA HIS A 44 0.13 -4.21 3.08
C HIS A 44 -0.56 -3.81 4.38
N TRP A 45 -1.72 -4.40 4.65
CA TRP A 45 -2.48 -4.08 5.86
C TRP A 45 -1.74 -4.43 7.16
N PRO A 46 -1.31 -5.69 7.37
CA PRO A 46 -0.62 -6.10 8.60
C PRO A 46 0.62 -5.29 8.92
N CYS A 47 1.36 -4.92 7.87
CA CYS A 47 2.60 -4.16 8.04
C CYS A 47 2.33 -2.73 8.52
N VAL A 48 1.23 -2.14 8.06
CA VAL A 48 0.91 -0.76 8.46
C VAL A 48 0.01 -0.70 9.70
N GLY A 49 -0.53 -1.83 10.11
CA GLY A 49 -1.38 -1.87 11.28
C GLY A 49 -2.87 -1.93 10.97
N ILE A 50 -3.21 -2.32 9.76
CA ILE A 50 -4.61 -2.43 9.35
C ILE A 50 -5.03 -3.89 9.40
N MET A 51 -6.26 -4.15 9.84
CA MET A 51 -6.75 -5.52 9.95
C MET A 51 -8.01 -5.77 9.11
N ALA A 52 -8.39 -4.81 8.28
CA ALA A 52 -9.59 -4.95 7.45
C ALA A 52 -9.68 -3.82 6.43
N ALA A 53 -10.83 -3.73 5.76
CA ALA A 53 -11.03 -2.70 4.73
C ALA A 53 -11.92 -1.57 5.21
N PRO A 54 -11.35 -0.35 5.31
CA PRO A 54 -12.10 0.84 5.72
C PRO A 54 -12.81 1.47 4.53
N PRO A 55 -13.77 2.39 4.78
CA PRO A 55 -14.52 3.08 3.71
C PRO A 55 -13.60 3.74 2.69
N GLU A 56 -13.83 3.44 1.41
CA GLU A 56 -13.02 3.97 0.32
C GLU A 56 -13.26 5.46 0.12
N GLU A 57 -14.42 5.94 0.55
CA GLU A 57 -14.78 7.35 0.41
C GLU A 57 -13.84 8.24 1.21
N MET A 58 -13.27 7.70 2.27
CA MET A 58 -12.36 8.44 3.13
C MET A 58 -10.91 8.24 2.67
N GLN A 59 -10.12 9.30 2.79
CA GLN A 59 -8.72 9.23 2.41
C GLN A 59 -7.90 8.65 3.56
N TRP A 60 -6.95 7.79 3.23
CA TRP A 60 -6.10 7.15 4.22
C TRP A 60 -4.64 7.45 3.92
N PHE A 61 -3.86 7.62 4.97
CA PHE A 61 -2.45 7.90 4.81
C PHE A 61 -1.63 6.88 5.59
N CYS A 62 -0.56 6.40 4.97
CA CYS A 62 0.32 5.43 5.59
C CYS A 62 1.01 6.04 6.81
N PRO A 63 1.64 5.21 7.68
CA PRO A 63 2.33 5.69 8.88
C PRO A 63 3.31 6.84 8.63
N LYS A 64 3.82 6.97 7.41
CA LYS A 64 4.77 8.04 7.09
C LYS A 64 4.02 9.35 6.89
N CYS A 65 3.09 9.34 5.95
CA CYS A 65 2.30 10.50 5.62
C CYS A 65 1.33 10.86 6.72
N ALA A 66 0.73 9.85 7.35
CA ALA A 66 -0.21 10.09 8.45
C ALA A 66 0.46 10.84 9.58
N ASN A 67 1.76 10.61 9.73
CA ASN A 67 2.54 11.26 10.76
C ASN A 67 2.92 12.66 10.30
N LYS A 68 3.40 12.76 9.07
CA LYS A 68 3.86 14.02 8.48
C LYS A 68 2.74 15.08 8.43
N ILE A 69 1.49 14.64 8.38
CA ILE A 69 0.37 15.57 8.33
C ILE A 69 -0.07 15.99 9.74
N LYS A 70 0.33 15.21 10.73
CA LYS A 70 -0.06 15.53 12.10
C LYS A 70 1.15 15.68 13.02
N LYS A 71 2.20 16.33 12.54
CA LYS A 71 3.39 16.51 13.37
C LYS A 71 3.78 17.97 13.53
N ASP A 72 3.74 18.43 14.76
CA ASP A 72 4.14 19.79 15.08
C ASP A 72 5.58 19.73 15.56
N LYS A 73 5.73 19.24 16.78
CA LYS A 73 7.03 19.01 17.42
C LYS A 73 7.90 20.27 17.51
N LYS A 74 7.49 21.21 18.36
CA LYS A 74 8.26 22.42 18.60
C LYS A 74 7.87 23.03 19.95
N HIS A 75 6.72 23.70 20.00
CA HIS A 75 6.20 24.32 21.22
C HIS A 75 5.01 25.21 20.89
N ALA B 1 -8.81 6.22 0.10
CA ALA B 1 -8.28 4.90 0.51
C ALA B 1 -8.78 3.80 -0.41
N ARG B 2 -7.91 3.31 -1.29
CA ARG B 2 -8.29 2.24 -2.18
C ARG B 2 -7.90 0.91 -1.57
N THR B 3 -8.89 0.12 -1.21
CA THR B 3 -8.65 -1.17 -0.58
C THR B 3 -9.03 -2.33 -1.50
N GLU B 5 -8.41 -7.05 -1.67
CA GLU B 5 -7.83 -8.25 -1.07
C GLU B 5 -7.64 -9.34 -2.13
N THR B 6 -8.73 -10.00 -2.50
CA THR B 6 -8.69 -11.06 -3.49
C THR B 6 -7.83 -12.22 -2.98
N ALA B 7 -8.13 -12.67 -1.75
CA ALA B 7 -7.40 -13.74 -1.08
C ALA B 7 -7.18 -14.96 -1.98
N ARG B 8 -6.00 -15.01 -2.59
CA ARG B 8 -5.60 -16.10 -3.48
C ARG B 8 -6.58 -16.25 -4.64
N LYS B 9 -7.24 -15.15 -5.00
CA LYS B 9 -8.22 -15.14 -6.09
C LYS B 9 -9.32 -16.16 -5.87
N SER B 10 -9.62 -16.44 -4.60
CA SER B 10 -10.66 -17.40 -4.25
C SER B 10 -11.08 -17.22 -2.79
N THR B 11 -10.50 -18.02 -1.90
CA THR B 11 -10.82 -17.96 -0.49
C THR B 11 -9.65 -18.49 0.34
N GLY B 12 -8.46 -18.47 -0.26
CA GLY B 12 -7.28 -18.96 0.43
C GLY B 12 -7.04 -20.44 0.19
#